data_2VZO
#
_entry.id   2VZO
#
_cell.length_a   86.400
_cell.length_b   122.035
_cell.length_c   91.602
_cell.angle_alpha   90.00
_cell.angle_beta   90.52
_cell.angle_gamma   90.00
#
_symmetry.space_group_name_H-M   'P 1 21 1'
#
loop_
_entity.id
_entity.type
_entity.pdbx_description
1 polymer EXO-BETA-D-GLUCOSAMINIDASE
2 non-polymer 'CADMIUM ION'
3 non-polymer 'ACETATE ION'
4 non-polymer GLYCEROL
5 water water
#
_entity_poly.entity_id   1
_entity_poly.type   'polypeptide(L)'
_entity_poly.pdbx_seq_one_letter_code
;VSFRQKRTRIPLLAMTVTALAAAVCGVTTAPAATGAEVAVPLSVGAAAGNATPIPGYVIQSSAQVSDDSAVSKPGFPTSG
WYPVSSRSTVYAGLLQNGKYADPFYSTNMQNVPAAQFSVPWWYRTDLNVDDTSSRTYLDFSGVLSKADVWVNGTKVATKD
QVNGAYTRHDLDITAQVHTGVNSVAFKVYPNDPNRDLSMGWIDWAQTPPDQNMGIVRDVLVRRSGAVALRSAHVIQKLNS
ALDHADLTVKADVRNDSANAVQTTVAGTVAGKPISQTVSLAAKERKTVTFPLVGLDRPNVWWPAGMGGQHRYDLDLTASV
GGTPSDAAKSKFGVRDVKATLNSSGGRQYSVNGKPLLIRGGGYTPDLFLRWNETAAADKLKYVLNLGLNTVRLEGHIEPD
EFFDIADDLGVLTMPGWECCDKWEGQVNGEEKGEPWVESDYPIAKASMFSEAERLRDHPSVISFHIGSEFAPDRRIEQGY
LDAMKAADFLLPVIPAASARPSPITGASGMKMNGPYDYVPPVYWYDKSQKDRGGAWSFNSETSAGVDIPTMDTLKRMMSA
SELDTMWKNPSAKQYHRSSSDTFGNLKLFGDALTKRYGASANLNDFVRKAQLSQYENVRAEFESHSRNYTDSTNPSTGLI
YWMLNSPWTSLHWQLFDAYMDQNGAYYGAKKANEPLHIQYSHDNRSVVVINQTSNAVSGLTATTKLYNLDGTEKYSNTKT
GLSVGALGAKATAVTVPAVSGLSTTYLAKNVLTDSSGKEVSRNVYWLSTKADTLNWGGSDWYYTPQSAFADLSGLNNLGQ
SAVGATANSVAGADGTTTTTVTLKNTSGGRLPAFYVDSKVVDSAGKPVLPVEWNDNAVSLWPGETTTLTAKYRTADLKGS
KPSVRISGWNTGTQTVPADGSGPGPSDPVDYQAEDATIVQGAVESNHAGYTGTGFVNYDNVAGSSVEWTVTVPSAGTYDV
VVRYANGTTTSRPLDFSVNGSISASGVAFGSTGTWPAWTTKTVRVTLAAGVNKIKAVATTANGGPNVDKITL
;
_entity_poly.pdbx_strand_id   A,B
#
# COMPACT_ATOMS: atom_id res chain seq x y z
N GLY A 49 -3.62 -9.99 -20.40
CA GLY A 49 -4.31 -8.90 -19.62
C GLY A 49 -3.38 -7.77 -19.17
N ASN A 50 -2.13 -7.79 -19.60
CA ASN A 50 -1.22 -6.67 -19.46
C ASN A 50 -1.80 -5.43 -20.19
N ALA A 51 -1.76 -4.29 -19.52
CA ALA A 51 -1.90 -2.98 -20.16
C ALA A 51 -0.86 -2.10 -19.51
N THR A 52 0.24 -1.84 -20.22
CA THR A 52 1.35 -1.03 -19.68
C THR A 52 1.49 0.28 -20.46
N PRO A 53 1.45 1.45 -19.75
CA PRO A 53 1.64 2.76 -20.38
C PRO A 53 3.07 2.89 -20.89
N ILE A 54 3.23 3.47 -22.08
CA ILE A 54 4.54 3.83 -22.59
C ILE A 54 5.06 4.92 -21.63
N PRO A 55 6.22 4.69 -20.99
CA PRO A 55 6.67 5.64 -19.98
C PRO A 55 7.18 6.98 -20.52
N GLY A 56 7.57 7.00 -21.80
CA GLY A 56 8.25 8.14 -22.39
C GLY A 56 8.58 7.94 -23.86
N TYR A 57 8.98 9.03 -24.50
CA TYR A 57 9.28 9.09 -25.95
C TYR A 57 10.53 9.93 -26.14
N VAL A 58 11.06 9.91 -27.36
CA VAL A 58 11.95 10.96 -27.86
C VAL A 58 11.18 11.65 -28.97
N ILE A 59 11.27 12.98 -28.99
CA ILE A 59 10.48 13.76 -29.97
C ILE A 59 11.36 14.66 -30.80
N GLN A 60 10.85 14.97 -32.00
CA GLN A 60 11.50 15.86 -32.98
C GLN A 60 10.50 16.33 -34.06
N SER A 61 10.72 17.52 -34.60
CA SER A 61 9.99 17.98 -35.80
C SER A 61 10.12 17.07 -37.02
N SER A 62 9.01 16.87 -37.73
CA SER A 62 9.07 16.28 -39.07
C SER A 62 9.91 17.08 -40.09
N ALA A 63 10.26 18.35 -39.78
CA ALA A 63 11.27 19.14 -40.54
C ALA A 63 12.58 18.36 -40.70
N GLN A 64 12.79 17.39 -39.81
CA GLN A 64 14.04 16.66 -39.74
C GLN A 64 13.99 15.23 -40.21
N VAL A 65 12.80 14.80 -40.62
CA VAL A 65 12.55 13.42 -41.08
C VAL A 65 12.04 13.48 -42.52
N SER A 66 12.85 12.98 -43.44
CA SER A 66 12.49 13.01 -44.86
C SER A 66 11.80 11.71 -45.34
N ASP A 67 11.92 10.66 -44.54
CA ASP A 67 11.25 9.37 -44.79
C ASP A 67 10.50 8.94 -43.53
N ASP A 68 9.18 9.07 -43.56
CA ASP A 68 8.34 8.73 -42.43
C ASP A 68 8.49 7.26 -41.99
N SER A 69 8.53 6.35 -42.95
CA SER A 69 8.70 4.90 -42.68
C SER A 69 9.89 4.57 -41.80
N ALA A 70 10.95 5.38 -41.89
CA ALA A 70 12.21 5.09 -41.20
C ALA A 70 12.12 5.26 -39.69
N VAL A 71 11.22 6.12 -39.19
CA VAL A 71 11.23 6.46 -37.74
C VAL A 71 10.96 5.26 -36.84
N SER A 72 9.95 4.47 -37.22
CA SER A 72 9.47 3.32 -36.44
C SER A 72 10.25 2.02 -36.67
N LYS A 73 11.31 2.07 -37.50
CA LYS A 73 12.21 0.93 -37.69
C LYS A 73 13.22 0.84 -36.55
N PRO A 74 13.33 -0.34 -35.90
CA PRO A 74 14.30 -0.50 -34.81
C PRO A 74 15.72 -0.09 -35.25
N GLY A 75 16.41 0.66 -34.40
CA GLY A 75 17.72 1.19 -34.78
C GLY A 75 17.77 2.53 -35.49
N PHE A 76 16.61 3.17 -35.67
CA PHE A 76 16.56 4.55 -36.19
C PHE A 76 17.29 5.45 -35.22
N PRO A 77 18.30 6.20 -35.73
CA PRO A 77 19.08 7.18 -34.98
C PRO A 77 18.27 8.41 -34.54
N THR A 78 18.45 8.83 -33.29
CA THR A 78 17.59 9.84 -32.68
C THR A 78 18.47 10.84 -31.92
N SER A 79 19.66 11.03 -32.47
CA SER A 79 20.63 12.01 -32.01
C SER A 79 20.05 13.43 -32.06
N GLY A 80 19.97 14.08 -30.90
CA GLY A 80 19.39 15.44 -30.85
C GLY A 80 17.86 15.49 -30.70
N TRP A 81 17.20 14.33 -30.73
CA TRP A 81 15.79 14.20 -30.33
C TRP A 81 15.62 14.43 -28.84
N TYR A 82 14.49 15.00 -28.45
CA TYR A 82 14.22 15.38 -27.06
C TYR A 82 13.53 14.27 -26.27
N PRO A 83 14.20 13.76 -25.20
CA PRO A 83 13.51 12.80 -24.31
C PRO A 83 12.35 13.47 -23.55
N VAL A 84 11.19 12.82 -23.54
CA VAL A 84 9.99 13.38 -22.85
C VAL A 84 9.23 12.32 -22.08
N SER A 85 8.56 12.75 -21.03
CA SER A 85 7.76 11.79 -20.28
C SER A 85 6.41 11.56 -21.02
N SER A 86 5.64 10.60 -20.54
CA SER A 86 4.30 10.38 -20.99
C SER A 86 3.45 11.64 -20.78
N ARG A 87 2.44 11.80 -21.62
CA ARG A 87 1.47 12.90 -21.44
C ARG A 87 1.99 14.33 -21.71
N SER A 88 3.06 14.46 -22.50
CA SER A 88 3.65 15.77 -22.87
C SER A 88 3.15 16.32 -24.18
N THR A 89 2.82 17.62 -24.18
CA THR A 89 2.72 18.36 -25.41
C THR A 89 4.14 18.61 -25.90
N VAL A 90 4.27 19.07 -27.15
CA VAL A 90 5.60 19.33 -27.70
C VAL A 90 6.33 20.35 -26.84
N TYR A 91 5.65 21.45 -26.55
CA TYR A 91 6.30 22.53 -25.84
C TYR A 91 6.57 22.21 -24.36
N ALA A 92 5.67 21.48 -23.71
CA ALA A 92 6.03 20.91 -22.39
C ALA A 92 7.26 20.02 -22.51
N GLY A 93 7.36 19.18 -23.55
CA GLY A 93 8.60 18.39 -23.73
C GLY A 93 9.88 19.23 -23.92
N LEU A 94 9.77 20.35 -24.62
CA LEU A 94 10.93 21.23 -24.81
C LEU A 94 11.31 21.93 -23.50
N LEU A 95 10.30 22.33 -22.71
CA LEU A 95 10.50 22.82 -21.36
C LEU A 95 11.25 21.80 -20.49
N GLN A 96 10.86 20.53 -20.53
CA GLN A 96 11.53 19.48 -19.78
C GLN A 96 13.05 19.44 -20.09
N ASN A 97 13.42 19.89 -21.28
CA ASN A 97 14.76 19.73 -21.81
C ASN A 97 15.64 20.96 -21.80
N GLY A 98 15.24 22.02 -21.13
CA GLY A 98 16.13 23.16 -21.30
C GLY A 98 15.52 24.42 -21.81
N LYS A 99 14.64 24.40 -22.83
CA LYS A 99 15.03 24.65 -24.21
C LYS A 99 14.56 26.12 -24.32
N TYR A 100 13.58 26.50 -23.49
CA TYR A 100 13.06 27.86 -23.42
C TYR A 100 12.88 28.23 -21.96
N ALA A 101 12.86 29.53 -21.68
CA ALA A 101 12.70 30.05 -20.34
C ALA A 101 11.27 29.83 -19.76
N ASP A 102 11.13 30.06 -18.46
CA ASP A 102 9.88 29.84 -17.74
C ASP A 102 8.72 30.66 -18.33
N PRO A 103 7.71 30.00 -18.91
CA PRO A 103 6.62 30.76 -19.50
C PRO A 103 5.75 31.42 -18.42
N PHE A 104 5.95 31.05 -17.16
CA PHE A 104 5.16 31.60 -16.04
C PHE A 104 5.69 32.98 -15.61
N TYR A 105 6.82 33.38 -16.18
CA TYR A 105 7.47 34.64 -15.86
C TYR A 105 7.37 35.61 -17.02
N SER A 106 6.80 36.78 -16.77
CA SER A 106 6.80 37.88 -17.70
C SER A 106 6.33 37.47 -19.12
N THR A 107 6.96 38.01 -20.15
CA THR A 107 6.61 37.68 -21.56
C THR A 107 7.47 36.55 -22.18
N ASN A 108 8.10 35.71 -21.33
CA ASN A 108 8.91 34.58 -21.80
C ASN A 108 8.27 33.76 -22.92
N MET A 109 7.00 33.43 -22.73
CA MET A 109 6.25 32.65 -23.72
C MET A 109 6.17 33.30 -25.12
N GLN A 110 6.22 34.63 -25.18
CA GLN A 110 6.19 35.37 -26.45
C GLN A 110 7.43 35.18 -27.30
N ASN A 111 8.55 34.91 -26.64
CA ASN A 111 9.83 34.70 -27.28
C ASN A 111 10.00 33.30 -27.86
N VAL A 112 8.96 32.47 -27.81
CA VAL A 112 9.06 31.13 -28.40
C VAL A 112 8.58 31.21 -29.87
N PRO A 113 9.43 30.78 -30.85
CA PRO A 113 8.98 30.76 -32.25
C PRO A 113 7.90 29.72 -32.42
N ALA A 114 6.73 30.15 -32.89
CA ALA A 114 5.56 29.27 -32.96
C ALA A 114 5.47 28.55 -34.30
N ALA A 115 6.23 28.99 -35.29
CA ALA A 115 6.15 28.42 -36.66
C ALA A 115 6.57 26.96 -36.72
N GLN A 116 7.57 26.60 -35.92
CA GLN A 116 8.04 25.24 -35.79
C GLN A 116 6.93 24.25 -35.41
N PHE A 117 5.80 24.77 -34.90
CA PHE A 117 4.65 23.96 -34.46
C PHE A 117 3.51 23.95 -35.47
N SER A 118 3.77 24.44 -36.68
CA SER A 118 2.82 24.39 -37.77
C SER A 118 3.12 23.22 -38.71
N VAL A 119 4.06 22.39 -38.27
CA VAL A 119 4.37 21.11 -38.90
C VAL A 119 4.28 19.99 -37.84
N PRO A 120 4.03 18.75 -38.30
CA PRO A 120 4.06 17.61 -37.37
C PRO A 120 5.40 17.40 -36.61
N TRP A 121 5.25 16.79 -35.44
CA TRP A 121 6.36 16.42 -34.56
C TRP A 121 6.19 14.91 -34.33
N TRP A 122 7.28 14.17 -34.35
CA TRP A 122 7.23 12.71 -34.11
C TRP A 122 7.38 12.39 -32.61
N TYR A 123 6.63 11.40 -32.15
CA TYR A 123 6.79 10.76 -30.84
C TYR A 123 7.18 9.30 -31.13
N ARG A 124 8.38 8.95 -30.71
CA ARG A 124 8.94 7.65 -30.99
C ARG A 124 9.40 6.96 -29.71
N THR A 125 9.27 5.64 -29.69
CA THR A 125 9.75 4.82 -28.60
C THR A 125 10.08 3.41 -29.05
N ASP A 126 10.96 2.74 -28.30
CA ASP A 126 11.13 1.28 -28.41
C ASP A 126 10.13 0.53 -27.51
N LEU A 127 9.80 -0.69 -27.88
CA LEU A 127 9.17 -1.64 -26.98
C LEU A 127 9.95 -2.94 -27.07
N ASN A 128 10.31 -3.50 -25.93
CA ASN A 128 10.84 -4.87 -25.95
C ASN A 128 9.69 -5.87 -25.92
N VAL A 129 9.69 -6.80 -26.88
CA VAL A 129 8.73 -7.90 -26.87
C VAL A 129 9.45 -9.24 -26.70
N ASP A 130 9.33 -9.79 -25.48
CA ASP A 130 9.97 -11.04 -25.08
C ASP A 130 9.29 -12.26 -25.68
N ASP A 131 7.99 -12.12 -25.97
CA ASP A 131 7.14 -13.22 -26.36
C ASP A 131 6.00 -12.74 -27.28
N THR A 132 5.92 -13.33 -28.47
CA THR A 132 4.89 -13.01 -29.45
C THR A 132 3.73 -14.03 -29.44
N SER A 133 3.59 -14.76 -28.34
CA SER A 133 2.48 -15.69 -28.21
C SER A 133 1.18 -14.89 -28.07
N SER A 134 1.23 -13.88 -27.21
CA SER A 134 0.12 -12.94 -27.08
C SER A 134 -0.03 -11.92 -28.25
N ARG A 135 -1.29 -11.59 -28.56
CA ARG A 135 -1.62 -10.42 -29.40
C ARG A 135 -1.15 -9.12 -28.77
N THR A 136 -1.02 -8.05 -29.56
CA THR A 136 -0.45 -6.72 -29.12
C THR A 136 -1.30 -5.56 -29.66
N TYR A 137 -1.63 -4.63 -28.78
CA TYR A 137 -2.54 -3.56 -29.10
C TYR A 137 -2.00 -2.28 -28.56
N LEU A 138 -2.25 -1.22 -29.32
CA LEU A 138 -2.05 0.13 -28.91
C LEU A 138 -3.41 0.75 -28.55
N ASP A 139 -3.59 1.09 -27.27
CA ASP A 139 -4.85 1.64 -26.80
C ASP A 139 -4.63 3.02 -26.19
N PHE A 140 -5.17 4.06 -26.83
CA PHE A 140 -4.87 5.42 -26.44
C PHE A 140 -5.97 6.41 -26.82
N SER A 141 -5.85 7.59 -26.25
CA SER A 141 -6.58 8.80 -26.64
C SER A 141 -5.65 9.97 -26.26
N GLY A 142 -6.13 11.22 -26.40
CA GLY A 142 -5.34 12.42 -26.08
C GLY A 142 -4.36 12.88 -27.15
N VAL A 143 -4.60 12.57 -28.44
CA VAL A 143 -3.70 13.06 -29.48
C VAL A 143 -4.24 14.38 -30.02
N LEU A 144 -3.46 15.46 -29.87
CA LEU A 144 -3.87 16.77 -30.38
C LEU A 144 -2.97 17.12 -31.56
N SER A 145 -3.50 17.24 -32.78
CA SER A 145 -4.93 17.10 -33.13
C SER A 145 -5.28 15.72 -33.72
N LYS A 146 -4.25 15.04 -34.25
CA LYS A 146 -4.47 13.84 -35.05
C LYS A 146 -3.07 13.28 -35.33
N ALA A 147 -2.99 12.04 -35.77
CA ALA A 147 -1.68 11.39 -35.97
C ALA A 147 -1.74 10.24 -36.95
N ASP A 148 -0.64 10.03 -37.67
CA ASP A 148 -0.33 8.77 -38.33
C ASP A 148 0.37 7.88 -37.31
N VAL A 149 0.02 6.58 -37.31
CA VAL A 149 0.65 5.60 -36.41
C VAL A 149 1.44 4.52 -37.16
N TRP A 150 2.69 4.34 -36.72
CA TRP A 150 3.68 3.50 -37.39
C TRP A 150 4.28 2.46 -36.41
N VAL A 151 4.39 1.21 -36.85
CA VAL A 151 5.06 0.17 -36.05
C VAL A 151 6.00 -0.57 -36.97
N ASN A 152 7.31 -0.57 -36.64
CA ASN A 152 8.32 -1.35 -37.39
C ASN A 152 8.40 -1.05 -38.90
N GLY A 153 8.08 0.19 -39.30
CA GLY A 153 8.20 0.60 -40.73
C GLY A 153 6.93 0.47 -41.55
N THR A 154 5.85 0.07 -40.87
CA THR A 154 4.51 -0.05 -41.43
C THR A 154 3.53 0.96 -40.78
N LYS A 155 2.84 1.73 -41.62
CA LYS A 155 1.82 2.66 -41.16
C LYS A 155 0.53 1.87 -40.84
N VAL A 156 0.18 1.79 -39.56
CA VAL A 156 -0.98 0.99 -39.11
C VAL A 156 -2.30 1.81 -39.03
N ALA A 157 -2.18 3.14 -38.97
CA ALA A 157 -3.32 4.06 -38.89
C ALA A 157 -2.89 5.41 -39.42
N THR A 158 -3.84 6.10 -40.04
CA THR A 158 -3.60 7.45 -40.55
C THR A 158 -4.40 8.46 -39.69
N LYS A 159 -3.98 9.71 -39.84
CA LYS A 159 -4.57 10.89 -39.26
C LYS A 159 -6.05 11.08 -39.61
N ASP A 160 -6.54 10.40 -40.67
CA ASP A 160 -7.98 10.44 -40.98
C ASP A 160 -8.80 9.59 -39.98
N GLN A 161 -8.16 8.53 -39.47
CA GLN A 161 -8.74 7.61 -38.49
C GLN A 161 -8.44 8.08 -37.05
N VAL A 162 -7.16 8.26 -36.74
CA VAL A 162 -6.68 8.79 -35.45
C VAL A 162 -6.76 10.34 -35.43
N ASN A 163 -7.89 10.85 -34.97
CA ASN A 163 -8.28 12.22 -35.24
C ASN A 163 -9.26 12.67 -34.15
N GLY A 164 -8.91 13.73 -33.43
CA GLY A 164 -9.75 14.18 -32.32
C GLY A 164 -9.14 13.77 -31.00
N ALA A 165 -9.00 14.75 -30.11
CA ALA A 165 -8.32 14.62 -28.82
C ALA A 165 -8.96 13.56 -27.92
N TYR A 166 -10.28 13.43 -28.02
CA TYR A 166 -11.06 12.67 -27.10
C TYR A 166 -11.36 11.29 -27.61
N THR A 167 -11.02 11.02 -28.88
CA THR A 167 -11.32 9.73 -29.48
C THR A 167 -10.37 8.66 -28.99
N ARG A 168 -10.91 7.50 -28.66
CA ARG A 168 -10.13 6.36 -28.28
C ARG A 168 -9.82 5.43 -29.46
N HIS A 169 -8.58 4.94 -29.54
CA HIS A 169 -8.16 4.00 -30.59
C HIS A 169 -7.60 2.73 -30.00
N ASP A 170 -7.92 1.62 -30.65
CA ASP A 170 -7.59 0.33 -30.11
C ASP A 170 -7.06 -0.48 -31.29
N LEU A 171 -5.76 -0.32 -31.53
CA LEU A 171 -5.14 -0.77 -32.78
C LEU A 171 -4.44 -2.09 -32.53
N ASP A 172 -4.88 -3.11 -33.24
CA ASP A 172 -4.26 -4.43 -33.18
C ASP A 172 -2.98 -4.39 -34.02
N ILE A 173 -1.80 -4.45 -33.38
CA ILE A 173 -0.52 -4.36 -34.09
C ILE A 173 0.21 -5.71 -34.13
N THR A 174 -0.54 -6.77 -33.84
CA THR A 174 -0.03 -8.13 -33.83
C THR A 174 0.74 -8.52 -35.13
N ALA A 175 0.20 -8.15 -36.29
CA ALA A 175 0.84 -8.49 -37.57
C ALA A 175 2.25 -7.88 -37.73
N GLN A 176 2.51 -6.78 -37.03
CA GLN A 176 3.76 -6.03 -37.14
C GLN A 176 4.81 -6.31 -36.08
N VAL A 177 4.37 -6.90 -34.96
CA VAL A 177 5.24 -7.13 -33.80
C VAL A 177 6.05 -8.41 -34.01
N HIS A 178 7.32 -8.37 -33.63
CA HIS A 178 8.25 -9.49 -33.79
C HIS A 178 8.96 -9.73 -32.45
N THR A 179 9.81 -10.73 -32.35
CA THR A 179 10.56 -10.96 -31.09
C THR A 179 11.66 -9.93 -30.90
N GLY A 180 11.86 -9.44 -29.68
CA GLY A 180 12.97 -8.52 -29.36
C GLY A 180 12.62 -7.04 -29.41
N VAL A 181 13.48 -6.23 -30.04
CA VAL A 181 13.24 -4.77 -30.16
C VAL A 181 12.19 -4.44 -31.25
N ASN A 182 11.13 -3.76 -30.81
CA ASN A 182 10.09 -3.25 -31.67
C ASN A 182 10.12 -1.73 -31.47
N SER A 183 9.50 -0.98 -32.39
CA SER A 183 9.49 0.45 -32.29
C SER A 183 8.16 0.99 -32.77
N VAL A 184 7.73 2.09 -32.18
CA VAL A 184 6.42 2.67 -32.45
C VAL A 184 6.66 4.17 -32.59
N ALA A 185 6.07 4.79 -33.60
CA ALA A 185 6.24 6.21 -33.78
C ALA A 185 4.88 6.82 -34.12
N PHE A 186 4.55 7.96 -33.50
CA PHE A 186 3.37 8.72 -33.87
C PHE A 186 3.87 9.98 -34.57
N LYS A 187 3.40 10.26 -35.77
CA LYS A 187 3.53 11.58 -36.40
C LYS A 187 2.32 12.43 -35.98
N VAL A 188 2.54 13.35 -35.03
CA VAL A 188 1.46 14.12 -34.44
C VAL A 188 1.28 15.44 -35.20
N TYR A 189 0.07 15.68 -35.72
CA TYR A 189 -0.14 16.87 -36.52
C TYR A 189 -0.47 18.09 -35.67
N PRO A 190 -0.19 19.30 -36.21
CA PRO A 190 -0.50 20.58 -35.53
C PRO A 190 -1.93 20.71 -35.03
N ASN A 191 -2.12 21.42 -33.92
CA ASN A 191 -3.43 21.57 -33.31
C ASN A 191 -3.96 22.99 -33.56
N ASP A 192 -5.16 23.09 -34.11
CA ASP A 192 -5.86 24.36 -34.23
C ASP A 192 -7.24 24.13 -33.64
N PRO A 193 -7.49 24.68 -32.43
CA PRO A 193 -8.76 24.45 -31.71
C PRO A 193 -9.98 24.97 -32.46
N ASN A 194 -9.79 25.91 -33.40
CA ASN A 194 -10.92 26.37 -34.25
C ASN A 194 -11.27 25.41 -35.40
N ARG A 195 -10.35 24.54 -35.76
CA ARG A 195 -10.50 23.62 -36.89
C ARG A 195 -10.61 22.16 -36.43
N ASP A 196 -9.96 21.83 -35.33
CA ASP A 196 -9.89 20.46 -34.82
C ASP A 196 -10.82 20.29 -33.63
N LEU A 197 -11.51 19.15 -33.55
CA LEU A 197 -12.35 18.82 -32.39
C LEU A 197 -11.42 18.40 -31.26
N SER A 198 -10.95 19.38 -30.50
CA SER A 198 -9.77 19.23 -29.67
C SER A 198 -9.90 19.99 -28.33
N MET A 199 -8.79 20.57 -27.88
CA MET A 199 -8.77 21.53 -26.77
C MET A 199 -8.12 22.83 -27.19
N GLY A 200 -8.71 23.92 -26.72
CA GLY A 200 -8.15 25.26 -26.84
C GLY A 200 -8.45 26.09 -25.59
N TRP A 201 -7.83 27.27 -25.54
CA TRP A 201 -7.80 28.09 -24.34
C TRP A 201 -8.72 29.30 -24.35
N ILE A 202 -9.45 29.49 -25.45
CA ILE A 202 -10.48 30.56 -25.53
C ILE A 202 -9.89 31.92 -25.11
N ASP A 203 -10.48 32.57 -24.12
CA ASP A 203 -10.00 33.88 -23.60
C ASP A 203 -9.39 33.78 -22.18
N TRP A 204 -9.15 32.56 -21.71
CA TRP A 204 -8.75 32.35 -20.35
C TRP A 204 -7.32 32.82 -20.00
N ALA A 205 -6.42 32.81 -20.97
CA ALA A 205 -4.96 32.97 -20.69
C ALA A 205 -4.27 33.54 -21.92
N GLN A 206 -3.08 33.04 -22.25
CA GLN A 206 -2.43 33.34 -23.53
C GLN A 206 -2.21 32.02 -24.26
N THR A 207 -2.21 32.05 -25.59
CA THR A 207 -2.14 30.83 -26.40
C THR A 207 -0.78 30.13 -26.28
N PRO A 208 -0.78 28.86 -25.86
CA PRO A 208 0.49 28.11 -25.89
C PRO A 208 1.11 28.07 -27.30
N PRO A 209 2.44 28.24 -27.39
CA PRO A 209 3.08 28.40 -28.74
C PRO A 209 2.89 27.20 -29.69
N ASP A 210 2.82 25.99 -29.11
CA ASP A 210 2.52 24.75 -29.86
C ASP A 210 1.04 24.41 -29.97
N GLN A 211 0.20 25.23 -29.32
CA GLN A 211 -1.26 25.02 -29.29
C GLN A 211 -1.59 23.60 -28.76
N ASN A 212 -0.76 23.16 -27.80
CA ASN A 212 -0.86 21.86 -27.11
C ASN A 212 -0.76 20.59 -27.96
N MET A 213 -0.15 20.65 -29.14
CA MET A 213 -0.01 19.45 -29.95
C MET A 213 0.83 18.41 -29.18
N GLY A 214 0.47 17.14 -29.32
CA GLY A 214 1.25 16.07 -28.70
C GLY A 214 0.28 15.01 -28.24
N ILE A 215 0.74 14.12 -27.36
CA ILE A 215 -0.07 13.05 -26.80
C ILE A 215 -0.16 13.33 -25.30
N VAL A 216 -1.36 13.69 -24.82
CA VAL A 216 -1.53 14.21 -23.47
C VAL A 216 -2.16 13.19 -22.50
N ARG A 217 -2.35 11.95 -22.97
CA ARG A 217 -2.77 10.88 -22.10
C ARG A 217 -1.82 9.70 -22.39
N ASP A 218 -1.98 8.60 -21.67
CA ASP A 218 -1.12 7.43 -21.89
C ASP A 218 -1.44 6.70 -23.18
N VAL A 219 -0.39 6.12 -23.77
CA VAL A 219 -0.54 5.07 -24.78
C VAL A 219 -0.31 3.72 -24.08
N LEU A 220 -1.33 2.88 -24.06
CA LEU A 220 -1.22 1.56 -23.40
C LEU A 220 -0.78 0.55 -24.42
N VAL A 221 0.27 -0.19 -24.10
CA VAL A 221 0.55 -1.45 -24.79
C VAL A 221 -0.24 -2.58 -24.09
N ARG A 222 -1.16 -3.19 -24.84
CA ARG A 222 -1.99 -4.25 -24.33
C ARG A 222 -1.59 -5.60 -24.94
N ARG A 223 -1.68 -6.65 -24.13
CA ARG A 223 -1.30 -8.02 -24.52
C ARG A 223 -2.47 -8.90 -24.10
N SER A 224 -2.85 -9.84 -24.94
CA SER A 224 -3.94 -10.76 -24.63
C SER A 224 -3.86 -11.96 -25.59
N GLY A 225 -4.64 -13.02 -25.32
CA GLY A 225 -4.71 -14.15 -26.24
C GLY A 225 -5.62 -13.81 -27.40
N ALA A 226 -6.42 -14.79 -27.80
CA ALA A 226 -7.39 -14.70 -28.89
C ALA A 226 -8.48 -13.70 -28.63
N VAL A 227 -8.87 -13.57 -27.36
CA VAL A 227 -10.00 -12.71 -27.01
C VAL A 227 -9.52 -11.45 -26.24
N ALA A 228 -9.99 -10.29 -26.69
CA ALA A 228 -9.74 -9.01 -26.03
C ALA A 228 -11.01 -8.66 -25.23
N LEU A 229 -10.83 -8.27 -23.98
CA LEU A 229 -11.93 -7.83 -23.13
C LEU A 229 -11.90 -6.32 -23.19
N ARG A 230 -13.05 -5.69 -23.36
CA ARG A 230 -13.04 -4.26 -23.59
C ARG A 230 -14.33 -3.67 -23.01
N SER A 231 -14.22 -2.45 -22.49
CA SER A 231 -15.41 -1.66 -22.21
C SER A 231 -16.32 -2.28 -21.12
N ALA A 232 -15.70 -2.90 -20.11
CA ALA A 232 -16.39 -3.49 -18.96
C ALA A 232 -16.91 -2.39 -18.05
N HIS A 233 -18.20 -2.45 -17.67
CA HIS A 233 -18.82 -1.44 -16.79
C HIS A 233 -20.00 -2.00 -16.01
N VAL A 234 -20.46 -1.22 -15.04
CA VAL A 234 -21.59 -1.62 -14.20
C VAL A 234 -22.71 -0.59 -14.27
N ILE A 235 -23.88 -1.02 -14.74
CA ILE A 235 -25.08 -0.21 -14.58
C ILE A 235 -25.61 -0.41 -13.15
N GLN A 236 -25.77 0.68 -12.41
CA GLN A 236 -26.18 0.53 -11.02
C GLN A 236 -27.45 1.36 -10.78
N LYS A 237 -28.44 0.76 -10.13
CA LYS A 237 -29.65 1.48 -9.82
C LYS A 237 -30.02 1.31 -8.35
N LEU A 238 -30.23 2.42 -7.68
CA LEU A 238 -30.50 2.39 -6.28
C LEU A 238 -31.98 2.68 -6.07
N ASN A 239 -32.62 1.98 -5.11
CA ASN A 239 -33.98 2.32 -4.77
C ASN A 239 -34.07 3.68 -4.08
N SER A 240 -35.26 4.26 -3.97
CA SER A 240 -35.32 5.58 -3.32
C SER A 240 -34.96 5.58 -1.79
N ALA A 241 -35.14 4.43 -1.12
CA ALA A 241 -34.73 4.27 0.29
C ALA A 241 -33.21 4.20 0.46
N LEU A 242 -32.52 3.91 -0.64
CA LEU A 242 -31.03 3.87 -0.66
C LEU A 242 -30.45 2.65 0.04
N ASP A 243 -31.29 1.64 0.27
CA ASP A 243 -30.84 0.41 0.96
C ASP A 243 -30.78 -0.83 0.03
N HIS A 244 -30.95 -0.65 -1.27
CA HIS A 244 -30.83 -1.78 -2.17
C HIS A 244 -30.50 -1.28 -3.57
N ALA A 245 -29.50 -1.91 -4.18
CA ALA A 245 -29.07 -1.54 -5.52
C ALA A 245 -29.12 -2.75 -6.38
N ASP A 246 -29.42 -2.53 -7.65
CA ASP A 246 -29.35 -3.53 -8.66
C ASP A 246 -28.20 -3.23 -9.62
N LEU A 247 -27.36 -4.24 -9.88
CA LEU A 247 -26.15 -4.09 -10.70
C LEU A 247 -26.23 -4.89 -11.98
N THR A 248 -26.11 -4.20 -13.12
CA THR A 248 -25.96 -4.89 -14.40
C THR A 248 -24.52 -4.72 -14.95
N VAL A 249 -23.77 -5.82 -14.96
CA VAL A 249 -22.43 -5.84 -15.53
C VAL A 249 -22.58 -6.07 -17.04
N LYS A 250 -21.84 -5.27 -17.80
CA LYS A 250 -21.71 -5.45 -19.25
C LYS A 250 -20.22 -5.47 -19.59
N ALA A 251 -19.84 -6.31 -20.56
CA ALA A 251 -18.46 -6.35 -21.06
C ALA A 251 -18.46 -6.80 -22.50
N ASP A 252 -17.64 -6.14 -23.31
CA ASP A 252 -17.39 -6.57 -24.68
C ASP A 252 -16.24 -7.58 -24.75
N VAL A 253 -16.46 -8.65 -25.50
CA VAL A 253 -15.38 -9.58 -25.88
C VAL A 253 -15.18 -9.55 -27.41
N ARG A 254 -13.93 -9.50 -27.85
CA ARG A 254 -13.60 -9.47 -29.27
C ARG A 254 -12.65 -10.63 -29.61
N ASN A 255 -13.07 -11.51 -30.52
CA ASN A 255 -12.22 -12.61 -31.04
C ASN A 255 -11.36 -12.06 -32.19
N ASP A 256 -10.09 -11.85 -31.93
CA ASP A 256 -9.21 -11.28 -32.95
C ASP A 256 -8.40 -12.38 -33.63
N SER A 257 -8.57 -13.62 -33.16
CA SER A 257 -7.97 -14.78 -33.81
C SER A 257 -8.68 -15.21 -35.11
N ALA A 258 -8.03 -16.18 -35.77
CA ALA A 258 -8.45 -16.72 -37.08
C ALA A 258 -9.60 -17.68 -36.94
N ASN A 259 -9.79 -18.18 -35.71
CA ASN A 259 -10.74 -19.27 -35.45
C ASN A 259 -11.84 -18.89 -34.46
N ALA A 260 -13.00 -19.51 -34.65
CA ALA A 260 -14.14 -19.42 -33.70
C ALA A 260 -13.73 -19.93 -32.32
N VAL A 261 -14.20 -19.24 -31.28
CA VAL A 261 -13.87 -19.65 -29.91
C VAL A 261 -15.08 -19.64 -28.99
N GLN A 262 -14.96 -20.33 -27.87
CA GLN A 262 -15.85 -20.15 -26.74
C GLN A 262 -15.06 -19.37 -25.71
N THR A 263 -15.64 -18.29 -25.18
CA THR A 263 -14.98 -17.58 -24.11
C THR A 263 -15.89 -17.56 -22.85
N THR A 264 -15.28 -17.70 -21.69
CA THR A 264 -15.96 -17.43 -20.43
C THR A 264 -15.48 -16.10 -19.82
N VAL A 265 -16.40 -15.17 -19.55
CA VAL A 265 -16.08 -13.91 -18.86
C VAL A 265 -16.59 -14.01 -17.42
N ALA A 266 -15.66 -13.98 -16.47
CA ALA A 266 -15.96 -14.32 -15.08
C ALA A 266 -15.10 -13.51 -14.11
N GLY A 267 -15.58 -13.36 -12.90
CA GLY A 267 -14.87 -12.69 -11.84
C GLY A 267 -15.85 -12.22 -10.79
N THR A 268 -15.69 -10.98 -10.36
CA THR A 268 -16.47 -10.45 -9.25
C THR A 268 -16.93 -9.02 -9.50
N VAL A 269 -18.18 -8.75 -9.06
CA VAL A 269 -18.71 -7.40 -8.95
C VAL A 269 -19.10 -7.18 -7.49
N ALA A 270 -18.45 -6.21 -6.83
CA ALA A 270 -18.85 -5.84 -5.48
C ALA A 270 -18.80 -7.06 -4.52
N GLY A 271 -17.80 -7.94 -4.70
CA GLY A 271 -17.65 -9.16 -3.87
C GLY A 271 -18.45 -10.40 -4.30
N LYS A 272 -19.21 -10.27 -5.38
CA LYS A 272 -20.13 -11.34 -5.78
C LYS A 272 -19.66 -12.00 -7.06
N PRO A 273 -19.59 -13.36 -7.05
CA PRO A 273 -19.02 -14.06 -8.21
C PRO A 273 -20.01 -13.97 -9.36
N ILE A 274 -19.49 -13.80 -10.56
CA ILE A 274 -20.27 -13.78 -11.80
C ILE A 274 -19.54 -14.52 -12.93
N SER A 275 -20.30 -15.08 -13.87
CA SER A 275 -19.73 -15.86 -14.98
C SER A 275 -20.72 -15.97 -16.16
N GLN A 276 -20.21 -15.72 -17.38
CA GLN A 276 -20.97 -16.05 -18.61
C GLN A 276 -20.01 -16.63 -19.64
N THR A 277 -20.52 -17.61 -20.39
CA THR A 277 -19.83 -18.20 -21.54
C THR A 277 -20.57 -17.86 -22.83
N VAL A 278 -19.83 -17.36 -23.82
CA VAL A 278 -20.35 -17.04 -25.14
C VAL A 278 -19.49 -17.64 -26.26
N SER A 279 -20.13 -17.82 -27.40
CA SER A 279 -19.43 -18.17 -28.63
C SER A 279 -19.08 -16.92 -29.40
N LEU A 280 -17.90 -16.96 -30.01
CA LEU A 280 -17.43 -15.88 -30.87
C LEU A 280 -16.82 -16.46 -32.14
N ALA A 281 -17.40 -16.07 -33.29
CA ALA A 281 -16.78 -16.23 -34.61
C ALA A 281 -15.47 -15.44 -34.70
N ALA A 282 -14.60 -15.83 -35.64
CA ALA A 282 -13.36 -15.10 -35.90
C ALA A 282 -13.69 -13.65 -36.25
N LYS A 283 -13.04 -12.73 -35.55
CA LYS A 283 -13.24 -11.28 -35.72
C LYS A 283 -14.57 -10.77 -35.17
N GLU A 284 -15.31 -11.61 -34.47
CA GLU A 284 -16.57 -11.20 -33.84
C GLU A 284 -16.37 -10.47 -32.50
N ARG A 285 -17.06 -9.35 -32.36
CA ARG A 285 -17.18 -8.66 -31.08
C ARG A 285 -18.64 -8.72 -30.57
N LYS A 286 -18.77 -9.14 -29.30
CA LYS A 286 -20.07 -9.23 -28.58
C LYS A 286 -20.07 -8.41 -27.29
N THR A 287 -21.20 -7.77 -27.01
CA THR A 287 -21.48 -7.23 -25.69
C THR A 287 -22.12 -8.35 -24.86
N VAL A 288 -21.45 -8.73 -23.78
CA VAL A 288 -21.97 -9.66 -22.78
C VAL A 288 -22.69 -8.92 -21.67
N THR A 289 -23.96 -9.29 -21.46
CA THR A 289 -24.80 -8.74 -20.41
C THR A 289 -24.96 -9.81 -19.33
N PHE A 290 -24.51 -9.53 -18.11
CA PHE A 290 -24.61 -10.50 -17.02
C PHE A 290 -26.00 -10.45 -16.38
N PRO A 291 -26.49 -11.61 -15.87
CA PRO A 291 -27.76 -11.52 -15.09
C PRO A 291 -27.61 -10.54 -13.93
N LEU A 292 -28.72 -9.88 -13.62
CA LEU A 292 -28.85 -8.85 -12.57
C LEU A 292 -28.32 -9.32 -11.23
N VAL A 293 -27.58 -8.44 -10.56
CA VAL A 293 -27.00 -8.77 -9.26
C VAL A 293 -27.58 -7.79 -8.24
N GLY A 294 -28.27 -8.32 -7.23
CA GLY A 294 -28.75 -7.55 -6.10
C GLY A 294 -27.67 -7.23 -5.08
N LEU A 295 -27.71 -6.01 -4.56
CA LEU A 295 -26.81 -5.61 -3.53
C LEU A 295 -27.57 -4.93 -2.39
N ASP A 296 -27.61 -5.60 -1.24
CA ASP A 296 -28.30 -5.12 -0.04
C ASP A 296 -27.45 -4.21 0.82
N ARG A 297 -28.11 -3.19 1.34
CA ARG A 297 -27.51 -2.17 2.15
C ARG A 297 -26.19 -1.71 1.55
N PRO A 298 -26.21 -1.24 0.27
CA PRO A 298 -24.97 -0.84 -0.36
C PRO A 298 -24.26 0.30 0.42
N ASN A 299 -22.93 0.30 0.38
CA ASN A 299 -22.20 1.44 0.93
C ASN A 299 -22.29 2.58 -0.12
N VAL A 300 -23.38 3.34 -0.03
CA VAL A 300 -23.73 4.43 -0.92
C VAL A 300 -22.62 5.46 -0.91
N TRP A 301 -22.21 5.88 -2.10
CA TRP A 301 -21.28 6.99 -2.29
C TRP A 301 -22.01 8.32 -2.08
N TRP A 302 -21.36 9.25 -1.37
CA TRP A 302 -21.95 10.56 -1.06
C TRP A 302 -20.95 11.66 -1.43
N PRO A 303 -21.46 12.90 -1.74
CA PRO A 303 -20.62 14.11 -1.80
C PRO A 303 -19.92 14.30 -0.46
N ALA A 304 -18.73 14.91 -0.45
CA ALA A 304 -18.06 15.22 0.82
C ALA A 304 -18.95 15.91 1.85
N GLY A 305 -18.85 15.40 3.08
CA GLY A 305 -19.56 15.94 4.20
C GLY A 305 -20.95 15.35 4.37
N MET A 306 -21.41 14.58 3.39
CA MET A 306 -22.76 14.01 3.45
C MET A 306 -22.74 12.54 3.76
N GLY A 307 -21.53 11.97 3.82
CA GLY A 307 -21.34 10.57 4.12
C GLY A 307 -20.01 10.14 3.53
N GLY A 308 -19.84 8.82 3.35
CA GLY A 308 -18.58 8.27 2.80
C GLY A 308 -18.53 8.24 1.27
N GLN A 309 -17.35 7.87 0.72
CA GLN A 309 -16.99 7.94 -0.69
C GLN A 309 -16.54 6.55 -1.17
N HIS A 310 -17.21 5.52 -0.66
CA HIS A 310 -16.93 4.14 -1.02
C HIS A 310 -17.21 3.90 -2.48
N ARG A 311 -16.25 3.20 -3.07
CA ARG A 311 -16.36 2.68 -4.42
C ARG A 311 -16.15 1.20 -4.40
N TYR A 312 -17.01 0.50 -5.14
CA TYR A 312 -16.89 -0.95 -5.31
C TYR A 312 -15.96 -1.29 -6.47
N ASP A 313 -15.60 -2.58 -6.59
CA ASP A 313 -14.72 -3.09 -7.63
C ASP A 313 -15.44 -4.01 -8.60
N LEU A 314 -15.08 -3.88 -9.88
CA LEU A 314 -15.38 -4.89 -10.87
C LEU A 314 -14.05 -5.52 -11.37
N ASP A 315 -13.97 -6.85 -11.28
CA ASP A 315 -12.78 -7.57 -11.69
C ASP A 315 -13.21 -8.76 -12.58
N LEU A 316 -12.79 -8.72 -13.85
CA LEU A 316 -13.22 -9.68 -14.87
C LEU A 316 -12.02 -10.19 -15.65
N THR A 317 -12.07 -11.50 -15.97
CA THR A 317 -11.12 -12.17 -16.85
C THR A 317 -11.94 -12.85 -17.94
N ALA A 318 -11.52 -12.68 -19.19
CA ALA A 318 -12.04 -13.44 -20.32
C ALA A 318 -11.07 -14.61 -20.56
N SER A 319 -11.57 -15.83 -20.46
CA SER A 319 -10.73 -17.02 -20.60
C SER A 319 -11.11 -17.78 -21.85
N VAL A 320 -10.12 -18.36 -22.53
CA VAL A 320 -10.35 -19.19 -23.70
C VAL A 320 -9.57 -20.50 -23.51
N GLY A 321 -10.27 -21.62 -23.67
CA GLY A 321 -9.66 -22.93 -23.49
C GLY A 321 -9.12 -23.20 -22.09
N GLY A 322 -9.83 -22.70 -21.07
CA GLY A 322 -9.38 -22.85 -19.66
C GLY A 322 -8.18 -22.01 -19.27
N THR A 323 -7.81 -21.05 -20.13
CA THR A 323 -6.67 -20.15 -19.90
C THR A 323 -7.14 -18.69 -20.00
N PRO A 324 -6.70 -17.79 -19.07
CA PRO A 324 -6.99 -16.36 -19.20
C PRO A 324 -6.55 -15.82 -20.55
N SER A 325 -7.37 -14.98 -21.14
CA SER A 325 -6.97 -14.36 -22.40
C SER A 325 -6.79 -12.86 -22.19
N ASP A 326 -7.68 -12.24 -21.44
CA ASP A 326 -7.59 -10.82 -21.16
C ASP A 326 -8.24 -10.58 -19.81
N ALA A 327 -8.01 -9.41 -19.22
CA ALA A 327 -8.46 -9.14 -17.88
C ALA A 327 -8.69 -7.64 -17.69
N ALA A 328 -9.64 -7.27 -16.83
CA ALA A 328 -9.84 -5.84 -16.53
C ALA A 328 -10.40 -5.64 -15.14
N LYS A 329 -9.84 -4.64 -14.46
CA LYS A 329 -10.25 -4.23 -13.15
C LYS A 329 -10.72 -2.78 -13.25
N SER A 330 -11.89 -2.48 -12.67
CA SER A 330 -12.40 -1.11 -12.56
C SER A 330 -13.16 -0.87 -11.25
N LYS A 331 -13.57 0.38 -11.03
CA LYS A 331 -14.42 0.74 -9.90
C LYS A 331 -15.72 1.45 -10.32
N PHE A 332 -16.66 1.50 -9.37
CA PHE A 332 -17.92 2.18 -9.55
C PHE A 332 -18.46 2.55 -8.20
N GLY A 333 -19.29 3.58 -8.16
CA GLY A 333 -19.91 4.00 -6.91
C GLY A 333 -21.39 3.79 -7.05
N VAL A 334 -22.03 3.42 -5.96
CA VAL A 334 -23.51 3.29 -5.92
C VAL A 334 -24.12 4.67 -5.45
N ARG A 335 -24.84 5.33 -6.36
CA ARG A 335 -25.18 6.75 -6.19
C ARG A 335 -26.17 7.10 -7.26
N ASP A 336 -27.25 7.74 -6.84
CA ASP A 336 -28.22 8.30 -7.75
C ASP A 336 -27.99 9.81 -8.00
N VAL A 337 -28.08 10.26 -9.24
CA VAL A 337 -28.07 11.70 -9.49
C VAL A 337 -29.22 12.11 -10.40
N LYS A 338 -29.82 13.27 -10.12
CA LYS A 338 -30.83 13.86 -11.00
C LYS A 338 -30.52 15.35 -11.19
N ALA A 339 -30.91 15.90 -12.32
CA ALA A 339 -30.81 17.33 -12.55
C ALA A 339 -32.04 17.70 -13.37
N THR A 340 -33.05 18.22 -12.68
CA THR A 340 -34.32 18.51 -13.35
C THR A 340 -34.64 20.01 -13.23
N LEU A 341 -35.52 20.48 -14.10
CA LEU A 341 -36.00 21.88 -14.09
C LEU A 341 -37.03 22.09 -13.00
N ASN A 342 -36.79 23.05 -12.12
CA ASN A 342 -37.82 23.41 -11.08
C ASN A 342 -39.03 24.17 -11.70
N SER A 343 -40.02 24.50 -10.88
CA SER A 343 -41.22 25.21 -11.38
C SER A 343 -40.92 26.64 -11.93
N SER A 344 -39.74 27.17 -11.63
CA SER A 344 -39.23 28.47 -12.12
C SER A 344 -38.34 28.31 -13.35
N GLY A 345 -38.10 27.06 -13.76
CA GLY A 345 -37.24 26.75 -14.89
C GLY A 345 -35.74 26.70 -14.62
N GLY A 346 -35.35 26.65 -13.34
CA GLY A 346 -33.93 26.55 -12.92
C GLY A 346 -33.49 25.08 -12.81
N ARG A 347 -32.30 24.77 -13.32
CA ARG A 347 -31.72 23.42 -13.23
C ARG A 347 -31.38 23.09 -11.78
N GLN A 348 -31.94 22.01 -11.27
CA GLN A 348 -31.81 21.68 -9.87
C GLN A 348 -31.21 20.29 -9.72
N TYR A 349 -30.01 20.22 -9.17
CA TYR A 349 -29.37 18.91 -8.94
C TYR A 349 -29.76 18.28 -7.61
N SER A 350 -29.73 16.95 -7.59
CA SER A 350 -29.93 16.22 -6.37
C SER A 350 -29.08 14.97 -6.45
N VAL A 351 -28.52 14.57 -5.30
CA VAL A 351 -27.70 13.37 -5.25
C VAL A 351 -28.33 12.50 -4.20
N ASN A 352 -28.58 11.22 -4.56
CA ASN A 352 -29.24 10.25 -3.68
C ASN A 352 -30.52 10.78 -3.09
N GLY A 353 -31.25 11.57 -3.90
CA GLY A 353 -32.54 12.15 -3.50
C GLY A 353 -32.47 13.45 -2.69
N LYS A 354 -31.27 13.97 -2.46
CA LYS A 354 -31.10 15.16 -1.61
C LYS A 354 -30.84 16.33 -2.52
N PRO A 355 -31.77 17.32 -2.57
CA PRO A 355 -31.44 18.44 -3.45
C PRO A 355 -30.19 19.16 -2.94
N LEU A 356 -29.45 19.75 -3.85
CA LEU A 356 -28.18 20.38 -3.53
C LEU A 356 -28.04 21.72 -4.26
N LEU A 357 -27.67 22.78 -3.56
CA LEU A 357 -27.16 24.00 -4.23
C LEU A 357 -25.75 23.68 -4.68
N ILE A 358 -25.51 23.66 -6.00
CA ILE A 358 -24.16 23.49 -6.53
C ILE A 358 -23.32 24.74 -6.17
N ARG A 359 -22.21 24.53 -5.47
CA ARG A 359 -21.29 25.66 -5.16
C ARG A 359 -19.91 25.24 -5.64
N GLY A 360 -19.42 25.88 -6.69
CA GLY A 360 -18.27 25.36 -7.39
C GLY A 360 -17.40 26.42 -8.03
N GLY A 361 -16.41 25.96 -8.79
CA GLY A 361 -15.59 26.82 -9.61
C GLY A 361 -15.26 26.12 -10.91
N GLY A 362 -14.92 26.93 -11.94
CA GLY A 362 -14.49 26.35 -13.20
C GLY A 362 -13.06 25.85 -13.06
N TYR A 363 -12.86 24.55 -13.26
CA TYR A 363 -11.55 23.95 -13.09
C TYR A 363 -10.79 23.89 -14.42
N THR A 364 -9.50 24.23 -14.38
CA THR A 364 -8.62 24.11 -15.54
C THR A 364 -7.29 23.34 -15.24
N PRO A 365 -6.79 22.54 -16.21
CA PRO A 365 -5.46 21.95 -16.09
C PRO A 365 -4.37 23.00 -16.38
N ASP A 366 -3.10 22.60 -16.27
CA ASP A 366 -1.95 23.38 -16.69
C ASP A 366 -2.09 23.83 -18.16
N LEU A 367 -1.65 25.05 -18.45
CA LEU A 367 -1.68 25.64 -19.77
C LEU A 367 -1.04 24.78 -20.88
N PHE A 368 -0.04 23.96 -20.48
CA PHE A 368 0.72 23.10 -21.40
C PHE A 368 0.42 21.63 -21.17
N LEU A 369 -0.70 21.39 -20.48
CA LEU A 369 -1.28 20.05 -20.15
C LEU A 369 -0.34 19.10 -19.43
N ARG A 370 0.58 19.69 -18.68
CA ARG A 370 1.59 18.93 -17.93
C ARG A 370 0.88 18.23 -16.79
N TRP A 371 0.98 16.90 -16.78
CA TRP A 371 0.21 16.09 -15.83
C TRP A 371 1.07 15.70 -14.63
N ASN A 372 0.49 15.88 -13.44
CA ASN A 372 1.05 15.44 -12.18
C ASN A 372 -0.10 15.04 -11.27
N GLU A 373 -0.13 13.77 -10.89
CA GLU A 373 -1.18 13.19 -10.07
C GLU A 373 -1.35 13.85 -8.67
N THR A 374 -0.25 14.05 -7.98
CA THR A 374 -0.26 14.77 -6.69
C THR A 374 -0.80 16.20 -6.86
N ALA A 375 -0.33 16.92 -7.88
CA ALA A 375 -0.85 18.28 -8.15
C ALA A 375 -2.37 18.25 -8.35
N ALA A 376 -2.87 17.22 -9.04
CA ALA A 376 -4.32 17.08 -9.29
C ALA A 376 -5.08 16.87 -7.96
N ALA A 377 -4.54 15.97 -7.12
CA ALA A 377 -5.10 15.70 -5.79
C ALA A 377 -5.08 16.96 -4.95
N ASP A 378 -3.98 17.72 -5.00
CA ASP A 378 -3.81 18.99 -4.27
C ASP A 378 -4.87 20.04 -4.70
N LYS A 379 -5.14 20.15 -5.99
CA LYS A 379 -6.14 21.11 -6.48
C LYS A 379 -7.54 20.71 -6.02
N LEU A 380 -7.88 19.42 -6.09
CA LEU A 380 -9.19 18.95 -5.61
C LEU A 380 -9.38 19.03 -4.09
N LYS A 381 -8.30 18.81 -3.32
CA LYS A 381 -8.34 19.04 -1.85
C LYS A 381 -8.56 20.53 -1.52
N TYR A 382 -8.05 21.45 -2.35
CA TYR A 382 -8.30 22.88 -2.14
C TYR A 382 -9.77 23.19 -2.31
N VAL A 383 -10.44 22.47 -3.21
CA VAL A 383 -11.91 22.58 -3.42
C VAL A 383 -12.66 22.40 -2.08
N LEU A 384 -12.30 21.34 -1.36
CA LEU A 384 -12.83 21.03 -0.05
C LEU A 384 -12.40 21.99 1.04
N ASN A 385 -11.17 22.50 0.98
CA ASN A 385 -10.69 23.44 1.95
C ASN A 385 -11.46 24.78 1.83
N LEU A 386 -11.80 25.15 0.60
CA LEU A 386 -12.70 26.25 0.28
C LEU A 386 -14.15 26.02 0.72
N GLY A 387 -14.52 24.76 1.00
CA GLY A 387 -15.91 24.39 1.37
C GLY A 387 -16.80 24.35 0.13
N LEU A 388 -16.19 24.32 -1.07
CA LEU A 388 -16.93 24.13 -2.35
C LEU A 388 -17.38 22.67 -2.50
N ASN A 389 -18.44 22.41 -3.27
CA ASN A 389 -18.82 20.99 -3.50
C ASN A 389 -18.58 20.46 -4.92
N THR A 390 -18.32 21.36 -5.87
CA THR A 390 -18.27 21.03 -7.31
C THR A 390 -17.16 21.76 -8.07
N VAL A 391 -16.63 21.11 -9.10
CA VAL A 391 -15.88 21.77 -10.12
C VAL A 391 -16.54 21.54 -11.50
N ARG A 392 -16.56 22.60 -12.31
CA ARG A 392 -16.95 22.48 -13.69
C ARG A 392 -15.68 22.30 -14.55
N LEU A 393 -15.74 21.39 -15.52
CA LEU A 393 -14.68 21.29 -16.55
C LEU A 393 -15.27 21.67 -17.91
N GLU A 394 -15.10 22.92 -18.30
CA GLU A 394 -15.48 23.32 -19.66
C GLU A 394 -14.37 22.89 -20.66
N GLY A 395 -14.54 21.72 -21.30
CA GLY A 395 -13.48 21.18 -22.14
C GLY A 395 -12.29 20.76 -21.29
N HIS A 396 -11.14 20.54 -21.92
CA HIS A 396 -9.91 20.12 -21.25
C HIS A 396 -10.15 18.96 -20.28
N ILE A 397 -10.98 17.99 -20.69
CA ILE A 397 -11.45 16.93 -19.80
C ILE A 397 -10.28 16.04 -19.39
N GLU A 398 -10.07 16.02 -18.07
CA GLU A 398 -8.85 15.52 -17.44
C GLU A 398 -8.71 14.00 -17.60
N PRO A 399 -7.48 13.47 -17.49
CA PRO A 399 -7.27 12.01 -17.48
C PRO A 399 -8.02 11.32 -16.32
N ASP A 400 -8.18 10.01 -16.41
CA ASP A 400 -8.94 9.20 -15.47
C ASP A 400 -8.65 9.42 -13.96
N GLU A 401 -7.38 9.42 -13.61
CA GLU A 401 -6.92 9.67 -12.22
C GLU A 401 -7.54 10.91 -11.58
N PHE A 402 -7.73 11.97 -12.35
CA PHE A 402 -8.44 13.15 -11.85
C PHE A 402 -9.85 12.79 -11.28
N PHE A 403 -10.60 12.00 -12.04
CA PHE A 403 -11.93 11.55 -11.62
C PHE A 403 -11.92 10.52 -10.49
N ASP A 404 -10.92 9.63 -10.47
CA ASP A 404 -10.66 8.75 -9.34
C ASP A 404 -10.44 9.51 -8.06
N ILE A 405 -9.60 10.54 -8.14
CA ILE A 405 -9.35 11.42 -7.00
C ILE A 405 -10.61 12.12 -6.55
N ALA A 406 -11.31 12.74 -7.50
CA ALA A 406 -12.58 13.41 -7.22
C ALA A 406 -13.60 12.44 -6.55
N ASP A 407 -13.70 11.22 -7.06
CA ASP A 407 -14.51 10.16 -6.45
C ASP A 407 -14.06 9.89 -4.99
N ASP A 408 -12.76 9.74 -4.78
CA ASP A 408 -12.21 9.43 -3.46
C ASP A 408 -12.42 10.54 -2.42
N LEU A 409 -12.42 11.79 -2.89
CA LEU A 409 -12.58 12.96 -2.04
C LEU A 409 -14.04 13.40 -1.86
N GLY A 410 -14.94 12.93 -2.75
CA GLY A 410 -16.36 13.34 -2.75
C GLY A 410 -16.62 14.72 -3.41
N VAL A 411 -15.80 15.06 -4.42
CA VAL A 411 -15.94 16.35 -5.14
C VAL A 411 -16.74 16.07 -6.37
N LEU A 412 -17.84 16.80 -6.58
CA LEU A 412 -18.70 16.54 -7.76
C LEU A 412 -18.06 17.19 -8.98
N THR A 413 -18.30 16.65 -10.16
CA THR A 413 -17.71 17.20 -11.39
C THR A 413 -18.76 17.41 -12.48
N MET A 414 -18.60 18.51 -13.22
CA MET A 414 -19.49 18.85 -14.36
C MET A 414 -18.67 18.96 -15.64
N PRO A 415 -18.30 17.82 -16.24
CA PRO A 415 -17.57 17.89 -17.49
C PRO A 415 -18.51 18.26 -18.69
N GLY A 416 -17.92 18.75 -19.77
CA GLY A 416 -18.65 18.97 -20.99
C GLY A 416 -17.73 19.57 -22.03
N TRP A 417 -18.30 19.92 -23.19
CA TRP A 417 -17.57 20.57 -24.26
C TRP A 417 -17.46 22.08 -23.98
N GLU A 418 -16.46 22.72 -24.61
CA GLU A 418 -16.18 24.14 -24.47
C GLU A 418 -16.85 24.93 -25.58
N CYS A 419 -16.92 26.25 -25.34
CA CYS A 419 -17.48 27.20 -26.28
C CYS A 419 -16.38 27.74 -27.22
N CYS A 420 -16.81 28.56 -28.19
CA CYS A 420 -15.95 29.52 -28.87
C CYS A 420 -14.82 28.93 -29.69
N ASP A 421 -15.02 27.70 -30.16
CA ASP A 421 -14.04 27.09 -31.04
C ASP A 421 -14.73 26.05 -31.85
N LYS A 422 -14.03 24.99 -32.25
CA LYS A 422 -14.59 24.03 -33.23
C LYS A 422 -15.88 23.30 -32.79
N TRP A 423 -15.97 22.93 -31.52
CA TRP A 423 -17.17 22.23 -30.97
C TRP A 423 -18.47 22.96 -31.28
N GLU A 424 -18.49 24.27 -31.11
CA GLU A 424 -19.69 25.08 -31.36
C GLU A 424 -19.68 25.79 -32.76
N GLY A 425 -18.74 25.42 -33.64
CA GLY A 425 -18.49 26.15 -34.88
C GLY A 425 -19.62 26.06 -35.89
N GLN A 426 -20.45 25.04 -35.75
CA GLN A 426 -21.58 24.80 -36.63
C GLN A 426 -22.88 25.55 -36.22
N VAL A 427 -22.96 26.00 -34.96
CA VAL A 427 -24.19 26.58 -34.39
C VAL A 427 -23.88 28.00 -33.90
N ASN A 428 -22.61 28.36 -34.04
CA ASN A 428 -21.95 29.52 -33.44
C ASN A 428 -22.16 30.86 -34.14
N GLY A 429 -22.43 30.82 -35.44
CA GLY A 429 -22.50 32.05 -36.23
C GLY A 429 -21.11 32.62 -36.51
N GLU A 430 -20.85 33.81 -35.97
CA GLU A 430 -19.58 34.51 -36.17
C GLU A 430 -18.59 34.31 -35.01
N GLU A 431 -18.42 33.06 -34.58
CA GLU A 431 -17.65 32.74 -33.38
C GLU A 431 -16.15 32.75 -33.68
N LYS A 432 -15.52 31.58 -33.67
CA LYS A 432 -14.18 31.49 -34.22
C LYS A 432 -13.98 30.09 -34.80
N GLY A 433 -14.73 29.14 -34.23
CA GLY A 433 -14.76 27.78 -34.73
C GLY A 433 -15.37 27.68 -36.10
N GLU A 434 -14.85 26.76 -36.89
CA GLU A 434 -15.22 26.63 -38.27
C GLU A 434 -16.47 25.78 -38.40
N PRO A 435 -17.33 26.14 -39.37
CA PRO A 435 -18.54 25.34 -39.67
C PRO A 435 -18.13 23.89 -39.88
N TRP A 436 -19.05 22.96 -39.66
CA TRP A 436 -18.67 21.56 -39.77
C TRP A 436 -18.85 21.06 -41.19
N VAL A 437 -17.99 20.09 -41.52
CA VAL A 437 -18.08 19.35 -42.77
C VAL A 437 -18.49 17.92 -42.41
N GLU A 438 -18.75 17.12 -43.42
CA GLU A 438 -19.29 15.81 -43.21
C GLU A 438 -18.43 14.91 -42.31
N SER A 439 -17.09 15.01 -42.45
CA SER A 439 -16.15 14.17 -41.66
C SER A 439 -16.02 14.61 -40.20
N ASP A 440 -16.61 15.75 -39.86
CA ASP A 440 -16.62 16.25 -38.47
C ASP A 440 -17.59 15.50 -37.60
N TYR A 441 -18.68 15.02 -38.19
CA TYR A 441 -19.79 14.46 -37.44
C TYR A 441 -19.41 13.15 -36.72
N PRO A 442 -18.79 12.18 -37.44
CA PRO A 442 -18.22 10.94 -36.90
C PRO A 442 -17.20 11.14 -35.78
N ILE A 443 -16.33 12.14 -35.93
CA ILE A 443 -15.30 12.49 -34.95
C ILE A 443 -15.95 12.98 -33.62
N ALA A 444 -16.90 13.92 -33.73
CA ALA A 444 -17.63 14.43 -32.55
C ALA A 444 -18.43 13.34 -31.83
N LYS A 445 -19.10 12.46 -32.59
CA LYS A 445 -19.86 11.37 -32.01
C LYS A 445 -18.92 10.32 -31.31
N ALA A 446 -17.77 10.05 -31.94
CA ALA A 446 -16.80 9.11 -31.43
C ALA A 446 -16.14 9.65 -30.16
N SER A 447 -16.04 10.98 -30.08
CA SER A 447 -15.49 11.70 -28.93
C SER A 447 -16.44 11.59 -27.74
N MET A 448 -17.73 11.78 -28.04
CA MET A 448 -18.81 11.56 -27.07
C MET A 448 -18.82 10.14 -26.53
N PHE A 449 -18.78 9.15 -27.44
CA PHE A 449 -18.77 7.74 -27.00
C PHE A 449 -17.61 7.48 -26.06
N SER A 450 -16.42 7.93 -26.47
CA SER A 450 -15.21 7.71 -25.70
C SER A 450 -15.23 8.38 -24.35
N GLU A 451 -15.64 9.65 -24.31
CA GLU A 451 -15.84 10.32 -23.02
C GLU A 451 -16.94 9.66 -22.20
N ALA A 452 -18.05 9.27 -22.82
CA ALA A 452 -19.14 8.67 -22.02
C ALA A 452 -18.67 7.35 -21.42
N GLU A 453 -17.79 6.65 -22.14
CA GLU A 453 -17.28 5.36 -21.74
C GLU A 453 -16.26 5.45 -20.57
N ARG A 454 -15.42 6.49 -20.56
CA ARG A 454 -14.48 6.78 -19.48
C ARG A 454 -15.21 7.27 -18.22
N LEU A 455 -16.22 8.12 -18.41
CA LEU A 455 -16.88 8.87 -17.31
C LEU A 455 -18.04 8.20 -16.61
N ARG A 456 -18.66 7.21 -17.27
CA ARG A 456 -19.91 6.60 -16.81
C ARG A 456 -19.85 5.98 -15.40
N ASP A 457 -18.72 5.40 -15.02
CA ASP A 457 -18.62 4.70 -13.73
C ASP A 457 -17.99 5.51 -12.54
N HIS A 458 -17.72 6.79 -12.77
CA HIS A 458 -17.24 7.74 -11.77
C HIS A 458 -18.39 8.45 -11.07
N PRO A 459 -18.62 8.14 -9.76
CA PRO A 459 -19.76 8.71 -9.00
C PRO A 459 -19.69 10.20 -8.77
N SER A 460 -18.48 10.79 -8.88
CA SER A 460 -18.35 12.27 -8.87
C SER A 460 -19.02 12.97 -10.07
N VAL A 461 -19.08 12.32 -11.22
CA VAL A 461 -19.72 12.96 -12.41
C VAL A 461 -21.23 13.17 -12.19
N ILE A 462 -21.71 14.41 -12.27
CA ILE A 462 -23.11 14.67 -12.04
C ILE A 462 -23.94 15.05 -13.29
N SER A 463 -23.25 15.34 -14.41
CA SER A 463 -23.87 15.64 -15.70
C SER A 463 -22.82 15.69 -16.82
N PHE A 464 -23.29 15.77 -18.06
CA PHE A 464 -22.48 16.16 -19.21
C PHE A 464 -23.16 17.32 -19.95
N HIS A 465 -22.40 18.39 -20.13
CA HIS A 465 -22.83 19.50 -20.98
C HIS A 465 -22.41 19.20 -22.40
N ILE A 466 -23.40 18.91 -23.22
CA ILE A 466 -23.19 18.69 -24.67
C ILE A 466 -23.09 20.02 -25.44
N GLY A 467 -23.40 21.12 -24.77
CA GLY A 467 -23.17 22.46 -25.28
C GLY A 467 -22.77 23.43 -24.19
N SER A 468 -22.36 24.62 -24.58
CA SER A 468 -21.92 25.57 -23.57
C SER A 468 -22.62 26.96 -23.42
N GLU A 469 -22.13 28.06 -23.97
CA GLU A 469 -22.60 28.79 -25.13
C GLU A 469 -23.81 28.55 -26.02
N PHE A 470 -23.62 27.84 -27.13
CA PHE A 470 -24.74 27.47 -27.95
C PHE A 470 -25.02 26.00 -27.70
N ALA A 471 -26.31 25.63 -27.79
CA ALA A 471 -26.73 24.26 -27.62
C ALA A 471 -26.49 23.56 -28.97
N PRO A 472 -26.27 22.23 -28.98
CA PRO A 472 -26.08 21.60 -30.29
C PRO A 472 -27.34 21.67 -31.16
N ASP A 473 -27.19 21.58 -32.48
CA ASP A 473 -28.36 21.52 -33.35
C ASP A 473 -28.94 20.10 -33.28
N ARG A 474 -30.02 19.83 -34.00
CA ARG A 474 -30.67 18.53 -33.91
C ARG A 474 -29.78 17.39 -34.41
N ARG A 475 -29.06 17.62 -35.51
CA ARG A 475 -28.21 16.57 -36.02
C ARG A 475 -27.06 16.25 -35.03
N ILE A 476 -26.37 17.29 -34.56
CA ILE A 476 -25.24 17.12 -33.65
C ILE A 476 -25.72 16.57 -32.30
N GLU A 477 -26.79 17.16 -31.78
CA GLU A 477 -27.38 16.64 -30.56
C GLU A 477 -27.79 15.18 -30.62
N GLN A 478 -28.43 14.76 -31.73
CA GLN A 478 -28.80 13.37 -31.89
C GLN A 478 -27.59 12.45 -31.82
N GLY A 479 -26.50 12.83 -32.48
CA GLY A 479 -25.20 12.11 -32.40
C GLY A 479 -24.68 11.90 -30.98
N TYR A 480 -24.69 12.96 -30.17
CA TYR A 480 -24.32 12.89 -28.74
C TYR A 480 -25.18 11.94 -27.91
N LEU A 481 -26.49 12.07 -28.05
CA LEU A 481 -27.48 11.21 -27.36
C LEU A 481 -27.34 9.77 -27.77
N ASP A 482 -27.18 9.52 -29.07
CA ASP A 482 -26.92 8.16 -29.55
C ASP A 482 -25.62 7.59 -28.99
N ALA A 483 -24.55 8.38 -28.97
CA ALA A 483 -23.29 7.91 -28.39
C ALA A 483 -23.39 7.53 -26.87
N MET A 484 -24.05 8.38 -26.09
CA MET A 484 -24.25 8.15 -24.67
C MET A 484 -25.13 6.95 -24.40
N LYS A 485 -26.16 6.75 -25.22
CA LYS A 485 -26.98 5.55 -25.16
C LYS A 485 -26.13 4.30 -25.41
N ALA A 486 -25.30 4.36 -26.45
CA ALA A 486 -24.43 3.23 -26.80
C ALA A 486 -23.39 2.95 -25.68
N ALA A 487 -23.03 3.99 -24.93
CA ALA A 487 -22.11 3.84 -23.78
C ALA A 487 -22.81 3.52 -22.47
N ASP A 488 -24.15 3.45 -22.43
CA ASP A 488 -24.89 3.34 -21.16
C ASP A 488 -24.52 4.45 -20.17
N PHE A 489 -24.40 5.66 -20.68
CA PHE A 489 -24.07 6.83 -19.87
C PHE A 489 -25.40 7.42 -19.51
N LEU A 490 -25.73 7.40 -18.22
CA LEU A 490 -27.13 7.56 -17.81
C LEU A 490 -27.32 8.82 -16.99
N LEU A 491 -26.28 9.65 -16.94
CA LEU A 491 -26.34 10.88 -16.15
C LEU A 491 -27.06 12.01 -16.87
N PRO A 492 -27.49 13.04 -16.12
CA PRO A 492 -28.16 14.18 -16.77
C PRO A 492 -27.33 14.82 -17.90
N VAL A 493 -27.99 15.07 -19.04
CA VAL A 493 -27.40 15.74 -20.17
C VAL A 493 -27.87 17.22 -20.14
N ILE A 494 -26.96 18.18 -20.17
CA ILE A 494 -27.43 19.55 -20.14
C ILE A 494 -27.10 20.18 -21.48
N PRO A 495 -28.10 20.79 -22.17
CA PRO A 495 -27.91 21.26 -23.55
C PRO A 495 -26.96 22.44 -23.70
N ALA A 496 -26.91 23.30 -22.69
CA ALA A 496 -26.10 24.50 -22.71
C ALA A 496 -25.86 24.93 -21.28
N ALA A 497 -24.85 25.78 -21.10
CA ALA A 497 -24.57 26.48 -19.87
C ALA A 497 -25.20 27.92 -19.86
N SER A 498 -25.66 28.37 -21.03
CA SER A 498 -26.42 29.60 -21.18
C SER A 498 -27.90 29.20 -21.13
N ALA A 499 -28.78 30.15 -21.41
CA ALA A 499 -30.22 29.91 -21.40
C ALA A 499 -30.75 29.26 -22.72
N ARG A 500 -29.87 28.94 -23.66
CA ARG A 500 -30.30 28.43 -24.97
C ARG A 500 -30.76 26.98 -24.94
N PRO A 501 -31.99 26.71 -25.44
CA PRO A 501 -32.54 25.36 -25.54
C PRO A 501 -31.90 24.50 -26.65
N SER A 502 -31.84 23.18 -26.47
CA SER A 502 -31.57 22.28 -27.61
C SER A 502 -32.92 21.71 -28.15
N PRO A 503 -32.96 21.29 -29.43
CA PRO A 503 -34.22 20.72 -29.97
C PRO A 503 -34.76 19.50 -29.25
N ILE A 504 -33.91 18.54 -28.90
CA ILE A 504 -34.40 17.29 -28.32
C ILE A 504 -34.45 17.36 -26.78
N THR A 505 -33.31 17.65 -26.14
CA THR A 505 -33.26 17.67 -24.66
C THR A 505 -34.08 18.82 -24.06
N GLY A 506 -33.96 19.99 -24.67
CA GLY A 506 -34.84 21.11 -24.34
C GLY A 506 -34.14 22.18 -23.56
N ALA A 507 -34.84 22.74 -22.59
CA ALA A 507 -34.32 23.86 -21.79
C ALA A 507 -33.06 23.51 -21.00
N SER A 508 -32.14 24.48 -20.91
CA SER A 508 -30.95 24.25 -20.13
C SER A 508 -31.22 24.30 -18.60
N GLY A 509 -32.07 25.24 -18.15
CA GLY A 509 -32.18 25.56 -16.74
C GLY A 509 -30.97 26.32 -16.19
N MET A 510 -30.16 26.92 -17.09
CA MET A 510 -28.97 27.67 -16.68
C MET A 510 -28.93 29.02 -17.39
N LYS A 511 -28.05 29.89 -16.92
CA LYS A 511 -27.87 31.21 -17.50
C LYS A 511 -26.38 31.55 -17.60
N MET A 512 -26.04 32.31 -18.64
CA MET A 512 -24.71 32.83 -18.83
C MET A 512 -24.82 34.31 -19.23
N ASN A 513 -25.23 35.15 -18.27
CA ASN A 513 -25.48 36.58 -18.50
C ASN A 513 -24.32 37.47 -18.07
N GLY A 514 -23.14 36.86 -17.87
CA GLY A 514 -22.09 37.55 -17.13
C GLY A 514 -22.51 37.80 -15.67
N PRO A 515 -21.71 38.58 -14.92
CA PRO A 515 -20.50 39.29 -15.36
C PRO A 515 -19.22 38.44 -15.35
N TYR A 516 -18.14 39.04 -15.82
CA TYR A 516 -16.83 38.41 -15.95
C TYR A 516 -15.80 39.45 -15.53
N ASP A 517 -16.30 40.62 -15.11
CA ASP A 517 -15.40 41.72 -14.72
C ASP A 517 -16.10 42.51 -13.65
N TYR A 518 -15.49 43.62 -13.23
CA TYR A 518 -15.86 44.27 -11.98
C TYR A 518 -17.36 44.64 -11.84
N VAL A 519 -17.94 44.19 -10.73
CA VAL A 519 -19.26 44.63 -10.27
C VAL A 519 -19.20 44.75 -8.75
N PRO A 520 -19.91 45.73 -8.16
CA PRO A 520 -19.87 45.84 -6.69
C PRO A 520 -20.59 44.63 -6.05
N PRO A 521 -20.29 44.37 -4.77
CA PRO A 521 -20.93 43.26 -4.02
C PRO A 521 -22.48 43.15 -4.05
N VAL A 522 -23.18 44.28 -3.95
CA VAL A 522 -24.66 44.34 -3.96
C VAL A 522 -25.27 43.75 -5.26
N TYR A 523 -24.50 43.79 -6.37
CA TYR A 523 -24.94 43.29 -7.67
C TYR A 523 -25.46 41.88 -7.59
N TRP A 524 -24.76 41.03 -6.81
CA TRP A 524 -25.03 39.61 -6.76
C TRP A 524 -26.38 39.30 -6.14
N TYR A 525 -26.88 40.24 -5.34
CA TYR A 525 -28.19 40.18 -4.68
C TYR A 525 -29.36 40.58 -5.58
N ASP A 526 -29.07 41.01 -6.81
CA ASP A 526 -30.15 41.38 -7.75
C ASP A 526 -30.98 40.20 -8.25
N LYS A 527 -32.30 40.34 -8.14
CA LYS A 527 -33.27 39.47 -8.77
C LYS A 527 -34.16 40.24 -9.80
N SER A 528 -34.00 41.56 -9.90
CA SER A 528 -34.82 42.35 -10.86
C SER A 528 -34.45 42.24 -12.35
N GLN A 529 -33.17 42.01 -12.66
CA GLN A 529 -32.72 42.02 -14.05
C GLN A 529 -32.59 40.63 -14.62
N LYS A 530 -33.52 40.24 -15.49
CA LYS A 530 -33.55 38.86 -16.01
C LYS A 530 -32.46 38.59 -17.06
N ASP A 531 -31.76 39.65 -17.45
CA ASP A 531 -30.63 39.54 -18.39
C ASP A 531 -29.26 39.67 -17.70
N ARG A 532 -29.24 39.76 -16.37
CA ARG A 532 -28.00 39.86 -15.60
C ARG A 532 -27.66 38.67 -14.67
N GLY A 533 -26.60 38.81 -13.89
CA GLY A 533 -26.00 37.68 -13.17
C GLY A 533 -26.23 37.61 -11.66
N GLY A 534 -27.34 38.17 -11.17
CA GLY A 534 -27.76 37.99 -9.78
C GLY A 534 -28.10 36.56 -9.36
N ALA A 535 -28.35 36.41 -8.06
CA ALA A 535 -28.53 35.10 -7.41
C ALA A 535 -29.89 34.49 -7.67
N TRP A 536 -30.04 33.92 -8.85
CA TRP A 536 -31.29 33.25 -9.24
C TRP A 536 -30.96 32.42 -10.47
N SER A 537 -31.61 31.27 -10.58
CA SER A 537 -31.30 30.28 -11.61
C SER A 537 -29.92 29.63 -11.37
N PHE A 538 -29.36 28.99 -12.41
CA PHE A 538 -28.10 28.29 -12.24
C PHE A 538 -27.03 29.11 -12.94
N ASN A 539 -26.23 29.81 -12.15
CA ASN A 539 -25.08 30.59 -12.62
C ASN A 539 -23.86 29.71 -13.08
N SER A 540 -23.86 29.32 -14.35
CA SER A 540 -22.84 28.42 -14.89
C SER A 540 -21.37 28.91 -15.00
N GLU A 541 -21.12 30.22 -14.95
CA GLU A 541 -19.77 30.76 -15.04
C GLU A 541 -19.78 32.26 -14.90
N THR A 542 -19.39 32.73 -13.73
CA THR A 542 -19.41 34.16 -13.45
C THR A 542 -18.44 34.53 -12.28
N SER A 543 -17.81 35.70 -12.39
CA SER A 543 -16.99 36.30 -11.38
C SER A 543 -16.97 37.82 -11.64
N ALA A 544 -16.26 38.53 -10.77
CA ALA A 544 -16.07 39.96 -10.91
C ALA A 544 -14.65 40.27 -11.43
N GLY A 545 -14.09 39.32 -12.18
CA GLY A 545 -12.91 39.53 -13.00
C GLY A 545 -11.57 39.32 -12.33
N VAL A 546 -10.86 40.44 -12.20
CA VAL A 546 -9.52 40.51 -11.69
C VAL A 546 -9.38 40.00 -10.26
N ASP A 547 -8.35 39.14 -10.11
CA ASP A 547 -7.94 38.48 -8.88
C ASP A 547 -6.40 38.56 -8.76
N ILE A 548 -5.90 39.69 -8.24
CA ILE A 548 -4.48 39.87 -7.95
C ILE A 548 -4.02 38.80 -6.96
N PRO A 549 -3.01 37.99 -7.36
CA PRO A 549 -2.48 37.01 -6.40
C PRO A 549 -1.68 37.69 -5.30
N THR A 550 -1.13 36.88 -4.40
CA THR A 550 -0.31 37.38 -3.30
C THR A 550 0.97 37.98 -3.87
N MET A 551 1.59 38.87 -3.08
CA MET A 551 2.89 39.44 -3.42
C MET A 551 3.95 38.35 -3.70
N ASP A 552 3.95 37.25 -2.96
CA ASP A 552 4.94 36.22 -3.25
C ASP A 552 4.81 35.63 -4.64
N THR A 553 3.57 35.45 -5.11
CA THR A 553 3.29 34.94 -6.46
C THR A 553 3.55 36.00 -7.54
N LEU A 554 3.15 37.24 -7.25
CA LEU A 554 3.41 38.38 -8.14
C LEU A 554 4.92 38.56 -8.53
N LYS A 555 5.80 38.53 -7.53
CA LYS A 555 7.23 38.68 -7.74
C LYS A 555 7.82 37.50 -8.52
N ARG A 556 7.12 36.37 -8.56
CA ARG A 556 7.53 35.22 -9.37
C ARG A 556 7.04 35.24 -10.84
N MET A 557 5.99 36.00 -11.14
CA MET A 557 5.39 35.96 -12.47
C MET A 557 5.61 37.25 -13.29
N MET A 558 6.01 38.33 -12.64
CA MET A 558 6.10 39.65 -13.33
C MET A 558 7.31 40.39 -12.92
N SER A 559 7.85 41.16 -13.85
CA SER A 559 9.02 41.96 -13.54
C SER A 559 8.65 43.18 -12.68
N ALA A 560 9.66 43.79 -12.08
CA ALA A 560 9.46 44.98 -11.25
C ALA A 560 8.71 46.08 -12.04
N SER A 561 9.08 46.27 -13.29
CA SER A 561 8.50 47.28 -14.14
C SER A 561 7.10 46.90 -14.61
N GLU A 562 6.88 45.63 -14.92
CA GLU A 562 5.49 45.14 -15.16
C GLU A 562 4.55 45.41 -13.98
N LEU A 563 5.05 45.13 -12.77
CA LEU A 563 4.27 45.31 -11.53
C LEU A 563 4.00 46.80 -11.22
N ASP A 564 5.01 47.65 -11.49
CA ASP A 564 4.96 49.11 -11.40
C ASP A 564 3.84 49.66 -12.24
N THR A 565 3.79 49.25 -13.50
CA THR A 565 2.73 49.60 -14.44
C THR A 565 1.33 49.11 -14.00
N MET A 566 1.25 47.93 -13.38
CA MET A 566 -0.04 47.39 -12.93
C MET A 566 -0.73 48.31 -11.90
N TRP A 567 0.01 48.86 -10.95
CA TRP A 567 -0.65 49.73 -9.97
C TRP A 567 -0.84 51.15 -10.45
N LYS A 568 0.14 51.64 -11.22
CA LYS A 568 0.15 53.00 -11.74
C LYS A 568 -0.83 53.22 -12.89
N ASN A 569 -0.93 52.24 -13.79
CA ASN A 569 -1.85 52.33 -14.92
C ASN A 569 -2.55 50.98 -15.14
N PRO A 570 -3.66 50.71 -14.39
CA PRO A 570 -4.44 49.47 -14.57
C PRO A 570 -5.02 49.33 -15.98
N SER A 571 -5.20 50.46 -16.63
CA SER A 571 -5.64 50.51 -18.01
C SER A 571 -4.66 49.89 -19.02
N ALA A 572 -3.39 49.80 -18.66
CA ALA A 572 -2.42 49.18 -19.52
C ALA A 572 -2.64 47.67 -19.59
N LYS A 573 -2.28 47.12 -20.75
CA LYS A 573 -2.40 45.71 -21.01
C LYS A 573 -1.45 44.88 -20.17
N GLN A 574 -2.00 43.77 -19.68
CA GLN A 574 -1.24 42.79 -18.94
C GLN A 574 -1.19 41.44 -19.68
N TYR A 575 0.00 41.01 -20.05
CA TYR A 575 0.18 39.69 -20.65
C TYR A 575 -0.40 38.55 -19.75
N HIS A 576 -0.29 38.71 -18.43
CA HIS A 576 -0.79 37.72 -17.46
C HIS A 576 -2.28 37.86 -17.06
N ARG A 577 -2.98 38.78 -17.72
CA ARG A 577 -4.43 38.66 -17.78
C ARG A 577 -4.83 37.83 -18.99
N SER A 578 -5.23 38.44 -20.11
CA SER A 578 -5.86 37.65 -21.18
C SER A 578 -5.46 38.10 -22.57
N SER A 579 -5.59 37.20 -23.55
CA SER A 579 -5.39 37.53 -24.96
C SER A 579 -6.56 38.34 -25.56
N SER A 580 -7.78 38.17 -25.05
CA SER A 580 -8.92 38.93 -25.56
C SER A 580 -8.78 40.42 -25.24
N ASP A 581 -9.22 41.30 -26.14
CA ASP A 581 -9.12 42.75 -25.92
C ASP A 581 -10.01 43.20 -24.77
N THR A 582 -11.15 42.53 -24.62
CA THR A 582 -12.08 42.80 -23.52
C THR A 582 -11.41 42.64 -22.17
N PHE A 583 -10.62 41.57 -22.00
CA PHE A 583 -10.04 41.24 -20.70
C PHE A 583 -8.52 41.37 -20.74
N GLY A 584 -8.02 42.29 -21.55
CA GLY A 584 -6.59 42.46 -21.74
C GLY A 584 -5.94 43.35 -20.70
N ASN A 585 -6.75 44.15 -20.00
CA ASN A 585 -6.24 45.08 -18.98
C ASN A 585 -7.01 44.96 -17.65
N LEU A 586 -6.67 45.80 -16.66
CA LEU A 586 -7.36 45.83 -15.37
C LEU A 586 -8.05 47.18 -15.07
N LYS A 587 -8.60 47.80 -16.10
CA LYS A 587 -9.18 49.14 -15.99
C LYS A 587 -10.38 49.17 -15.09
N LEU A 588 -11.38 48.35 -15.37
CA LEU A 588 -12.61 48.39 -14.61
C LEU A 588 -12.30 48.11 -13.14
N PHE A 589 -11.39 47.18 -12.90
CA PHE A 589 -11.00 46.83 -11.54
C PHE A 589 -10.24 47.98 -10.84
N GLY A 590 -9.24 48.55 -11.52
CA GLY A 590 -8.43 49.65 -10.99
C GLY A 590 -9.25 50.90 -10.71
N ASP A 591 -10.23 51.21 -11.58
CA ASP A 591 -11.14 52.35 -11.40
C ASP A 591 -11.99 52.14 -10.13
N ALA A 592 -12.61 50.98 -9.99
CA ALA A 592 -13.40 50.65 -8.80
C ALA A 592 -12.55 50.62 -7.50
N LEU A 593 -11.34 50.06 -7.59
CA LEU A 593 -10.45 50.03 -6.45
C LEU A 593 -10.13 51.44 -5.92
N THR A 594 -9.70 52.34 -6.81
CA THR A 594 -9.46 53.76 -6.47
C THR A 594 -10.73 54.41 -5.90
N LYS A 595 -11.82 54.31 -6.65
CA LYS A 595 -13.10 54.93 -6.24
C LYS A 595 -13.54 54.44 -4.87
N ARG A 596 -13.38 53.15 -4.63
CA ARG A 596 -13.98 52.54 -3.45
C ARG A 596 -13.29 52.40 -2.07
N TYR A 597 -12.21 51.68 -1.86
CA TYR A 597 -10.78 51.94 -1.62
C TYR A 597 -9.92 53.22 -1.44
N GLY A 598 -9.88 54.12 -2.41
CA GLY A 598 -8.94 55.22 -2.35
C GLY A 598 -7.76 54.92 -3.26
N ALA A 599 -7.22 55.96 -3.92
CA ALA A 599 -6.08 55.81 -4.81
C ALA A 599 -4.91 55.09 -4.14
N SER A 600 -4.14 54.34 -4.94
CA SER A 600 -3.05 53.57 -4.41
C SER A 600 -1.78 54.41 -4.30
N ALA A 601 -1.11 54.30 -3.15
CA ALA A 601 0.05 55.10 -2.84
C ALA A 601 1.35 54.44 -3.37
N ASN A 602 1.30 53.10 -3.50
CA ASN A 602 2.40 52.29 -4.03
C ASN A 602 1.88 50.90 -4.36
N LEU A 603 2.79 50.02 -4.79
CA LEU A 603 2.48 48.64 -5.15
C LEU A 603 1.84 47.89 -4.00
N ASN A 604 2.47 47.99 -2.82
CA ASN A 604 1.98 47.34 -1.61
C ASN A 604 0.57 47.80 -1.30
N ASP A 605 0.32 49.11 -1.40
CA ASP A 605 -1.03 49.66 -1.15
C ASP A 605 -2.07 49.05 -2.10
N PHE A 606 -1.72 49.00 -3.39
CA PHE A 606 -2.61 48.47 -4.40
C PHE A 606 -2.98 46.99 -4.13
N VAL A 607 -1.99 46.17 -3.75
CA VAL A 607 -2.14 44.72 -3.50
C VAL A 607 -3.00 44.44 -2.25
N ARG A 608 -2.71 45.15 -1.17
CA ARG A 608 -3.50 45.09 0.06
C ARG A 608 -5.00 45.46 -0.19
N LYS A 609 -5.25 46.50 -0.97
CA LYS A 609 -6.61 46.89 -1.34
C LYS A 609 -7.31 45.87 -2.24
N ALA A 610 -6.56 45.36 -3.22
CA ALA A 610 -7.01 44.26 -4.09
C ALA A 610 -7.48 43.04 -3.30
N GLN A 611 -6.74 42.68 -2.25
CA GLN A 611 -7.11 41.51 -1.44
C GLN A 611 -8.45 41.73 -0.72
N LEU A 612 -8.64 42.88 -0.08
CA LEU A 612 -9.95 43.26 0.51
C LEU A 612 -11.08 43.26 -0.53
N SER A 613 -10.84 43.88 -1.71
CA SER A 613 -11.84 43.92 -2.75
C SER A 613 -12.29 42.53 -3.20
N GLN A 614 -11.32 41.64 -3.43
CA GLN A 614 -11.53 40.27 -3.90
C GLN A 614 -12.24 39.45 -2.83
N TYR A 615 -11.74 39.54 -1.60
CA TYR A 615 -12.41 38.90 -0.47
C TYR A 615 -13.91 39.28 -0.37
N GLU A 616 -14.17 40.57 -0.35
CA GLU A 616 -15.50 41.17 -0.28
C GLU A 616 -16.42 40.71 -1.39
N ASN A 617 -15.88 40.68 -2.61
CA ASN A 617 -16.70 40.41 -3.78
C ASN A 617 -17.04 38.94 -3.92
N VAL A 618 -16.01 38.10 -3.76
CA VAL A 618 -16.16 36.67 -3.92
C VAL A 618 -17.08 36.16 -2.82
N ARG A 619 -16.90 36.67 -1.60
CA ARG A 619 -17.76 36.34 -0.44
C ARG A 619 -19.22 36.65 -0.76
N ALA A 620 -19.48 37.88 -1.18
CA ALA A 620 -20.83 38.32 -1.55
C ALA A 620 -21.47 37.49 -2.67
N GLU A 621 -20.67 37.18 -3.69
CA GLU A 621 -21.13 36.34 -4.84
C GLU A 621 -21.67 34.99 -4.36
N PHE A 622 -20.89 34.35 -3.48
CA PHE A 622 -21.29 33.05 -2.93
C PHE A 622 -22.44 33.14 -1.91
N GLU A 623 -22.37 34.15 -1.04
CA GLU A 623 -23.35 34.32 0.03
C GLU A 623 -24.75 34.63 -0.47
N SER A 624 -24.82 35.46 -1.51
CA SER A 624 -26.08 35.77 -2.19
C SER A 624 -26.75 34.53 -2.76
N HIS A 625 -25.95 33.67 -3.40
CA HIS A 625 -26.47 32.43 -3.98
C HIS A 625 -26.84 31.41 -2.91
N SER A 626 -26.11 31.36 -1.79
CA SER A 626 -26.54 30.52 -0.67
C SER A 626 -27.86 31.00 -0.08
N ARG A 627 -28.00 32.32 0.08
CA ARG A 627 -29.23 32.87 0.64
C ARG A 627 -30.49 32.61 -0.21
N ASN A 628 -30.37 32.78 -1.52
CA ASN A 628 -31.54 32.77 -2.40
C ASN A 628 -31.92 31.36 -2.84
N TYR A 629 -31.16 30.36 -2.38
CA TYR A 629 -31.37 28.97 -2.73
C TYR A 629 -32.75 28.45 -2.29
N THR A 630 -33.23 28.97 -1.16
CA THR A 630 -34.49 28.51 -0.60
C THR A 630 -35.65 29.51 -0.87
N ASP A 631 -35.42 30.42 -1.81
CA ASP A 631 -36.50 31.28 -2.34
C ASP A 631 -37.63 30.46 -3.03
N SER A 632 -38.89 30.83 -2.73
CA SER A 632 -40.04 30.13 -3.33
C SER A 632 -40.12 30.34 -4.84
N THR A 633 -39.66 31.49 -5.31
CA THR A 633 -39.75 31.86 -6.71
C THR A 633 -38.35 32.21 -7.20
N ASN A 634 -37.98 31.68 -8.37
CA ASN A 634 -36.62 31.81 -8.94
C ASN A 634 -35.52 31.65 -7.88
N PRO A 635 -35.43 30.47 -7.23
CA PRO A 635 -34.28 30.32 -6.33
C PRO A 635 -32.96 30.28 -7.15
N SER A 636 -31.83 30.64 -6.53
CA SER A 636 -30.51 30.23 -7.06
C SER A 636 -30.33 28.71 -6.83
N THR A 637 -29.97 28.01 -7.90
CA THR A 637 -29.84 26.55 -7.88
C THR A 637 -28.38 26.16 -8.10
N GLY A 638 -27.53 27.15 -8.38
CA GLY A 638 -26.14 26.85 -8.75
C GLY A 638 -25.31 28.09 -8.96
N LEU A 639 -24.03 28.00 -8.61
CA LEU A 639 -23.04 29.00 -8.88
C LEU A 639 -21.71 28.30 -9.14
N ILE A 640 -21.16 28.55 -10.33
CA ILE A 640 -19.82 28.13 -10.65
C ILE A 640 -19.02 29.42 -10.80
N TYR A 641 -18.07 29.64 -9.90
CA TYR A 641 -17.18 30.80 -9.94
C TYR A 641 -16.20 30.71 -11.12
N TRP A 642 -15.98 31.82 -11.82
CA TRP A 642 -15.04 31.84 -12.94
C TRP A 642 -13.75 32.53 -12.54
N MET A 643 -12.70 31.76 -12.26
CA MET A 643 -12.69 30.28 -12.23
C MET A 643 -12.06 29.86 -10.91
N LEU A 644 -12.11 28.56 -10.61
CA LEU A 644 -11.43 27.98 -9.44
C LEU A 644 -9.91 28.27 -9.44
N ASN A 645 -9.30 28.06 -10.61
CA ASN A 645 -7.88 28.17 -10.78
C ASN A 645 -7.60 28.61 -12.22
N SER A 646 -6.37 29.05 -12.46
CA SER A 646 -5.91 29.42 -13.78
C SER A 646 -4.93 28.37 -14.36
N PRO A 647 -4.84 28.29 -15.71
CA PRO A 647 -3.82 27.42 -16.35
C PRO A 647 -2.37 27.84 -16.14
N TRP A 648 -2.16 29.07 -15.69
CA TRP A 648 -0.82 29.56 -15.52
C TRP A 648 -0.82 30.64 -14.43
N THR A 649 0.27 31.39 -14.35
CA THR A 649 0.34 32.56 -13.53
C THR A 649 -0.54 33.66 -14.11
N SER A 650 -1.55 34.09 -13.35
CA SER A 650 -2.60 34.97 -13.88
C SER A 650 -2.92 36.13 -12.95
N LEU A 651 -3.63 37.11 -13.51
CA LEU A 651 -4.18 38.22 -12.72
C LEU A 651 -5.71 38.20 -12.62
N HIS A 652 -6.34 37.12 -13.10
CA HIS A 652 -7.80 37.09 -13.11
C HIS A 652 -8.38 35.69 -13.00
N TRP A 653 -9.68 35.64 -12.74
CA TRP A 653 -10.44 34.41 -12.80
C TRP A 653 -9.77 33.25 -12.06
N GLN A 654 -9.51 33.44 -10.77
CA GLN A 654 -8.94 32.37 -9.93
C GLN A 654 -9.30 32.57 -8.48
N LEU A 655 -9.37 31.44 -7.77
CA LEU A 655 -9.48 31.44 -6.32
C LEU A 655 -8.09 31.20 -5.74
N PHE A 656 -7.45 30.10 -6.13
CA PHE A 656 -6.05 29.86 -5.83
C PHE A 656 -5.20 30.09 -7.08
N ASP A 657 -3.95 30.53 -6.93
CA ASP A 657 -3.03 30.76 -8.08
C ASP A 657 -2.21 29.54 -8.53
N ALA A 658 -1.43 29.73 -9.60
CA ALA A 658 -0.66 28.64 -10.23
C ALA A 658 0.30 28.00 -9.27
N TYR A 659 0.77 28.73 -8.26
CA TYR A 659 1.61 28.10 -7.20
C TYR A 659 0.83 27.57 -5.99
N MET A 660 -0.50 27.67 -6.04
CA MET A 660 -1.33 27.14 -4.95
C MET A 660 -1.29 28.09 -3.76
N ASP A 661 -0.84 29.33 -3.98
CA ASP A 661 -0.90 30.29 -2.90
C ASP A 661 -2.33 30.80 -2.72
N GLN A 662 -2.62 31.34 -1.54
CA GLN A 662 -4.01 31.68 -1.19
C GLN A 662 -4.07 33.15 -0.81
N ASN A 663 -4.97 33.85 -1.49
CA ASN A 663 -5.09 35.31 -1.45
C ASN A 663 -6.46 35.70 -0.87
N GLY A 664 -6.85 36.98 -1.09
CA GLY A 664 -8.15 37.50 -0.63
C GLY A 664 -9.38 36.81 -1.21
N ALA A 665 -9.27 36.44 -2.49
CA ALA A 665 -10.36 35.74 -3.19
C ALA A 665 -10.57 34.31 -2.63
N TYR A 666 -9.46 33.60 -2.42
CA TYR A 666 -9.47 32.29 -1.75
C TYR A 666 -10.18 32.34 -0.40
N TYR A 667 -9.76 33.23 0.47
CA TYR A 667 -10.31 33.33 1.83
C TYR A 667 -11.76 33.81 1.87
N GLY A 668 -12.16 34.62 0.89
CA GLY A 668 -13.50 35.13 0.77
C GLY A 668 -14.47 34.03 0.36
N ALA A 669 -14.05 33.20 -0.60
CA ALA A 669 -14.78 31.99 -0.97
C ALA A 669 -14.87 31.00 0.19
N LYS A 670 -13.76 30.83 0.91
CA LYS A 670 -13.75 29.92 2.05
C LYS A 670 -14.67 30.43 3.18
N LYS A 671 -14.61 31.72 3.50
CA LYS A 671 -15.55 32.32 4.45
C LYS A 671 -17.01 32.04 4.06
N ALA A 672 -17.43 32.45 2.86
CA ALA A 672 -18.79 32.20 2.33
C ALA A 672 -19.30 30.74 2.39
N ASN A 673 -18.41 29.78 2.15
CA ASN A 673 -18.83 28.38 2.04
C ASN A 673 -18.59 27.54 3.30
N GLU A 674 -18.41 28.18 4.44
CA GLU A 674 -18.19 27.41 5.69
C GLU A 674 -19.47 26.64 6.11
N PRO A 675 -19.32 25.44 6.73
CA PRO A 675 -20.52 24.58 6.89
C PRO A 675 -21.67 25.11 7.77
N LEU A 676 -21.36 25.94 8.75
CA LEU A 676 -22.34 26.61 9.62
C LEU A 676 -21.90 28.06 9.64
N HIS A 677 -22.69 28.91 8.99
CA HIS A 677 -22.16 30.15 8.53
C HIS A 677 -23.09 31.31 8.84
N ILE A 678 -22.51 32.41 9.26
CA ILE A 678 -23.28 33.64 9.43
C ILE A 678 -22.77 34.71 8.43
N GLN A 679 -23.72 35.47 7.89
CA GLN A 679 -23.49 36.39 6.78
C GLN A 679 -24.47 37.58 6.80
N TYR A 680 -24.01 38.67 6.21
CA TYR A 680 -24.72 39.93 6.11
C TYR A 680 -25.13 40.23 4.67
N SER A 681 -26.41 40.52 4.46
CA SER A 681 -26.93 40.76 3.12
C SER A 681 -26.65 42.20 2.69
N HIS A 682 -25.86 42.37 1.64
CA HIS A 682 -25.60 43.69 1.05
C HIS A 682 -26.83 44.43 0.51
N ASP A 683 -27.88 43.73 0.10
CA ASP A 683 -29.07 44.45 -0.38
C ASP A 683 -29.90 45.03 0.75
N ASN A 684 -30.31 44.19 1.71
CA ASN A 684 -31.38 44.58 2.66
C ASN A 684 -30.95 44.57 4.14
N ARG A 685 -29.65 44.32 4.37
CA ARG A 685 -29.04 44.38 5.71
C ARG A 685 -29.54 43.30 6.68
N SER A 686 -30.09 42.22 6.13
CA SER A 686 -30.43 41.06 6.93
C SER A 686 -29.19 40.19 7.23
N VAL A 687 -29.12 39.78 8.50
CA VAL A 687 -28.17 38.80 9.01
C VAL A 687 -28.79 37.42 8.93
N VAL A 688 -28.10 36.54 8.19
CA VAL A 688 -28.62 35.26 7.77
C VAL A 688 -27.66 34.13 8.22
N VAL A 689 -28.27 33.02 8.67
CA VAL A 689 -27.54 31.82 9.00
C VAL A 689 -27.80 30.73 7.95
N ILE A 690 -26.71 30.12 7.45
CA ILE A 690 -26.77 29.03 6.47
C ILE A 690 -26.14 27.78 7.10
N ASN A 691 -26.88 26.68 6.99
CA ASN A 691 -26.40 25.39 7.39
C ASN A 691 -26.18 24.53 6.15
N GLN A 692 -24.91 24.31 5.82
CA GLN A 692 -24.52 23.46 4.67
C GLN A 692 -24.47 21.98 5.00
N THR A 693 -24.42 21.68 6.29
CA THR A 693 -24.23 20.29 6.76
C THR A 693 -25.45 19.39 6.51
N SER A 694 -25.25 18.08 6.61
CA SER A 694 -26.33 17.15 6.31
C SER A 694 -27.42 16.99 7.41
N ASN A 695 -27.26 17.66 8.56
CA ASN A 695 -28.23 17.63 9.68
C ASN A 695 -28.72 19.03 10.11
N ALA A 696 -30.01 19.13 10.41
CA ALA A 696 -30.57 20.33 11.03
C ALA A 696 -29.86 20.70 12.34
N VAL A 697 -29.77 21.98 12.64
CA VAL A 697 -29.04 22.43 13.81
C VAL A 697 -29.96 23.35 14.60
N SER A 698 -29.79 23.37 15.92
CA SER A 698 -30.68 24.12 16.83
C SER A 698 -29.89 24.79 17.92
N GLY A 699 -30.59 25.66 18.65
CA GLY A 699 -30.02 26.42 19.78
C GLY A 699 -28.86 27.33 19.40
N LEU A 700 -28.87 27.86 18.17
CA LEU A 700 -27.76 28.70 17.73
C LEU A 700 -28.00 30.11 18.21
N THR A 701 -26.93 30.81 18.62
CA THR A 701 -27.05 32.24 18.79
C THR A 701 -26.27 33.07 17.75
N ALA A 702 -26.97 34.04 17.15
CA ALA A 702 -26.38 34.93 16.16
C ALA A 702 -26.22 36.32 16.75
N THR A 703 -24.99 36.81 16.82
CA THR A 703 -24.74 38.11 17.46
C THR A 703 -24.16 39.10 16.49
N THR A 704 -24.85 40.22 16.31
CA THR A 704 -24.42 41.21 15.32
C THR A 704 -24.14 42.58 15.96
N LYS A 705 -22.92 43.08 15.72
CA LYS A 705 -22.41 44.30 16.32
C LYS A 705 -21.83 45.21 15.26
N LEU A 706 -22.18 46.50 15.28
CA LEU A 706 -21.49 47.49 14.44
C LEU A 706 -20.50 48.31 15.22
N TYR A 707 -19.41 48.71 14.55
CA TYR A 707 -18.35 49.53 15.13
C TYR A 707 -17.93 50.59 14.12
N ASN A 708 -17.81 51.81 14.59
CA ASN A 708 -17.02 52.84 13.92
C ASN A 708 -15.53 52.42 13.84
N LEU A 709 -14.77 53.04 12.94
CA LEU A 709 -13.35 52.73 12.77
C LEU A 709 -12.48 53.13 13.98
N ASP A 710 -13.08 53.88 14.90
CA ASP A 710 -12.42 54.27 16.13
C ASP A 710 -12.63 53.23 17.25
N GLY A 711 -13.44 52.22 16.95
CA GLY A 711 -13.66 51.06 17.83
C GLY A 711 -14.93 51.15 18.66
N THR A 712 -15.66 52.26 18.49
CA THR A 712 -16.90 52.51 19.21
C THR A 712 -17.97 51.57 18.69
N GLU A 713 -18.57 50.82 19.61
CA GLU A 713 -19.72 50.00 19.29
C GLU A 713 -20.94 50.88 19.13
N LYS A 714 -21.65 50.68 18.02
CA LYS A 714 -22.76 51.54 17.66
C LYS A 714 -24.09 50.79 17.62
N TYR A 715 -24.02 49.47 17.61
CA TYR A 715 -25.23 48.65 17.55
C TYR A 715 -24.87 47.26 18.07
N SER A 716 -25.84 46.64 18.77
CA SER A 716 -25.69 45.25 19.19
C SER A 716 -27.03 44.56 19.14
N ASN A 717 -27.04 43.33 18.66
CA ASN A 717 -28.20 42.49 18.67
C ASN A 717 -27.79 41.06 18.92
N THR A 718 -28.51 40.39 19.79
CA THR A 718 -28.26 38.99 20.10
C THR A 718 -29.55 38.24 19.90
N LYS A 719 -29.53 37.32 18.93
CA LYS A 719 -30.66 36.50 18.59
C LYS A 719 -30.33 35.05 18.94
N THR A 720 -31.01 34.54 19.97
CA THR A 720 -30.70 33.24 20.55
C THR A 720 -31.78 32.25 20.13
N GLY A 721 -31.53 30.95 20.32
CA GLY A 721 -32.51 29.93 19.96
C GLY A 721 -32.84 29.78 18.47
N LEU A 722 -31.85 29.95 17.59
CA LEU A 722 -32.10 29.77 16.14
C LEU A 722 -32.00 28.31 15.71
N SER A 723 -32.89 27.92 14.79
CA SER A 723 -32.90 26.58 14.18
C SER A 723 -32.74 26.75 12.70
N VAL A 724 -32.01 25.86 12.06
CA VAL A 724 -31.87 25.92 10.61
C VAL A 724 -31.77 24.50 10.07
N GLY A 725 -32.47 24.26 8.98
CA GLY A 725 -32.47 22.93 8.35
C GLY A 725 -31.13 22.59 7.72
N ALA A 726 -31.07 21.37 7.22
CA ALA A 726 -29.90 20.79 6.61
C ALA A 726 -29.72 21.22 5.12
N LEU A 727 -28.49 21.09 4.63
CA LEU A 727 -28.18 21.13 3.18
C LEU A 727 -28.56 22.44 2.46
N GLY A 728 -28.21 23.56 3.07
CA GLY A 728 -28.41 24.85 2.45
C GLY A 728 -29.58 25.69 2.95
N ALA A 729 -30.40 25.15 3.86
CA ALA A 729 -31.50 25.91 4.47
C ALA A 729 -30.94 27.13 5.19
N LYS A 730 -31.79 28.11 5.50
CA LYS A 730 -31.34 29.34 6.11
C LYS A 730 -32.28 29.81 7.24
N ALA A 731 -31.83 30.78 8.02
CA ALA A 731 -32.65 31.45 9.03
C ALA A 731 -32.20 32.90 9.13
N THR A 732 -33.14 33.82 9.36
CA THR A 732 -32.83 35.22 9.51
C THR A 732 -32.78 35.54 10.99
N ALA A 733 -31.67 36.12 11.43
CA ALA A 733 -31.51 36.52 12.82
C ALA A 733 -32.18 37.88 13.02
N VAL A 734 -31.71 38.87 12.29
CA VAL A 734 -32.19 40.22 12.42
C VAL A 734 -31.96 40.96 11.10
N THR A 735 -32.66 42.08 10.93
CA THR A 735 -32.40 43.09 9.91
C THR A 735 -31.80 44.31 10.58
N VAL A 736 -30.55 44.61 10.29
CA VAL A 736 -29.87 45.72 10.92
C VAL A 736 -30.59 47.05 10.49
N PRO A 737 -30.98 47.90 11.48
CA PRO A 737 -31.62 49.18 11.15
C PRO A 737 -30.55 50.18 10.69
N ALA A 738 -30.97 51.27 10.06
CA ALA A 738 -30.07 52.38 9.77
C ALA A 738 -29.67 52.99 11.11
N VAL A 739 -28.38 53.02 11.38
CA VAL A 739 -27.89 53.41 12.68
C VAL A 739 -27.32 54.80 12.50
N SER A 740 -27.74 55.72 13.37
CA SER A 740 -27.21 57.08 13.44
C SER A 740 -25.78 57.09 13.98
N GLY A 741 -24.96 58.03 13.49
CA GLY A 741 -23.58 58.20 13.99
C GLY A 741 -22.45 57.31 13.45
N LEU A 742 -22.71 56.49 12.43
CA LEU A 742 -21.68 55.63 11.83
C LEU A 742 -20.59 56.42 11.12
N SER A 743 -19.33 56.02 11.26
CA SER A 743 -18.28 56.57 10.41
C SER A 743 -18.58 56.11 8.96
N THR A 744 -18.16 56.92 7.97
CA THR A 744 -18.40 56.69 6.53
C THR A 744 -18.09 55.23 6.14
N THR A 745 -16.93 54.76 6.60
CA THR A 745 -16.57 53.37 6.53
C THR A 745 -16.70 52.88 7.96
N TYR A 746 -17.45 51.79 8.16
CA TYR A 746 -17.56 51.15 9.47
C TYR A 746 -17.45 49.61 9.36
N LEU A 747 -17.39 48.93 10.51
CA LEU A 747 -17.33 47.46 10.59
C LEU A 747 -18.59 46.84 11.13
N ALA A 748 -18.96 45.69 10.56
CA ALA A 748 -20.03 44.82 11.07
C ALA A 748 -19.38 43.48 11.47
N LYS A 749 -19.50 43.11 12.74
CA LYS A 749 -18.91 41.85 13.27
C LYS A 749 -20.08 40.92 13.52
N ASN A 750 -20.10 39.79 12.80
CA ASN A 750 -21.17 38.79 12.89
C ASN A 750 -20.53 37.56 13.52
N VAL A 751 -21.16 37.05 14.58
CA VAL A 751 -20.68 35.87 15.29
C VAL A 751 -21.83 34.88 15.50
N LEU A 752 -21.57 33.64 15.07
CA LEU A 752 -22.49 32.54 15.29
C LEU A 752 -21.87 31.61 16.33
N THR A 753 -22.66 31.19 17.32
CA THR A 753 -22.18 30.32 18.41
C THR A 753 -23.24 29.24 18.58
N ASP A 754 -22.78 27.99 18.76
CA ASP A 754 -23.74 26.85 18.96
C ASP A 754 -24.24 26.72 20.44
N SER A 755 -25.11 25.74 20.70
CA SER A 755 -25.74 25.56 22.04
C SER A 755 -24.76 25.22 23.17
N SER A 756 -23.56 24.79 22.81
CA SER A 756 -22.47 24.56 23.73
C SER A 756 -21.63 25.83 23.99
N GLY A 757 -21.92 26.90 23.23
CA GLY A 757 -21.28 28.22 23.35
C GLY A 757 -20.08 28.41 22.45
N LYS A 758 -19.66 27.34 21.78
CA LYS A 758 -18.59 27.38 20.81
C LYS A 758 -18.87 28.37 19.62
N GLU A 759 -17.87 29.19 19.29
CA GLU A 759 -17.92 30.01 18.10
C GLU A 759 -17.70 29.14 16.88
N VAL A 760 -18.70 29.08 16.01
CA VAL A 760 -18.65 28.25 14.80
C VAL A 760 -18.49 29.10 13.50
N SER A 761 -18.83 30.40 13.57
CA SER A 761 -18.60 31.31 12.43
C SER A 761 -18.35 32.74 12.85
N ARG A 762 -17.29 33.31 12.33
CA ARG A 762 -17.05 34.73 12.50
C ARG A 762 -16.97 35.38 11.09
N ASN A 763 -17.77 36.41 10.87
CA ASN A 763 -17.75 37.11 9.59
C ASN A 763 -17.76 38.61 9.82
N VAL A 764 -16.68 39.27 9.37
CA VAL A 764 -16.50 40.73 9.54
C VAL A 764 -16.56 41.47 8.18
N TYR A 765 -17.45 42.44 8.10
CA TYR A 765 -17.69 43.23 6.89
C TYR A 765 -17.19 44.67 7.13
N TRP A 766 -16.47 45.19 6.14
CA TRP A 766 -16.17 46.59 6.09
C TRP A 766 -17.26 47.20 5.15
N LEU A 767 -18.00 48.15 5.71
CA LEU A 767 -19.21 48.66 5.05
C LEU A 767 -19.09 50.17 4.94
N SER A 768 -19.90 50.79 4.08
CA SER A 768 -19.93 52.25 3.93
C SER A 768 -21.32 52.81 4.13
N THR A 769 -21.43 54.06 4.59
CA THR A 769 -22.75 54.72 4.61
C THR A 769 -23.18 55.17 3.19
N LYS A 770 -22.24 55.14 2.25
CA LYS A 770 -22.46 55.49 0.85
C LYS A 770 -22.66 54.18 0.05
N ALA A 771 -23.81 54.04 -0.59
CA ALA A 771 -24.17 52.83 -1.29
C ALA A 771 -23.41 52.68 -2.62
N ASP A 772 -23.06 51.44 -2.96
CA ASP A 772 -22.74 51.09 -4.36
C ASP A 772 -24.08 51.05 -5.10
N THR A 773 -24.15 51.70 -6.26
CA THR A 773 -25.34 51.59 -7.10
C THR A 773 -24.99 51.29 -8.57
N LEU A 774 -25.86 50.53 -9.23
CA LEU A 774 -25.64 50.07 -10.60
C LEU A 774 -26.29 50.94 -11.68
N ASN A 775 -25.55 51.17 -12.76
CA ASN A 775 -26.17 51.73 -13.95
C ASN A 775 -26.55 50.58 -14.86
N TRP A 776 -27.74 50.02 -14.61
CA TRP A 776 -28.21 48.82 -15.31
C TRP A 776 -28.31 48.98 -16.86
N GLY A 777 -28.73 50.16 -17.30
CA GLY A 777 -28.81 50.47 -18.73
C GLY A 777 -27.48 50.63 -19.48
N GLY A 778 -26.37 50.79 -18.74
CA GLY A 778 -25.02 50.72 -19.31
C GLY A 778 -24.42 49.31 -19.37
N SER A 779 -25.21 48.30 -18.99
CA SER A 779 -24.71 46.94 -18.90
C SER A 779 -24.28 46.39 -20.24
N ASP A 780 -23.14 45.68 -20.25
CA ASP A 780 -22.72 44.86 -21.36
C ASP A 780 -22.78 43.38 -20.96
N TRP A 781 -22.32 42.51 -21.85
CA TRP A 781 -22.39 41.06 -21.61
C TRP A 781 -21.50 40.63 -20.46
N TYR A 782 -20.46 41.39 -20.14
CA TYR A 782 -19.45 40.97 -19.16
C TYR A 782 -19.42 41.80 -17.85
N TYR A 783 -20.18 42.87 -17.75
CA TYR A 783 -20.17 43.72 -16.55
C TYR A 783 -21.39 44.63 -16.56
N THR A 784 -21.66 45.27 -15.44
CA THR A 784 -22.60 46.40 -15.31
C THR A 784 -21.84 47.55 -14.64
N PRO A 785 -21.82 48.73 -15.30
CA PRO A 785 -21.12 49.89 -14.73
C PRO A 785 -21.88 50.40 -13.54
N GLN A 786 -21.19 51.19 -12.74
CA GLN A 786 -21.73 51.73 -11.51
C GLN A 786 -22.16 53.18 -11.70
N SER A 787 -23.28 53.56 -11.09
CA SER A 787 -23.71 54.94 -11.13
C SER A 787 -23.20 55.67 -9.89
N ALA A 788 -22.84 54.92 -8.86
CA ALA A 788 -22.30 55.45 -7.63
C ALA A 788 -21.55 54.34 -6.87
N PHE A 789 -20.51 54.75 -6.14
CA PHE A 789 -19.54 53.89 -5.52
C PHE A 789 -19.58 54.07 -4.03
N ALA A 790 -19.48 52.96 -3.30
CA ALA A 790 -19.25 52.97 -1.85
C ALA A 790 -17.91 53.65 -1.48
N ASP A 791 -17.84 54.17 -0.26
CA ASP A 791 -16.63 54.81 0.21
C ASP A 791 -16.14 53.96 1.40
N LEU A 792 -15.17 53.11 1.10
CA LEU A 792 -14.50 52.24 2.08
C LEU A 792 -13.11 52.77 2.39
N SER A 793 -12.78 53.97 1.89
CA SER A 793 -11.46 54.58 2.04
C SER A 793 -11.04 54.92 3.49
N GLY A 794 -12.01 54.96 4.41
CA GLY A 794 -11.69 55.15 5.82
C GLY A 794 -10.72 54.11 6.36
N LEU A 795 -10.76 52.90 5.78
CA LEU A 795 -9.77 51.84 6.14
C LEU A 795 -8.32 52.30 6.05
N ASN A 796 -8.04 53.23 5.12
CA ASN A 796 -6.71 53.85 4.99
C ASN A 796 -6.16 54.45 6.30
N ASN A 797 -7.08 54.92 7.14
CA ASN A 797 -6.72 55.63 8.34
C ASN A 797 -7.13 54.91 9.64
N LEU A 798 -7.53 53.63 9.51
CA LEU A 798 -7.78 52.73 10.65
C LEU A 798 -6.53 52.68 11.54
N GLY A 799 -6.65 53.08 12.82
CA GLY A 799 -5.51 53.09 13.73
C GLY A 799 -4.80 51.73 13.83
N GLN A 800 -3.51 51.76 14.17
CA GLN A 800 -2.74 50.51 14.39
C GLN A 800 -3.22 49.75 15.63
N SER A 801 -3.28 48.44 15.49
CA SER A 801 -3.56 47.53 16.61
C SER A 801 -2.31 46.64 16.80
N ALA A 802 -2.47 45.47 17.44
CA ALA A 802 -1.33 44.60 17.71
C ALA A 802 -1.76 43.13 17.85
N VAL A 803 -0.89 42.21 17.42
CA VAL A 803 -1.03 40.75 17.60
C VAL A 803 0.42 40.27 17.90
N GLY A 804 0.73 39.47 18.92
CA GLY A 804 -0.12 38.54 19.60
C GLY A 804 0.03 37.08 19.16
N ALA A 805 1.22 36.63 18.74
CA ALA A 805 1.37 35.27 18.11
C ALA A 805 2.34 34.22 18.69
N THR A 806 1.86 32.98 18.78
CA THR A 806 2.64 31.81 19.20
C THR A 806 2.38 30.57 18.29
N ALA A 807 3.46 29.93 17.80
CA ALA A 807 3.32 28.80 16.86
C ALA A 807 4.07 27.50 17.29
N ASN A 808 3.49 26.33 17.04
CA ASN A 808 4.21 25.05 17.18
C ASN A 808 3.82 24.04 16.09
N SER A 809 4.70 23.08 15.81
CA SER A 809 4.49 22.11 14.72
C SER A 809 4.66 20.66 15.15
N VAL A 810 3.87 19.77 14.56
CA VAL A 810 3.96 18.33 14.79
C VAL A 810 4.11 17.63 13.43
N ALA A 811 5.30 17.09 13.18
CA ALA A 811 5.57 16.19 12.05
C ALA A 811 4.89 14.84 12.24
N GLY A 812 3.94 14.49 11.39
CA GLY A 812 3.17 13.26 11.58
C GLY A 812 3.73 12.05 10.85
N ALA A 813 3.27 10.87 11.25
CA ALA A 813 3.66 9.59 10.65
C ALA A 813 3.08 9.41 9.26
N ASP A 814 2.00 10.12 8.94
CA ASP A 814 1.48 10.17 7.57
C ASP A 814 2.19 11.12 6.59
N GLY A 815 3.38 11.62 6.95
CA GLY A 815 4.15 12.54 6.09
C GLY A 815 3.64 13.99 6.08
N THR A 816 2.63 14.30 6.90
CA THR A 816 2.17 15.69 7.04
C THR A 816 2.62 16.36 8.33
N THR A 817 2.83 17.67 8.26
CA THR A 817 3.05 18.52 9.41
C THR A 817 1.78 19.36 9.69
N THR A 818 1.40 19.46 10.96
CA THR A 818 0.39 20.41 11.36
C THR A 818 1.07 21.46 12.21
N THR A 819 1.03 22.70 11.73
CA THR A 819 1.45 23.88 12.47
C THR A 819 0.21 24.53 13.11
N THR A 820 0.27 24.71 14.43
CA THR A 820 -0.76 25.42 15.21
C THR A 820 -0.26 26.83 15.57
N VAL A 821 -1.09 27.84 15.31
CA VAL A 821 -0.76 29.25 15.64
C VAL A 821 -1.89 29.86 16.50
N THR A 822 -1.51 30.40 17.66
CA THR A 822 -2.44 31.09 18.54
C THR A 822 -2.15 32.57 18.35
N LEU A 823 -3.19 33.30 17.98
CA LEU A 823 -3.14 34.72 17.75
C LEU A 823 -4.00 35.40 18.79
N LYS A 824 -3.49 36.51 19.33
CA LYS A 824 -4.27 37.33 20.26
C LYS A 824 -4.13 38.79 19.91
N ASN A 825 -5.21 39.54 20.02
CA ASN A 825 -5.11 40.98 19.94
C ASN A 825 -4.59 41.51 21.31
N THR A 826 -3.37 42.03 21.30
CA THR A 826 -2.65 42.41 22.52
C THR A 826 -2.58 43.95 22.75
N SER A 827 -3.31 44.71 21.93
CA SER A 827 -3.32 46.16 22.03
C SER A 827 -4.01 46.67 23.29
N GLY A 828 -3.67 47.90 23.68
CA GLY A 828 -4.25 48.49 24.90
C GLY A 828 -5.48 49.38 24.69
N GLY A 829 -5.92 49.51 23.43
CA GLY A 829 -7.09 50.33 23.09
C GLY A 829 -8.35 49.57 22.70
N ARG A 830 -9.15 50.19 21.84
CA ARG A 830 -10.46 49.67 21.41
C ARG A 830 -10.42 49.15 19.97
N LEU A 831 -9.24 49.16 19.36
CA LEU A 831 -9.13 48.86 17.93
C LEU A 831 -9.04 47.38 17.65
N PRO A 832 -9.84 46.89 16.68
CA PRO A 832 -9.66 45.50 16.25
C PRO A 832 -8.35 45.30 15.49
N ALA A 833 -7.82 44.07 15.56
CA ALA A 833 -6.76 43.59 14.66
C ALA A 833 -7.49 43.10 13.42
N PHE A 834 -7.42 43.86 12.33
CA PHE A 834 -8.30 43.63 11.17
C PHE A 834 -7.56 42.96 10.02
N TYR A 835 -8.15 41.89 9.50
CA TYR A 835 -7.64 41.19 8.32
C TYR A 835 -6.20 40.69 8.51
N VAL A 836 -6.06 39.72 9.39
CA VAL A 836 -4.78 39.16 9.81
C VAL A 836 -4.52 37.81 9.11
N ASP A 837 -3.45 37.81 8.32
CA ASP A 837 -3.15 36.78 7.39
C ASP A 837 -1.89 36.07 7.86
N SER A 838 -2.01 34.76 8.08
CA SER A 838 -0.90 33.93 8.58
C SER A 838 -0.48 32.99 7.47
N LYS A 839 0.83 32.90 7.26
CA LYS A 839 1.40 32.05 6.22
C LYS A 839 2.53 31.20 6.79
N VAL A 840 2.44 29.88 6.66
CA VAL A 840 3.57 28.97 6.87
C VAL A 840 4.67 29.27 5.86
N VAL A 841 5.86 29.56 6.35
CA VAL A 841 6.99 29.90 5.49
C VAL A 841 8.21 29.04 5.88
N ASP A 842 9.22 29.00 5.01
CA ASP A 842 10.49 28.40 5.40
C ASP A 842 11.41 29.44 6.10
N SER A 843 12.65 29.04 6.34
CA SER A 843 13.64 29.86 7.00
C SER A 843 14.01 31.08 6.16
N ALA A 844 13.88 30.98 4.83
CA ALA A 844 14.08 32.14 3.92
C ALA A 844 12.84 33.03 3.72
N GLY A 845 11.72 32.71 4.40
CA GLY A 845 10.49 33.49 4.29
C GLY A 845 9.63 33.23 3.05
N LYS A 846 9.92 32.15 2.33
CA LYS A 846 9.14 31.73 1.16
C LYS A 846 7.98 30.82 1.60
N PRO A 847 6.75 31.06 1.08
CA PRO A 847 5.60 30.22 1.49
C PRO A 847 5.75 28.73 1.18
N VAL A 848 5.38 27.92 2.16
CA VAL A 848 5.27 26.46 2.03
C VAL A 848 3.88 26.14 1.48
N LEU A 849 3.85 25.47 0.33
CA LEU A 849 2.67 25.29 -0.51
C LEU A 849 2.75 23.89 -1.14
N PRO A 850 1.59 23.22 -1.34
CA PRO A 850 0.24 23.63 -0.89
C PRO A 850 0.06 23.60 0.65
N VAL A 851 -0.96 24.30 1.13
CA VAL A 851 -1.21 24.35 2.56
C VAL A 851 -2.69 24.38 2.74
N GLU A 852 -3.19 23.88 3.88
CA GLU A 852 -4.62 23.96 4.22
C GLU A 852 -4.78 24.43 5.63
N TRP A 853 -5.46 25.56 5.76
CA TRP A 853 -5.82 26.14 7.03
C TRP A 853 -7.26 25.82 7.32
N ASN A 854 -7.57 25.66 8.61
CA ASN A 854 -8.94 25.55 9.10
C ASN A 854 -9.70 26.88 8.97
N ASP A 855 -9.00 28.00 9.21
CA ASP A 855 -9.46 29.38 9.07
C ASP A 855 -8.21 30.22 8.82
N ASN A 856 -8.44 31.46 8.38
CA ASN A 856 -7.42 32.46 8.13
C ASN A 856 -8.05 33.80 7.80
N ALA A 857 -7.21 34.82 7.58
CA ALA A 857 -7.62 36.23 7.32
C ALA A 857 -8.71 36.63 8.31
N VAL A 858 -8.33 36.56 9.59
CA VAL A 858 -9.21 36.74 10.73
C VAL A 858 -9.15 38.18 11.27
N SER A 859 -10.19 38.56 12.00
CA SER A 859 -10.23 39.85 12.66
C SER A 859 -10.54 39.60 14.14
N LEU A 860 -9.70 40.17 15.01
CA LEU A 860 -9.78 39.97 16.47
C LEU A 860 -9.93 41.29 17.22
N TRP A 861 -10.92 41.41 18.10
CA TRP A 861 -11.10 42.60 18.90
C TRP A 861 -10.15 42.49 20.10
N PRO A 862 -9.91 43.60 20.85
CA PRO A 862 -8.87 43.56 21.92
C PRO A 862 -9.07 42.48 22.95
N GLY A 863 -8.01 41.72 23.23
CA GLY A 863 -8.06 40.64 24.20
C GLY A 863 -8.50 39.30 23.64
N GLU A 864 -9.12 39.31 22.45
CA GLU A 864 -9.65 38.10 21.81
C GLU A 864 -8.55 37.20 21.27
N THR A 865 -8.79 35.89 21.37
CA THR A 865 -7.81 34.90 20.91
C THR A 865 -8.40 33.96 19.85
N THR A 866 -7.56 33.55 18.89
CA THR A 866 -7.95 32.43 18.03
C THR A 866 -6.79 31.47 17.84
N THR A 867 -7.13 30.21 17.64
CA THR A 867 -6.13 29.19 17.36
C THR A 867 -6.35 28.66 15.95
N LEU A 868 -5.30 28.75 15.15
CA LEU A 868 -5.42 28.33 13.75
C LEU A 868 -4.51 27.15 13.51
N THR A 869 -4.91 26.31 12.56
CA THR A 869 -4.25 25.04 12.23
C THR A 869 -4.00 25.00 10.74
N ALA A 870 -2.73 24.87 10.35
CA ALA A 870 -2.32 24.63 8.98
C ALA A 870 -1.75 23.19 8.81
N LYS A 871 -2.13 22.52 7.73
CA LYS A 871 -1.57 21.20 7.39
C LYS A 871 -0.90 21.23 6.02
N TYR A 872 0.20 20.48 5.86
CA TYR A 872 0.95 20.44 4.62
C TYR A 872 1.91 19.22 4.64
N ARG A 873 2.48 18.86 3.51
CA ARG A 873 3.51 17.84 3.49
C ARG A 873 4.80 18.33 4.16
N THR A 874 5.25 17.60 5.17
CA THR A 874 6.57 17.80 5.77
C THR A 874 7.67 18.02 4.69
N ALA A 875 7.65 17.26 3.61
CA ALA A 875 8.69 17.31 2.56
C ALA A 875 8.70 18.63 1.79
N ASP A 876 7.59 19.37 1.82
CA ASP A 876 7.50 20.66 1.11
C ASP A 876 8.14 21.78 1.91
N LEU A 877 8.59 21.45 3.12
CA LEU A 877 9.48 22.29 3.90
C LEU A 877 10.88 22.24 3.29
N LYS A 878 11.17 21.16 2.56
CA LYS A 878 12.49 20.90 1.93
C LYS A 878 13.63 21.02 2.95
N GLY A 879 13.38 20.51 4.16
CA GLY A 879 14.38 20.46 5.21
C GLY A 879 14.51 21.67 6.13
N SER A 880 13.70 22.69 5.89
CA SER A 880 13.72 23.86 6.76
C SER A 880 12.82 23.61 7.96
N LYS A 881 13.12 24.28 9.07
CA LYS A 881 12.19 24.31 10.20
C LYS A 881 11.08 25.28 9.77
N PRO A 882 9.83 25.01 10.21
CA PRO A 882 8.74 25.92 9.82
C PRO A 882 8.66 27.23 10.65
N SER A 883 8.29 28.31 9.98
CA SER A 883 7.88 29.57 10.64
C SER A 883 6.50 30.03 10.13
N VAL A 884 5.98 31.09 10.75
CA VAL A 884 4.68 31.63 10.41
C VAL A 884 4.80 33.14 10.27
N ARG A 885 4.55 33.63 9.06
CA ARG A 885 4.52 35.04 8.79
C ARG A 885 3.10 35.56 8.98
N ILE A 886 2.98 36.53 9.88
CA ILE A 886 1.70 37.10 10.26
C ILE A 886 1.72 38.57 9.91
N SER A 887 0.82 38.95 9.00
CA SER A 887 0.62 40.31 8.52
C SER A 887 -0.84 40.68 8.68
N GLY A 888 -1.12 41.90 9.14
CA GLY A 888 -2.51 42.36 9.22
C GLY A 888 -2.61 43.72 8.56
N TRP A 889 -3.82 44.08 8.13
CA TRP A 889 -4.07 45.40 7.58
C TRP A 889 -3.51 46.51 8.47
N ASN A 890 -3.89 46.53 9.76
CA ASN A 890 -3.41 47.52 10.74
C ASN A 890 -2.55 46.94 11.87
N THR A 891 -1.92 45.79 11.65
CA THR A 891 -1.07 45.21 12.70
C THR A 891 0.36 44.97 12.28
N GLY A 892 0.73 45.44 11.10
CA GLY A 892 2.11 45.21 10.59
C GLY A 892 2.48 43.77 10.24
N THR A 893 3.77 43.51 10.04
CA THR A 893 4.23 42.17 9.66
C THR A 893 5.30 41.68 10.62
N GLN A 894 5.12 40.46 11.13
CA GLN A 894 6.08 39.78 11.99
C GLN A 894 6.19 38.31 11.55
N THR A 895 7.31 37.66 11.83
CA THR A 895 7.36 36.19 11.73
C THR A 895 7.82 35.51 13.03
N VAL A 896 7.14 34.41 13.35
CA VAL A 896 7.39 33.69 14.59
C VAL A 896 7.84 32.25 14.24
N PRO A 897 8.83 31.72 15.01
CA PRO A 897 9.29 30.34 14.82
C PRO A 897 8.14 29.39 15.10
N ALA A 898 8.04 28.30 14.37
CA ALA A 898 7.03 27.28 14.70
C ALA A 898 7.65 25.89 14.92
N ASP A 899 8.89 25.70 14.95
N GLY B 49 1.58 3.35 32.41
CA GLY B 49 2.61 2.28 32.21
C GLY B 49 2.02 1.01 31.63
N ASN B 50 0.72 1.06 31.32
CA ASN B 50 -0.08 -0.06 30.84
C ASN B 50 0.05 -0.20 29.33
N ALA B 51 -0.06 -1.45 28.90
CA ALA B 51 -0.21 -1.85 27.51
C ALA B 51 -0.97 -3.18 27.63
N THR B 52 -2.19 -3.24 27.12
CA THR B 52 -3.04 -4.46 27.25
C THR B 52 -3.47 -4.87 25.85
N PRO B 53 -3.17 -6.12 25.44
CA PRO B 53 -3.66 -6.61 24.14
C PRO B 53 -5.18 -6.70 24.13
N ILE B 54 -5.78 -6.27 23.01
CA ILE B 54 -7.20 -6.50 22.75
C ILE B 54 -7.30 -8.01 22.57
N PRO B 55 -8.14 -8.68 23.40
CA PRO B 55 -8.17 -10.14 23.45
C PRO B 55 -8.99 -10.76 22.34
N GLY B 56 -9.79 -9.96 21.64
CA GLY B 56 -10.73 -10.50 20.67
C GLY B 56 -11.47 -9.45 19.86
N TYR B 57 -12.00 -9.89 18.73
CA TYR B 57 -12.83 -9.06 17.84
C TYR B 57 -14.12 -9.81 17.45
N VAL B 58 -15.13 -9.09 16.96
CA VAL B 58 -16.15 -9.70 16.11
C VAL B 58 -15.84 -9.25 14.67
N ILE B 59 -15.99 -10.14 13.69
CA ILE B 59 -15.62 -9.78 12.31
C ILE B 59 -16.73 -10.05 11.32
N GLN B 60 -16.70 -9.31 10.20
CA GLN B 60 -17.67 -9.46 9.15
C GLN B 60 -17.17 -8.79 7.89
N SER B 61 -17.69 -9.26 6.75
CA SER B 61 -17.52 -8.60 5.47
C SER B 61 -18.09 -7.18 5.51
N SER B 62 -17.39 -6.25 4.84
CA SER B 62 -17.92 -4.91 4.57
C SER B 62 -19.17 -4.93 3.71
N ALA B 63 -19.52 -6.09 3.17
CA ALA B 63 -20.83 -6.33 2.54
C ALA B 63 -22.02 -6.14 3.51
N GLN B 64 -21.77 -6.31 4.81
CA GLN B 64 -22.77 -6.04 5.86
C GLN B 64 -22.60 -4.67 6.54
N VAL B 65 -21.81 -3.78 5.92
CA VAL B 65 -21.69 -2.38 6.40
C VAL B 65 -22.00 -1.35 5.27
N SER B 66 -23.03 -0.55 5.48
CA SER B 66 -23.45 0.48 4.52
C SER B 66 -22.92 1.86 4.86
N ASP B 67 -22.41 2.02 6.07
CA ASP B 67 -21.84 3.28 6.51
C ASP B 67 -20.58 2.95 7.32
N ASP B 68 -19.40 3.33 6.81
CA ASP B 68 -18.11 3.16 7.52
C ASP B 68 -18.03 3.70 8.95
N SER B 69 -18.43 4.97 9.13
CA SER B 69 -18.37 5.62 10.44
C SER B 69 -19.17 4.91 11.57
N ALA B 70 -20.20 4.17 11.17
CA ALA B 70 -21.11 3.53 12.11
C ALA B 70 -20.49 2.37 12.87
N VAL B 71 -19.50 1.69 12.27
CA VAL B 71 -19.01 0.42 12.86
C VAL B 71 -18.38 0.61 14.24
N SER B 72 -17.64 1.70 14.40
CA SER B 72 -16.87 1.99 15.62
C SER B 72 -17.67 2.85 16.61
N LYS B 73 -18.95 3.07 16.31
CA LYS B 73 -19.81 3.79 17.25
C LYS B 73 -20.34 2.80 18.27
N PRO B 74 -20.15 3.09 19.59
CA PRO B 74 -20.64 2.21 20.67
C PRO B 74 -22.14 1.90 20.52
N GLY B 75 -22.50 0.62 20.63
CA GLY B 75 -23.89 0.18 20.37
C GLY B 75 -24.24 -0.23 18.94
N PHE B 76 -23.33 -0.01 17.98
CA PHE B 76 -23.45 -0.57 16.63
C PHE B 76 -23.85 -2.04 16.76
N PRO B 77 -24.94 -2.48 16.06
CA PRO B 77 -25.39 -3.88 16.19
C PRO B 77 -24.50 -4.86 15.40
N THR B 78 -24.18 -5.99 16.00
CA THR B 78 -23.18 -6.89 15.45
C THR B 78 -23.74 -8.30 15.38
N SER B 79 -25.05 -8.36 15.21
CA SER B 79 -25.76 -9.61 15.07
C SER B 79 -25.30 -10.37 13.80
N GLY B 80 -24.88 -11.62 13.98
CA GLY B 80 -24.35 -12.44 12.87
C GLY B 80 -22.84 -12.31 12.67
N TRP B 81 -22.20 -11.43 13.45
CA TRP B 81 -20.74 -11.20 13.32
C TRP B 81 -19.96 -12.33 14.03
N TYR B 82 -18.79 -12.66 13.49
CA TYR B 82 -18.00 -13.82 13.96
C TYR B 82 -17.02 -13.45 15.06
N PRO B 83 -17.24 -13.99 16.29
CA PRO B 83 -16.23 -13.76 17.33
C PRO B 83 -14.91 -14.50 17.02
N VAL B 84 -13.80 -13.76 17.11
CA VAL B 84 -12.48 -14.32 16.79
C VAL B 84 -11.47 -13.99 17.88
N SER B 85 -10.47 -14.86 18.03
CA SER B 85 -9.28 -14.51 18.82
C SER B 85 -8.46 -13.38 18.24
N SER B 86 -7.60 -12.86 19.10
CA SER B 86 -6.55 -12.00 18.65
C SER B 86 -5.71 -12.77 17.63
N ARG B 87 -5.06 -12.03 16.73
CA ARG B 87 -4.13 -12.59 15.71
C ARG B 87 -4.74 -13.54 14.69
N SER B 88 -6.01 -13.30 14.33
CA SER B 88 -6.74 -14.08 13.32
C SER B 88 -6.77 -13.43 11.95
N THR B 89 -6.42 -14.21 10.93
CA THR B 89 -6.79 -13.89 9.58
C THR B 89 -8.30 -14.14 9.55
N VAL B 90 -8.94 -13.63 8.50
CA VAL B 90 -10.38 -13.76 8.35
C VAL B 90 -10.76 -15.22 8.25
N TYR B 91 -10.06 -15.94 7.39
CA TYR B 91 -10.33 -17.36 7.19
C TYR B 91 -10.03 -18.24 8.43
N ALA B 92 -8.97 -17.94 9.18
CA ALA B 92 -8.75 -18.58 10.50
C ALA B 92 -9.93 -18.35 11.46
N GLY B 93 -10.44 -17.12 11.56
CA GLY B 93 -11.63 -16.80 12.36
C GLY B 93 -12.91 -17.53 11.97
N LEU B 94 -13.11 -17.72 10.66
CA LEU B 94 -14.24 -18.50 10.18
C LEU B 94 -14.06 -20.01 10.47
N LEU B 95 -12.84 -20.53 10.38
CA LEU B 95 -12.57 -21.89 10.90
C LEU B 95 -12.81 -22.03 12.42
N GLN B 96 -12.51 -20.98 13.20
CA GLN B 96 -12.79 -20.91 14.63
C GLN B 96 -14.29 -20.99 14.92
N ASN B 97 -15.10 -20.51 13.99
CA ASN B 97 -16.54 -20.46 14.11
C ASN B 97 -17.33 -21.58 13.48
N GLY B 98 -16.67 -22.59 12.93
CA GLY B 98 -17.52 -23.66 12.48
C GLY B 98 -17.44 -24.12 11.05
N LYS B 99 -16.97 -23.33 10.10
CA LYS B 99 -17.83 -22.49 9.27
C LYS B 99 -17.49 -23.21 7.92
N TYR B 100 -16.27 -23.74 7.83
CA TYR B 100 -15.77 -24.54 6.69
C TYR B 100 -15.14 -25.88 7.13
N ALA B 101 -15.14 -26.86 6.25
CA ALA B 101 -14.49 -28.13 6.54
C ALA B 101 -12.96 -27.94 6.79
N ASP B 102 -12.30 -28.97 7.29
CA ASP B 102 -10.88 -28.89 7.61
C ASP B 102 -10.05 -28.74 6.34
N PRO B 103 -9.31 -27.62 6.20
CA PRO B 103 -8.48 -27.39 5.00
C PRO B 103 -7.25 -28.32 4.91
N PHE B 104 -6.88 -28.96 6.02
CA PHE B 104 -5.78 -29.94 6.04
C PHE B 104 -6.15 -31.29 5.39
N TYR B 105 -7.44 -31.51 5.13
CA TYR B 105 -7.91 -32.77 4.50
C TYR B 105 -8.28 -32.63 3.01
N SER B 106 -7.74 -33.49 2.15
CA SER B 106 -8.12 -33.54 0.74
C SER B 106 -8.13 -32.13 0.13
N THR B 107 -9.16 -31.82 -0.67
CA THR B 107 -9.27 -30.56 -1.39
C THR B 107 -10.33 -29.69 -0.75
N ASN B 108 -10.65 -29.91 0.52
CA ASN B 108 -11.55 -29.03 1.29
C ASN B 108 -11.31 -27.52 1.11
N MET B 109 -10.05 -27.09 1.10
CA MET B 109 -9.75 -25.65 0.95
C MET B 109 -10.19 -25.08 -0.41
N GLN B 110 -10.17 -25.91 -1.45
CA GLN B 110 -10.62 -25.50 -2.79
C GLN B 110 -12.11 -25.12 -2.81
N ASN B 111 -12.86 -25.69 -1.87
CA ASN B 111 -14.32 -25.49 -1.79
C ASN B 111 -14.81 -24.24 -1.03
N VAL B 112 -13.87 -23.44 -0.50
CA VAL B 112 -14.22 -22.16 0.15
C VAL B 112 -14.42 -21.10 -0.96
N PRO B 113 -15.64 -20.47 -1.00
CA PRO B 113 -15.82 -19.37 -1.96
C PRO B 113 -14.84 -18.22 -1.72
N ALA B 114 -14.09 -17.87 -2.75
CA ALA B 114 -13.05 -16.86 -2.67
C ALA B 114 -13.60 -15.43 -2.79
N ALA B 115 -14.68 -15.23 -3.54
CA ALA B 115 -15.22 -13.90 -3.82
C ALA B 115 -15.48 -13.04 -2.58
N GLN B 116 -15.95 -13.68 -1.49
CA GLN B 116 -16.21 -13.00 -0.24
C GLN B 116 -14.99 -12.28 0.37
N PHE B 117 -13.78 -12.69 -0.06
CA PHE B 117 -12.54 -12.10 0.42
C PHE B 117 -11.91 -11.09 -0.56
N SER B 118 -12.63 -10.72 -1.63
CA SER B 118 -12.24 -9.62 -2.50
C SER B 118 -12.70 -8.26 -1.98
N VAL B 119 -13.42 -8.23 -0.88
CA VAL B 119 -13.78 -6.96 -0.27
C VAL B 119 -13.15 -6.84 1.15
N PRO B 120 -13.01 -5.59 1.64
CA PRO B 120 -12.57 -5.48 3.03
C PRO B 120 -13.46 -6.25 4.00
N TRP B 121 -12.85 -6.65 5.11
CA TRP B 121 -13.53 -7.19 6.27
C TRP B 121 -13.26 -6.29 7.46
N TRP B 122 -14.26 -6.13 8.31
CA TRP B 122 -14.17 -5.31 9.52
C TRP B 122 -13.82 -6.09 10.76
N TYR B 123 -12.86 -5.57 11.53
CA TYR B 123 -12.51 -6.08 12.85
C TYR B 123 -12.93 -5.05 13.92
N ARG B 124 -13.90 -5.44 14.72
CA ARG B 124 -14.51 -4.53 15.66
C ARG B 124 -14.42 -5.01 17.11
N THR B 125 -14.15 -4.08 18.03
CA THR B 125 -14.15 -4.41 19.46
C THR B 125 -14.62 -3.23 20.30
N ASP B 126 -15.19 -3.51 21.46
CA ASP B 126 -15.38 -2.48 22.51
C ASP B 126 -14.19 -2.47 23.46
N LEU B 127 -13.92 -1.27 23.99
CA LEU B 127 -12.90 -1.06 25.01
C LEU B 127 -13.51 -0.28 26.16
N ASN B 128 -13.27 -0.77 27.38
CA ASN B 128 -13.67 -0.05 28.57
C ASN B 128 -12.53 0.83 29.01
N VAL B 129 -12.85 2.10 29.20
CA VAL B 129 -11.87 3.08 29.68
C VAL B 129 -12.37 3.58 31.05
N ASP B 130 -11.53 3.41 32.09
CA ASP B 130 -11.87 3.78 33.49
C ASP B 130 -12.01 5.29 33.69
N ASP B 131 -11.06 6.04 33.15
CA ASP B 131 -11.17 7.49 33.06
C ASP B 131 -10.35 7.99 31.89
N THR B 132 -10.53 9.27 31.54
CA THR B 132 -9.75 9.92 30.50
C THR B 132 -8.65 10.88 31.00
N SER B 133 -8.15 10.63 32.22
CA SER B 133 -7.03 11.43 32.74
C SER B 133 -5.72 11.02 32.03
N SER B 134 -5.64 9.74 31.65
CA SER B 134 -4.49 9.27 30.90
C SER B 134 -4.74 9.38 29.38
N ARG B 135 -3.67 9.61 28.64
CA ARG B 135 -3.69 9.48 27.21
C ARG B 135 -3.92 8.01 26.80
N THR B 136 -4.42 7.81 25.57
CA THR B 136 -4.77 6.46 25.06
C THR B 136 -4.19 6.28 23.69
N TYR B 137 -3.50 5.18 23.48
CA TYR B 137 -2.85 4.91 22.20
C TYR B 137 -3.21 3.50 21.72
N LEU B 138 -3.34 3.35 20.40
CA LEU B 138 -3.36 2.05 19.75
C LEU B 138 -1.95 1.76 19.24
N ASP B 139 -1.38 0.63 19.64
CA ASP B 139 -0.03 0.28 19.23
C ASP B 139 -0.11 -1.12 18.62
N PHE B 140 0.20 -1.21 17.32
CA PHE B 140 -0.02 -2.45 16.60
C PHE B 140 0.85 -2.58 15.34
N SER B 141 1.05 -3.83 14.91
CA SER B 141 1.46 -4.18 13.53
C SER B 141 0.68 -5.44 13.13
N GLY B 142 1.02 -5.99 11.95
CA GLY B 142 0.50 -7.27 11.49
C GLY B 142 -0.82 -7.11 10.75
N VAL B 143 -1.04 -5.93 10.17
CA VAL B 143 -2.22 -5.78 9.33
C VAL B 143 -1.99 -6.10 7.87
N LEU B 144 -2.75 -7.09 7.41
CA LEU B 144 -2.62 -7.55 6.03
C LEU B 144 -3.89 -7.21 5.26
N SER B 145 -3.86 -6.34 4.27
CA SER B 145 -2.65 -5.67 3.74
C SER B 145 -2.49 -4.23 4.25
N LYS B 146 -3.62 -3.66 4.67
CA LYS B 146 -3.72 -2.26 5.08
C LYS B 146 -5.09 -2.09 5.71
N ALA B 147 -5.26 -1.00 6.46
CA ALA B 147 -6.52 -0.73 7.16
C ALA B 147 -6.81 0.74 7.36
N ASP B 148 -8.09 1.09 7.35
CA ASP B 148 -8.58 2.30 7.99
C ASP B 148 -8.87 1.93 9.43
N VAL B 149 -8.59 2.85 10.35
CA VAL B 149 -8.75 2.60 11.78
C VAL B 149 -9.72 3.67 12.27
N TRP B 150 -10.77 3.23 12.97
CA TRP B 150 -11.82 4.12 13.45
C TRP B 150 -11.98 3.96 14.93
N VAL B 151 -12.28 5.08 15.60
CA VAL B 151 -12.60 5.06 17.04
C VAL B 151 -13.80 5.96 17.24
N ASN B 152 -14.90 5.40 17.75
CA ASN B 152 -16.08 6.17 18.16
C ASN B 152 -16.62 7.06 17.04
N GLY B 153 -16.66 6.50 15.83
CA GLY B 153 -17.12 7.20 14.63
C GLY B 153 -16.16 8.14 13.93
N THR B 154 -14.88 8.14 14.34
CA THR B 154 -13.85 9.02 13.72
C THR B 154 -12.80 8.12 13.06
N LYS B 155 -12.46 8.39 11.82
CA LYS B 155 -11.35 7.76 11.16
C LYS B 155 -10.06 8.42 11.65
N VAL B 156 -9.30 7.68 12.44
CA VAL B 156 -8.08 8.19 13.06
C VAL B 156 -6.86 7.93 12.16
N ALA B 157 -6.95 6.93 11.27
CA ALA B 157 -5.87 6.65 10.30
C ALA B 157 -6.49 6.00 9.07
N THR B 158 -5.82 6.17 7.93
CA THR B 158 -6.28 5.55 6.68
C THR B 158 -5.29 4.43 6.24
N LYS B 159 -5.77 3.59 5.32
CA LYS B 159 -4.99 2.53 4.70
C LYS B 159 -3.76 3.04 3.95
N ASP B 160 -3.64 4.36 3.74
CA ASP B 160 -2.41 4.90 3.13
C ASP B 160 -1.28 4.96 4.15
N GLN B 161 -1.67 5.15 5.41
CA GLN B 161 -0.71 5.18 6.51
C GLN B 161 -0.52 3.78 7.09
N VAL B 162 -1.65 3.16 7.48
CA VAL B 162 -1.66 1.82 8.03
C VAL B 162 -1.61 0.82 6.85
N ASN B 163 -0.40 0.51 6.44
CA ASN B 163 -0.17 -0.22 5.22
C ASN B 163 1.10 -1.05 5.34
N GLY B 164 1.00 -2.36 5.08
CA GLY B 164 2.16 -3.23 5.20
C GLY B 164 2.08 -4.03 6.46
N ALA B 165 2.33 -5.34 6.32
CA ALA B 165 2.18 -6.31 7.40
C ALA B 165 3.14 -6.02 8.57
N TYR B 166 4.29 -5.40 8.28
CA TYR B 166 5.37 -5.22 9.27
C TYR B 166 5.49 -3.80 9.84
N THR B 167 4.68 -2.88 9.32
CA THR B 167 4.70 -1.50 9.80
C THR B 167 3.99 -1.44 11.14
N ARG B 168 4.70 -0.87 12.10
CA ARG B 168 4.18 -0.54 13.42
C ARG B 168 3.52 0.85 13.45
N HIS B 169 2.38 0.92 14.11
CA HIS B 169 1.59 2.14 14.20
C HIS B 169 1.35 2.47 15.66
N ASP B 170 1.48 3.74 15.98
CA ASP B 170 1.42 4.22 17.35
C ASP B 170 0.44 5.38 17.26
N LEU B 171 -0.84 5.07 17.40
CA LEU B 171 -1.91 6.04 17.13
C LEU B 171 -2.49 6.63 18.44
N ASP B 172 -2.25 7.93 18.61
CA ASP B 172 -2.76 8.63 19.77
C ASP B 172 -4.25 8.88 19.55
N ILE B 173 -5.09 8.26 20.40
CA ILE B 173 -6.53 8.32 20.18
C ILE B 173 -7.23 9.06 21.34
N THR B 174 -6.44 9.78 22.12
CA THR B 174 -6.90 10.53 23.30
C THR B 174 -8.09 11.48 22.99
N ALA B 175 -7.98 12.21 21.88
CA ALA B 175 -9.08 13.07 21.40
C ALA B 175 -10.44 12.35 21.14
N GLN B 176 -10.41 11.05 20.83
CA GLN B 176 -11.66 10.30 20.55
C GLN B 176 -12.20 9.54 21.77
N VAL B 177 -11.35 9.27 22.74
CA VAL B 177 -11.74 8.41 23.83
C VAL B 177 -12.58 9.14 24.92
N HIS B 178 -13.64 8.49 25.38
CA HIS B 178 -14.44 9.00 26.49
C HIS B 178 -14.46 8.00 27.65
N THR B 179 -14.93 8.42 28.82
CA THR B 179 -15.12 7.50 29.97
C THR B 179 -16.17 6.42 29.66
N GLY B 180 -15.89 5.17 30.01
CA GLY B 180 -16.84 4.08 29.74
C GLY B 180 -16.58 3.23 28.50
N VAL B 181 -17.66 2.89 27.79
CA VAL B 181 -17.58 2.01 26.62
C VAL B 181 -17.10 2.78 25.38
N ASN B 182 -15.96 2.38 24.82
CA ASN B 182 -15.51 2.93 23.55
C ASN B 182 -15.54 1.81 22.53
N SER B 183 -15.52 2.12 21.25
CA SER B 183 -15.36 1.12 20.20
C SER B 183 -14.25 1.48 19.23
N VAL B 184 -13.53 0.46 18.79
CA VAL B 184 -12.48 0.58 17.77
C VAL B 184 -12.82 -0.37 16.60
N ALA B 185 -12.60 0.08 15.37
CA ALA B 185 -12.85 -0.76 14.20
C ALA B 185 -11.78 -0.57 13.15
N PHE B 186 -11.23 -1.70 12.72
CA PHE B 186 -10.31 -1.74 11.59
C PHE B 186 -11.04 -2.21 10.34
N LYS B 187 -10.92 -1.45 9.27
CA LYS B 187 -11.40 -1.88 7.97
C LYS B 187 -10.20 -2.47 7.22
N VAL B 188 -10.16 -3.78 7.08
CA VAL B 188 -8.94 -4.46 6.65
C VAL B 188 -9.14 -4.84 5.20
N TYR B 189 -8.22 -4.38 4.35
CA TYR B 189 -8.34 -4.56 2.91
C TYR B 189 -7.77 -5.88 2.47
N PRO B 190 -8.32 -6.42 1.35
CA PRO B 190 -7.79 -7.65 0.74
C PRO B 190 -6.27 -7.66 0.61
N ASN B 191 -5.69 -8.86 0.66
CA ASN B 191 -4.26 -8.95 0.58
C ASN B 191 -3.88 -9.55 -0.74
N ASP B 192 -2.93 -8.94 -1.42
CA ASP B 192 -2.32 -9.55 -2.60
C ASP B 192 -0.84 -9.41 -2.41
N PRO B 193 -0.13 -10.54 -2.16
CA PRO B 193 1.29 -10.48 -1.80
C PRO B 193 2.19 -9.98 -2.94
N ASN B 194 1.68 -10.04 -4.18
CA ASN B 194 2.38 -9.45 -5.36
C ASN B 194 2.25 -7.95 -5.48
N ARG B 195 1.22 -7.40 -4.86
CA ARG B 195 0.93 -5.96 -4.88
C ARG B 195 1.34 -5.34 -3.57
N ASP B 196 1.27 -6.10 -2.48
CA ASP B 196 1.37 -5.54 -1.11
C ASP B 196 2.65 -5.99 -0.44
N LEU B 197 3.27 -5.10 0.31
CA LEU B 197 4.48 -5.44 1.07
C LEU B 197 4.00 -6.17 2.32
N SER B 198 3.82 -7.48 2.14
CA SER B 198 2.97 -8.32 2.99
C SER B 198 3.62 -9.69 3.21
N MET B 199 2.81 -10.75 3.16
CA MET B 199 3.27 -12.13 3.19
C MET B 199 2.53 -12.90 2.13
N GLY B 200 3.25 -13.79 1.43
CA GLY B 200 2.61 -14.75 0.53
C GLY B 200 3.32 -16.09 0.62
N TRP B 201 2.77 -17.11 -0.05
CA TRP B 201 3.21 -18.46 0.15
C TRP B 201 4.06 -18.99 -1.01
N ILE B 202 4.42 -18.13 -1.96
CA ILE B 202 5.41 -18.49 -2.99
C ILE B 202 5.04 -19.87 -3.61
N ASP B 203 5.94 -20.85 -3.62
CA ASP B 203 5.61 -22.20 -4.11
C ASP B 203 5.42 -23.24 -3.01
N TRP B 204 5.22 -22.79 -1.77
CA TRP B 204 5.31 -23.68 -0.58
C TRP B 204 4.15 -24.63 -0.36
N ALA B 205 2.96 -24.13 -0.66
CA ALA B 205 1.72 -24.84 -0.34
C ALA B 205 0.69 -24.57 -1.43
N GLN B 206 -0.51 -24.22 -1.01
CA GLN B 206 -1.60 -23.74 -1.84
C GLN B 206 -2.11 -22.43 -1.22
N THR B 207 -2.73 -21.58 -2.04
CA THR B 207 -3.09 -20.24 -1.62
C THR B 207 -4.26 -20.27 -0.62
N PRO B 208 -4.09 -19.60 0.54
CA PRO B 208 -5.25 -19.54 1.46
C PRO B 208 -6.34 -18.67 0.81
N PRO B 209 -7.62 -19.08 0.99
CA PRO B 209 -8.78 -18.48 0.29
C PRO B 209 -8.91 -16.96 0.49
N ASP B 210 -8.59 -16.48 1.70
CA ASP B 210 -8.59 -15.04 2.02
C ASP B 210 -7.23 -14.39 1.85
N GLN B 211 -6.24 -15.18 1.41
CA GLN B 211 -4.91 -14.65 1.18
C GLN B 211 -4.34 -14.00 2.48
N ASN B 212 -4.73 -14.58 3.63
CA ASN B 212 -4.28 -14.12 4.97
C ASN B 212 -4.68 -12.69 5.40
N MET B 213 -5.68 -12.08 4.74
CA MET B 213 -6.20 -10.80 5.17
C MET B 213 -6.66 -10.85 6.65
N GLY B 214 -6.41 -9.75 7.37
CA GLY B 214 -6.75 -9.66 8.76
C GLY B 214 -5.63 -9.02 9.56
N ILE B 215 -5.59 -9.32 10.84
CA ILE B 215 -4.67 -8.66 11.74
C ILE B 215 -4.00 -9.81 12.48
N VAL B 216 -2.70 -10.01 12.22
CA VAL B 216 -2.06 -11.28 12.63
C VAL B 216 -1.17 -11.17 13.88
N ARG B 217 -1.08 -9.94 14.42
CA ARG B 217 -0.45 -9.67 15.73
C ARG B 217 -1.47 -8.93 16.62
N ASP B 218 -1.11 -8.77 17.90
CA ASP B 218 -1.92 -8.06 18.87
C ASP B 218 -2.05 -6.56 18.56
N VAL B 219 -3.24 -6.02 18.87
CA VAL B 219 -3.39 -4.60 19.01
C VAL B 219 -3.34 -4.30 20.50
N LEU B 220 -2.42 -3.41 20.88
CA LEU B 220 -2.26 -3.01 22.29
C LEU B 220 -2.96 -1.69 22.51
N VAL B 221 -3.69 -1.60 23.62
CA VAL B 221 -4.21 -0.33 24.08
C VAL B 221 -3.21 0.15 25.12
N ARG B 222 -2.57 1.30 24.86
CA ARG B 222 -1.62 1.81 25.79
C ARG B 222 -2.23 3.00 26.54
N ARG B 223 -1.91 3.10 27.84
CA ARG B 223 -2.29 4.26 28.69
C ARG B 223 -1.08 4.83 29.39
N SER B 224 -0.89 6.14 29.24
CA SER B 224 0.21 6.83 29.86
C SER B 224 -0.26 8.27 30.23
N GLY B 225 0.60 9.05 30.91
CA GLY B 225 0.27 10.40 31.29
C GLY B 225 0.72 11.33 30.21
N ALA B 226 1.38 12.43 30.58
CA ALA B 226 1.84 13.43 29.60
C ALA B 226 2.97 12.94 28.67
N VAL B 227 3.81 12.05 29.21
CA VAL B 227 4.96 11.50 28.48
C VAL B 227 4.79 10.01 28.07
N ALA B 228 5.05 9.73 26.79
CA ALA B 228 5.03 8.38 26.23
C ALA B 228 6.45 7.85 26.15
N LEU B 229 6.66 6.66 26.70
CA LEU B 229 7.94 6.00 26.63
C LEU B 229 7.92 4.98 25.45
N ARG B 230 8.91 5.08 24.58
CA ARG B 230 8.86 4.27 23.38
C ARG B 230 10.26 3.83 22.94
N SER B 231 10.33 2.69 22.27
CA SER B 231 11.59 2.22 21.65
C SER B 231 12.81 2.16 22.60
N ALA B 232 12.60 1.64 23.82
CA ALA B 232 13.65 1.47 24.81
C ALA B 232 14.46 0.25 24.47
N HIS B 233 15.78 0.40 24.43
CA HIS B 233 16.62 -0.74 24.11
C HIS B 233 18.01 -0.60 24.66
N VAL B 234 18.75 -1.71 24.58
CA VAL B 234 20.11 -1.74 25.06
C VAL B 234 21.09 -2.09 23.93
N ILE B 235 22.00 -1.17 23.62
CA ILE B 235 23.14 -1.53 22.81
C ILE B 235 24.19 -2.25 23.72
N GLN B 236 24.61 -3.43 23.30
CA GLN B 236 25.35 -4.36 24.13
C GLN B 236 26.63 -4.74 23.36
N LYS B 237 27.79 -4.48 23.96
CA LYS B 237 29.06 -4.78 23.32
C LYS B 237 29.90 -5.63 24.28
N LEU B 238 30.33 -6.78 23.81
CA LEU B 238 31.13 -7.71 24.56
C LEU B 238 32.61 -7.68 24.07
N ASN B 239 33.56 -7.76 25.01
CA ASN B 239 34.97 -7.87 24.61
C ASN B 239 35.25 -9.29 24.10
N SER B 240 36.32 -9.47 23.35
CA SER B 240 36.65 -10.79 22.78
C SER B 240 37.04 -11.86 23.83
N ALA B 241 37.50 -11.41 25.00
CA ALA B 241 37.69 -12.30 26.17
C ALA B 241 36.36 -12.79 26.78
N LEU B 242 35.26 -12.08 26.49
CA LEU B 242 33.89 -12.41 26.93
C LEU B 242 33.66 -12.23 28.43
N ASP B 243 34.49 -11.40 29.07
CA ASP B 243 34.41 -11.19 30.51
C ASP B 243 34.09 -9.74 30.90
N HIS B 244 33.81 -8.89 29.92
CA HIS B 244 33.37 -7.54 30.19
C HIS B 244 32.43 -7.11 29.05
N ALA B 245 31.28 -6.52 29.41
CA ALA B 245 30.35 -6.01 28.44
C ALA B 245 30.10 -4.55 28.74
N ASP B 246 29.86 -3.79 27.68
CA ASP B 246 29.38 -2.43 27.76
C ASP B 246 27.93 -2.28 27.24
N LEU B 247 27.14 -1.54 28.02
CA LEU B 247 25.68 -1.42 27.87
C LEU B 247 25.35 0.03 27.71
N THR B 248 24.86 0.40 26.52
CA THR B 248 24.35 1.74 26.28
C THR B 248 22.81 1.72 26.18
N VAL B 249 22.13 2.21 27.21
CA VAL B 249 20.67 2.24 27.17
C VAL B 249 20.17 3.46 26.37
N LYS B 250 19.16 3.23 25.54
CA LYS B 250 18.53 4.30 24.75
C LYS B 250 17.03 4.11 24.85
N ALA B 251 16.30 5.20 25.12
CA ALA B 251 14.82 5.19 25.14
C ALA B 251 14.25 6.51 24.69
N ASP B 252 13.14 6.47 23.94
CA ASP B 252 12.49 7.69 23.48
C ASP B 252 11.43 8.17 24.46
N VAL B 253 11.35 9.48 24.64
CA VAL B 253 10.27 10.08 25.42
C VAL B 253 9.57 11.14 24.56
N ARG B 254 8.24 11.11 24.55
CA ARG B 254 7.42 11.99 23.74
C ARG B 254 6.38 12.65 24.64
N ASN B 255 6.47 13.98 24.73
CA ASN B 255 5.52 14.79 25.47
C ASN B 255 4.35 15.11 24.56
N ASP B 256 3.28 14.37 24.73
CA ASP B 256 2.05 14.53 23.96
C ASP B 256 1.03 15.53 24.57
N SER B 257 1.41 16.25 25.64
CA SER B 257 0.53 17.23 26.30
C SER B 257 0.73 18.62 25.74
N ALA B 258 -0.13 19.56 26.17
CA ALA B 258 -0.12 20.93 25.64
C ALA B 258 0.98 21.82 26.22
N ASN B 259 1.66 21.30 27.24
CA ASN B 259 2.68 22.04 27.99
C ASN B 259 4.02 21.35 28.06
N ALA B 260 5.07 22.17 28.14
CA ALA B 260 6.43 21.77 28.44
C ALA B 260 6.51 21.06 29.80
N VAL B 261 7.28 19.97 29.82
CA VAL B 261 7.50 19.19 31.04
C VAL B 261 8.96 18.89 31.23
N GLN B 262 9.27 18.37 32.40
CA GLN B 262 10.58 17.82 32.69
C GLN B 262 10.29 16.35 33.02
N THR B 263 11.00 15.43 32.38
CA THR B 263 10.79 14.01 32.64
C THR B 263 12.04 13.28 33.11
N THR B 264 11.84 12.40 34.09
CA THR B 264 12.89 11.52 34.57
C THR B 264 12.67 10.08 34.10
N VAL B 265 13.61 9.57 33.30
CA VAL B 265 13.65 8.19 32.85
C VAL B 265 14.63 7.44 33.73
N ALA B 266 14.12 6.54 34.57
CA ALA B 266 14.95 5.81 35.52
C ALA B 266 14.51 4.37 35.64
N GLY B 267 15.40 3.51 36.10
CA GLY B 267 15.08 2.10 36.37
C GLY B 267 16.36 1.29 36.43
N THR B 268 16.36 0.05 35.97
CA THR B 268 17.58 -0.78 36.08
C THR B 268 17.94 -1.36 34.71
N VAL B 269 19.22 -1.60 34.49
CA VAL B 269 19.67 -2.44 33.37
C VAL B 269 20.68 -3.45 33.92
N ALA B 270 20.37 -4.74 33.75
CA ALA B 270 21.21 -5.80 34.27
C ALA B 270 21.42 -5.67 35.81
N GLY B 271 20.43 -5.08 36.47
CA GLY B 271 20.49 -4.89 37.92
C GLY B 271 21.17 -3.60 38.39
N LYS B 272 21.66 -2.80 37.46
CA LYS B 272 22.42 -1.60 37.80
C LYS B 272 21.49 -0.41 37.64
N PRO B 273 21.45 0.51 38.64
CA PRO B 273 20.50 1.64 38.51
C PRO B 273 20.93 2.68 37.47
N ILE B 274 19.95 3.25 36.76
CA ILE B 274 20.18 4.26 35.72
C ILE B 274 19.13 5.35 35.87
N SER B 275 19.48 6.60 35.54
CA SER B 275 18.54 7.73 35.66
C SER B 275 19.00 8.89 34.82
N GLN B 276 18.10 9.40 33.95
CA GLN B 276 18.36 10.66 33.25
C GLN B 276 17.15 11.59 33.36
N THR B 277 17.40 12.90 33.31
CA THR B 277 16.31 13.88 33.38
C THR B 277 16.37 14.82 32.17
N VAL B 278 15.27 14.94 31.44
CA VAL B 278 15.26 15.82 30.27
C VAL B 278 14.02 16.69 30.23
N SER B 279 14.16 17.84 29.59
CA SER B 279 13.05 18.75 29.36
C SER B 279 12.51 18.45 27.98
N LEU B 280 11.17 18.45 27.89
CA LEU B 280 10.45 18.28 26.64
C LEU B 280 9.51 19.43 26.46
N ALA B 281 9.67 20.16 25.34
CA ALA B 281 8.66 21.13 24.92
C ALA B 281 7.34 20.41 24.59
N ALA B 282 6.24 21.14 24.57
CA ALA B 282 4.95 20.57 24.19
C ALA B 282 5.14 19.90 22.83
N LYS B 283 4.72 18.64 22.72
CA LYS B 283 4.81 17.86 21.47
C LYS B 283 6.23 17.40 21.03
N GLU B 284 7.23 17.57 21.90
CA GLU B 284 8.64 17.20 21.55
C GLU B 284 8.92 15.72 21.85
N ARG B 285 9.71 15.12 20.98
CA ARG B 285 10.23 13.77 21.17
C ARG B 285 11.75 13.84 21.27
N LYS B 286 12.28 13.19 22.30
CA LYS B 286 13.73 13.04 22.44
C LYS B 286 14.18 11.58 22.56
N THR B 287 15.35 11.26 22.01
CA THR B 287 16.07 10.05 22.37
C THR B 287 17.01 10.32 23.54
N VAL B 288 16.79 9.62 24.64
CA VAL B 288 17.67 9.64 25.80
C VAL B 288 18.72 8.52 25.67
N THR B 289 20.01 8.91 25.72
CA THR B 289 21.14 8.00 25.80
C THR B 289 21.68 8.07 27.23
N PHE B 290 21.62 6.93 27.92
CA PHE B 290 22.15 6.88 29.28
C PHE B 290 23.69 6.78 29.20
N PRO B 291 24.40 7.25 30.23
CA PRO B 291 25.85 7.04 30.27
C PRO B 291 26.13 5.53 30.30
N LEU B 292 27.21 5.17 29.63
CA LEU B 292 27.67 3.82 29.53
C LEU B 292 27.63 3.11 30.87
N VAL B 293 27.15 1.85 30.84
CA VAL B 293 27.15 0.95 32.01
C VAL B 293 28.05 -0.25 31.76
N GLY B 294 29.04 -0.43 32.64
CA GLY B 294 29.96 -1.57 32.58
C GLY B 294 29.42 -2.82 33.28
N LEU B 295 29.67 -3.98 32.69
CA LEU B 295 29.29 -5.22 33.33
C LEU B 295 30.46 -6.21 33.35
N ASP B 296 30.97 -6.53 34.55
CA ASP B 296 32.01 -7.57 34.69
C ASP B 296 31.51 -8.98 34.74
N ARG B 297 32.26 -9.88 34.10
CA ARG B 297 31.92 -11.29 33.99
C ARG B 297 30.39 -11.56 33.79
N PRO B 298 29.79 -10.94 32.73
CA PRO B 298 28.37 -11.06 32.40
C PRO B 298 28.00 -12.52 32.11
N ASN B 299 26.77 -12.92 32.43
CA ASN B 299 26.26 -14.23 32.01
C ASN B 299 25.92 -14.13 30.51
N VAL B 300 26.89 -14.59 29.71
CA VAL B 300 26.90 -14.49 28.25
C VAL B 300 25.87 -15.49 27.74
N TRP B 301 25.05 -15.05 26.79
CA TRP B 301 24.06 -15.91 26.13
C TRP B 301 24.80 -16.73 25.05
N TRP B 302 24.52 -18.06 25.04
CA TRP B 302 25.10 -19.00 24.07
C TRP B 302 24.06 -19.78 23.28
N PRO B 303 24.40 -20.22 22.04
CA PRO B 303 23.53 -21.20 21.37
C PRO B 303 23.41 -22.42 22.26
N ALA B 304 22.34 -23.21 22.04
CA ALA B 304 22.13 -24.45 22.78
C ALA B 304 23.38 -25.36 22.69
N GLY B 305 23.77 -25.88 23.85
CA GLY B 305 24.88 -26.83 23.89
C GLY B 305 26.23 -26.19 24.11
N MET B 306 26.30 -24.85 24.06
CA MET B 306 27.57 -24.15 24.23
C MET B 306 27.69 -23.38 25.56
N GLY B 307 26.60 -23.34 26.31
CA GLY B 307 26.52 -22.59 27.54
C GLY B 307 25.05 -22.28 27.85
N GLY B 308 24.83 -21.30 28.72
CA GLY B 308 23.48 -20.88 29.04
C GLY B 308 22.86 -19.91 28.06
N GLN B 309 21.60 -19.59 28.35
CA GLN B 309 20.72 -18.82 27.49
C GLN B 309 20.13 -17.65 28.25
N HIS B 310 20.97 -17.03 29.10
CA HIS B 310 20.56 -15.95 30.02
C HIS B 310 20.29 -14.64 29.27
N ARG B 311 19.22 -13.97 29.69
CA ARG B 311 18.92 -12.65 29.24
C ARG B 311 18.79 -11.78 30.46
N TYR B 312 19.29 -10.56 30.34
CA TYR B 312 19.09 -9.56 31.38
C TYR B 312 17.80 -8.78 31.13
N ASP B 313 17.38 -8.02 32.14
CA ASP B 313 16.20 -7.16 32.05
C ASP B 313 16.57 -5.70 31.89
N LEU B 314 15.79 -4.99 31.07
CA LEU B 314 15.74 -3.53 31.07
C LEU B 314 14.37 -3.13 31.59
N ASP B 315 14.36 -2.33 32.65
CA ASP B 315 13.13 -1.94 33.30
C ASP B 315 13.19 -0.41 33.48
N LEU B 316 12.27 0.29 32.81
CA LEU B 316 12.32 1.76 32.76
C LEU B 316 10.96 2.35 33.03
N THR B 317 10.97 3.45 33.76
CA THR B 317 9.80 4.31 33.97
C THR B 317 10.18 5.75 33.58
N ALA B 318 9.30 6.43 32.84
CA ALA B 318 9.37 7.87 32.66
C ALA B 318 8.35 8.52 33.63
N SER B 319 8.85 9.46 34.45
CA SER B 319 8.05 10.19 35.42
C SER B 319 7.96 11.66 35.10
N VAL B 320 6.81 12.24 35.41
CA VAL B 320 6.63 13.69 35.37
C VAL B 320 5.97 14.15 36.68
N GLY B 321 6.49 15.23 37.23
CA GLY B 321 6.01 15.76 38.50
C GLY B 321 6.01 14.79 39.68
N GLY B 322 6.86 13.77 39.64
CA GLY B 322 7.04 12.90 40.79
C GLY B 322 6.22 11.62 40.75
N THR B 323 5.39 11.48 39.72
CA THR B 323 4.62 10.25 39.51
C THR B 323 4.85 9.64 38.10
N PRO B 324 4.75 8.30 37.96
CA PRO B 324 5.01 7.63 36.69
C PRO B 324 4.00 8.02 35.62
N SER B 325 4.51 8.39 34.44
CA SER B 325 3.69 8.60 33.24
C SER B 325 3.60 7.29 32.41
N ASP B 326 4.76 6.66 32.13
CA ASP B 326 4.81 5.46 31.29
C ASP B 326 5.94 4.54 31.76
N ALA B 327 5.91 3.27 31.37
CA ALA B 327 6.92 2.32 31.78
C ALA B 327 7.10 1.26 30.71
N ALA B 328 8.26 0.61 30.70
CA ALA B 328 8.50 -0.52 29.80
C ALA B 328 9.54 -1.48 30.35
N LYS B 329 9.23 -2.78 30.31
CA LYS B 329 10.18 -3.82 30.64
C LYS B 329 10.52 -4.62 29.38
N SER B 330 11.82 -4.90 29.18
CA SER B 330 12.22 -5.77 28.07
C SER B 330 13.43 -6.60 28.45
N LYS B 331 13.82 -7.52 27.57
CA LYS B 331 14.99 -8.35 27.80
C LYS B 331 16.05 -8.12 26.71
N PHE B 332 17.28 -8.50 27.01
CA PHE B 332 18.37 -8.47 26.02
C PHE B 332 19.35 -9.58 26.41
N GLY B 333 20.04 -10.15 25.42
CA GLY B 333 21.17 -11.02 25.70
C GLY B 333 22.50 -10.33 25.47
N VAL B 334 23.51 -10.75 26.23
CA VAL B 334 24.90 -10.33 26.02
C VAL B 334 25.62 -11.42 25.18
N ARG B 335 25.88 -11.13 23.92
CA ARG B 335 26.18 -12.13 22.90
C ARG B 335 26.87 -11.28 21.82
N ASP B 336 27.96 -11.77 21.24
CA ASP B 336 28.49 -11.21 19.99
C ASP B 336 28.19 -12.15 18.81
N VAL B 337 27.75 -11.58 17.68
CA VAL B 337 27.71 -12.29 16.39
C VAL B 337 28.43 -11.56 15.23
N LYS B 338 29.17 -12.33 14.43
CA LYS B 338 29.74 -11.85 13.19
C LYS B 338 29.35 -12.81 12.07
N ALA B 339 29.24 -12.28 10.86
CA ALA B 339 29.04 -13.07 9.62
C ALA B 339 29.92 -12.44 8.54
N THR B 340 31.09 -13.04 8.30
CA THR B 340 32.00 -12.50 7.31
C THR B 340 32.35 -13.48 6.20
N LEU B 341 32.95 -12.96 5.14
CA LEU B 341 33.30 -13.78 3.97
C LEU B 341 34.66 -14.38 4.24
N ASN B 342 34.80 -15.70 4.07
CA ASN B 342 36.12 -16.35 4.27
C ASN B 342 37.04 -16.17 3.02
N SER B 343 38.27 -16.66 3.05
CA SER B 343 39.22 -16.53 1.92
C SER B 343 38.64 -17.09 0.61
N SER B 344 37.60 -17.95 0.73
CA SER B 344 36.95 -18.63 -0.41
C SER B 344 35.67 -17.94 -0.90
N GLY B 345 35.25 -16.87 -0.21
CA GLY B 345 34.02 -16.13 -0.54
C GLY B 345 32.73 -16.67 0.08
N GLY B 346 32.85 -17.59 1.01
CA GLY B 346 31.69 -18.09 1.75
C GLY B 346 31.42 -17.33 3.04
N ARG B 347 30.14 -17.12 3.35
CA ARG B 347 29.66 -16.48 4.57
C ARG B 347 29.83 -17.39 5.80
N GLN B 348 30.65 -16.92 6.75
CA GLN B 348 31.02 -17.66 7.95
C GLN B 348 30.49 -16.92 9.17
N TYR B 349 29.55 -17.54 9.87
CA TYR B 349 29.02 -16.99 11.09
C TYR B 349 29.88 -17.41 12.27
N SER B 350 29.95 -16.54 13.27
CA SER B 350 30.52 -16.90 14.56
C SER B 350 29.70 -16.26 15.65
N VAL B 351 29.56 -16.98 16.76
CA VAL B 351 28.90 -16.45 17.94
C VAL B 351 29.92 -16.43 19.09
N ASN B 352 30.08 -15.25 19.70
CA ASN B 352 31.01 -15.07 20.83
C ASN B 352 32.43 -15.49 20.47
N GLY B 353 32.84 -15.15 19.24
CA GLY B 353 34.15 -15.52 18.70
C GLY B 353 34.32 -16.98 18.30
N LYS B 354 33.23 -17.73 18.31
CA LYS B 354 33.29 -19.16 17.98
C LYS B 354 32.66 -19.41 16.62
N PRO B 355 33.49 -19.85 15.63
CA PRO B 355 32.86 -20.12 14.34
C PRO B 355 31.98 -21.36 14.48
N LEU B 356 30.91 -21.36 13.68
CA LEU B 356 29.91 -22.40 13.69
C LEU B 356 29.56 -22.78 12.25
N LEU B 357 29.34 -24.08 12.03
CA LEU B 357 28.63 -24.48 10.84
C LEU B 357 27.15 -24.24 11.09
N ILE B 358 26.50 -23.42 10.25
CA ILE B 358 25.04 -23.27 10.38
C ILE B 358 24.35 -24.55 9.87
N ARG B 359 23.65 -25.23 10.76
CA ARG B 359 22.88 -26.46 10.43
C ARG B 359 21.44 -26.20 10.81
N GLY B 360 20.58 -25.98 9.82
CA GLY B 360 19.21 -25.57 10.09
C GLY B 360 18.19 -25.94 9.05
N GLY B 361 17.02 -25.31 9.16
CA GLY B 361 15.90 -25.57 8.29
C GLY B 361 15.12 -24.28 8.09
N GLY B 362 14.39 -24.21 6.98
CA GLY B 362 13.49 -23.09 6.74
C GLY B 362 12.23 -23.28 7.56
N TYR B 363 11.99 -22.36 8.49
CA TYR B 363 10.79 -22.38 9.29
C TYR B 363 9.65 -21.61 8.60
N THR B 364 8.43 -22.12 8.72
CA THR B 364 7.20 -21.44 8.30
C THR B 364 6.12 -21.48 9.39
N PRO B 365 5.32 -20.40 9.52
CA PRO B 365 4.15 -20.49 10.37
C PRO B 365 3.06 -21.32 9.69
N ASP B 366 1.95 -21.51 10.39
CA ASP B 366 0.74 -22.07 9.85
C ASP B 366 0.24 -21.27 8.63
N LEU B 367 -0.40 -21.99 7.71
CA LEU B 367 -0.89 -21.44 6.44
C LEU B 367 -1.88 -20.27 6.61
N PHE B 368 -2.67 -20.32 7.68
CA PHE B 368 -3.66 -19.27 7.99
C PHE B 368 -3.17 -18.38 9.10
N LEU B 369 -1.85 -18.47 9.37
CA LEU B 369 -1.14 -17.67 10.40
C LEU B 369 -1.79 -17.78 11.78
N ARG B 370 -2.30 -18.97 12.10
CA ARG B 370 -2.91 -19.25 13.39
C ARG B 370 -1.80 -19.37 14.41
N TRP B 371 -1.88 -18.54 15.45
CA TRP B 371 -0.81 -18.48 16.43
C TRP B 371 -1.17 -19.23 17.71
N ASN B 372 -0.24 -20.05 18.16
CA ASN B 372 -0.36 -20.72 19.44
C ASN B 372 1.06 -20.74 20.00
N GLU B 373 1.25 -20.17 21.18
CA GLU B 373 2.57 -20.10 21.79
C GLU B 373 3.17 -21.48 22.18
N THR B 374 2.36 -22.38 22.72
CA THR B 374 2.77 -23.77 22.93
C THR B 374 3.22 -24.50 21.66
N ALA B 375 2.45 -24.34 20.57
CA ALA B 375 2.80 -24.92 19.27
C ALA B 375 4.12 -24.35 18.75
N ALA B 376 4.33 -23.03 18.91
CA ALA B 376 5.64 -22.40 18.61
C ALA B 376 6.81 -22.99 19.39
N ALA B 377 6.65 -23.16 20.72
CA ALA B 377 7.70 -23.76 21.56
C ALA B 377 7.97 -25.21 21.16
N ASP B 378 6.90 -26.00 20.91
CA ASP B 378 7.04 -27.39 20.48
C ASP B 378 7.84 -27.51 19.18
N LYS B 379 7.56 -26.63 18.24
CA LYS B 379 8.27 -26.60 16.95
C LYS B 379 9.76 -26.24 17.11
N LEU B 380 10.05 -25.21 17.94
CA LEU B 380 11.42 -24.88 18.29
C LEU B 380 12.18 -25.95 19.11
N LYS B 381 11.48 -26.64 19.99
CA LYS B 381 12.10 -27.80 20.69
C LYS B 381 12.44 -28.93 19.73
N TYR B 382 11.65 -29.14 18.66
CA TYR B 382 11.98 -30.13 17.62
C TYR B 382 13.32 -29.83 16.93
N VAL B 383 13.54 -28.56 16.60
CA VAL B 383 14.82 -28.10 16.05
C VAL B 383 15.97 -28.69 16.88
N LEU B 384 15.85 -28.56 18.20
CA LEU B 384 16.84 -29.09 19.14
C LEU B 384 16.82 -30.62 19.22
N ASN B 385 15.64 -31.25 19.20
CA ASN B 385 15.55 -32.70 19.15
C ASN B 385 16.30 -33.28 17.93
N LEU B 386 16.15 -32.58 16.80
CA LEU B 386 16.86 -32.88 15.52
C LEU B 386 18.37 -32.65 15.54
N GLY B 387 18.87 -31.85 16.51
CA GLY B 387 20.29 -31.50 16.63
C GLY B 387 20.70 -30.28 15.80
N LEU B 388 19.73 -29.58 15.25
CA LEU B 388 20.00 -28.39 14.42
C LEU B 388 20.31 -27.22 15.34
N ASN B 389 20.98 -26.20 14.79
CA ASN B 389 21.30 -25.01 15.58
C ASN B 389 20.54 -23.76 15.14
N THR B 390 19.81 -23.83 14.01
CA THR B 390 19.28 -22.62 13.35
C THR B 390 17.97 -22.84 12.58
N VAL B 391 17.06 -21.85 12.63
CA VAL B 391 15.96 -21.71 11.68
C VAL B 391 16.15 -20.43 10.83
N ARG B 392 15.81 -20.50 9.55
CA ARG B 392 15.76 -19.37 8.68
C ARG B 392 14.29 -19.04 8.54
N LEU B 393 13.95 -17.76 8.58
CA LEU B 393 12.60 -17.31 8.31
C LEU B 393 12.65 -16.47 7.04
N GLU B 394 12.23 -17.02 5.90
CA GLU B 394 12.17 -16.22 4.67
C GLU B 394 10.80 -15.53 4.61
N GLY B 395 10.74 -14.27 5.06
CA GLY B 395 9.49 -13.58 5.33
C GLY B 395 8.70 -14.25 6.45
N HIS B 396 7.40 -13.99 6.48
CA HIS B 396 6.49 -14.58 7.49
C HIS B 396 7.07 -14.40 8.93
N ILE B 397 7.76 -13.27 9.18
CA ILE B 397 8.49 -13.10 10.44
C ILE B 397 7.52 -13.15 11.64
N GLU B 398 7.81 -14.11 12.53
CA GLU B 398 6.86 -14.50 13.59
C GLU B 398 6.73 -13.41 14.65
N PRO B 399 5.62 -13.42 15.44
CA PRO B 399 5.42 -12.50 16.56
C PRO B 399 6.51 -12.64 17.63
N ASP B 400 6.57 -11.67 18.57
CA ASP B 400 7.69 -11.50 19.51
C ASP B 400 8.00 -12.74 20.32
N GLU B 401 6.95 -13.46 20.75
CA GLU B 401 7.08 -14.61 21.63
C GLU B 401 7.87 -15.73 20.95
N PHE B 402 7.81 -15.80 19.64
CA PHE B 402 8.58 -16.81 18.92
C PHE B 402 10.06 -16.57 19.14
N PHE B 403 10.49 -15.31 19.13
CA PHE B 403 11.93 -15.00 19.31
C PHE B 403 12.40 -15.13 20.76
N ASP B 404 11.48 -14.90 21.70
CA ASP B 404 11.72 -15.14 23.14
C ASP B 404 11.97 -16.57 23.41
N ILE B 405 11.21 -17.43 22.76
CA ILE B 405 11.31 -18.87 22.92
C ILE B 405 12.64 -19.33 22.38
N ALA B 406 12.95 -18.97 21.12
CA ALA B 406 14.28 -19.16 20.50
C ALA B 406 15.48 -18.72 21.36
N ASP B 407 15.40 -17.53 21.97
CA ASP B 407 16.38 -17.01 22.93
C ASP B 407 16.55 -17.95 24.13
N ASP B 408 15.41 -18.35 24.72
CA ASP B 408 15.37 -19.23 25.90
C ASP B 408 15.87 -20.60 25.61
N LEU B 409 15.67 -21.07 24.39
CA LEU B 409 16.09 -22.43 24.01
C LEU B 409 17.50 -22.44 23.41
N GLY B 410 17.97 -21.29 22.95
CA GLY B 410 19.31 -21.27 22.27
C GLY B 410 19.29 -21.61 20.77
N VAL B 411 18.13 -21.44 20.13
CA VAL B 411 18.02 -21.69 18.69
C VAL B 411 18.35 -20.36 17.97
N LEU B 412 19.26 -20.40 17.00
CA LEU B 412 19.59 -19.21 16.22
C LEU B 412 18.52 -19.03 15.16
N THR B 413 18.23 -17.79 14.83
CA THR B 413 17.21 -17.46 13.82
C THR B 413 17.84 -16.52 12.78
N MET B 414 17.51 -16.78 11.51
CA MET B 414 17.92 -15.92 10.42
C MET B 414 16.71 -15.31 9.72
N PRO B 415 16.14 -14.19 10.25
CA PRO B 415 15.00 -13.56 9.59
C PRO B 415 15.41 -12.76 8.33
N GLY B 416 14.44 -12.48 7.47
CA GLY B 416 14.66 -11.65 6.32
C GLY B 416 13.41 -11.55 5.49
N TRP B 417 13.51 -10.84 4.37
CA TRP B 417 12.39 -10.65 3.46
C TRP B 417 12.29 -11.89 2.54
N GLU B 418 11.11 -12.13 1.98
CA GLU B 418 10.89 -13.26 1.06
C GLU B 418 11.11 -12.90 -0.44
N CYS B 419 11.33 -13.93 -1.28
CA CYS B 419 11.45 -13.80 -2.73
C CYS B 419 10.08 -13.77 -3.43
N CYS B 420 10.11 -13.51 -4.74
CA CYS B 420 9.06 -13.92 -5.69
C CYS B 420 7.73 -13.22 -5.57
N ASP B 421 7.72 -12.04 -4.99
CA ASP B 421 6.45 -11.31 -4.85
C ASP B 421 6.77 -9.82 -4.73
N LYS B 422 5.93 -9.04 -4.07
CA LYS B 422 6.15 -7.59 -4.02
C LYS B 422 7.53 -7.11 -3.51
N TRP B 423 8.09 -7.73 -2.46
CA TRP B 423 9.38 -7.31 -1.86
C TRP B 423 10.53 -7.25 -2.86
N GLU B 424 10.54 -8.21 -3.78
CA GLU B 424 11.53 -8.29 -4.84
C GLU B 424 11.04 -7.84 -6.22
N GLY B 425 9.85 -7.27 -6.29
CA GLY B 425 9.23 -6.88 -7.54
C GLY B 425 9.93 -5.82 -8.34
N GLN B 426 10.69 -4.97 -7.65
CA GLN B 426 11.42 -3.90 -8.29
C GLN B 426 12.77 -4.36 -8.85
N VAL B 427 13.21 -5.56 -8.46
CA VAL B 427 14.48 -6.10 -8.89
C VAL B 427 14.32 -7.47 -9.56
N ASN B 428 13.12 -8.03 -9.48
CA ASN B 428 12.75 -9.41 -9.93
C ASN B 428 13.13 -9.68 -11.37
N GLY B 429 12.68 -8.81 -12.26
CA GLY B 429 12.49 -9.20 -13.67
C GLY B 429 11.02 -9.55 -13.85
N GLU B 430 10.75 -10.76 -14.35
CA GLU B 430 9.39 -11.08 -14.80
C GLU B 430 8.37 -11.28 -13.68
N GLY B 433 5.59 -10.37 -8.88
CA GLY B 433 5.94 -9.21 -8.04
C GLY B 433 5.85 -7.90 -8.79
N GLU B 434 5.02 -6.97 -8.30
CA GLU B 434 4.83 -5.70 -9.02
C GLU B 434 5.94 -4.66 -8.78
N PRO B 435 6.38 -3.96 -9.85
CA PRO B 435 7.42 -2.93 -9.77
C PRO B 435 7.00 -1.86 -8.78
N TRP B 436 7.96 -1.19 -8.17
CA TRP B 436 7.59 -0.29 -7.09
C TRP B 436 7.19 1.07 -7.66
N VAL B 437 6.16 1.66 -7.03
CA VAL B 437 5.75 3.02 -7.32
C VAL B 437 6.21 3.87 -6.12
N GLU B 438 6.24 5.19 -6.27
CA GLU B 438 6.82 6.04 -5.21
C GLU B 438 6.34 5.70 -3.77
N SER B 439 5.06 5.36 -3.62
CA SER B 439 4.52 5.16 -2.28
C SER B 439 5.02 3.86 -1.61
N ASP B 440 5.63 2.96 -2.39
CA ASP B 440 6.16 1.69 -1.87
C ASP B 440 7.40 1.86 -1.01
N TYR B 441 8.24 2.84 -1.37
CA TYR B 441 9.53 3.03 -0.73
C TYR B 441 9.47 3.35 0.77
N PRO B 442 8.59 4.31 1.19
CA PRO B 442 8.45 4.53 2.63
C PRO B 442 7.83 3.38 3.45
N ILE B 443 6.94 2.59 2.85
CA ILE B 443 6.39 1.41 3.51
C ILE B 443 7.45 0.33 3.73
N ALA B 444 8.26 0.06 2.71
CA ALA B 444 9.40 -0.86 2.81
C ALA B 444 10.40 -0.41 3.88
N LYS B 445 10.74 0.88 3.89
CA LYS B 445 11.71 1.38 4.85
C LYS B 445 11.11 1.40 6.27
N ALA B 446 9.84 1.78 6.39
CA ALA B 446 9.10 1.68 7.66
C ALA B 446 9.03 0.22 8.19
N SER B 447 8.73 -0.74 7.30
CA SER B 447 8.75 -2.19 7.61
C SER B 447 10.10 -2.64 8.20
N MET B 448 11.19 -2.28 7.54
CA MET B 448 12.54 -2.55 8.00
C MET B 448 12.85 -1.91 9.36
N PHE B 449 12.44 -0.66 9.57
CA PHE B 449 12.64 -0.02 10.85
C PHE B 449 11.87 -0.74 11.95
N SER B 450 10.58 -1.06 11.71
CA SER B 450 9.73 -1.71 12.73
C SER B 450 10.25 -3.08 13.05
N GLU B 451 10.64 -3.86 12.04
CA GLU B 451 11.31 -5.15 12.27
C GLU B 451 12.66 -5.06 13.02
N ALA B 452 13.57 -4.18 12.57
CA ALA B 452 14.86 -3.95 13.25
C ALA B 452 14.67 -3.60 14.73
N GLU B 453 13.67 -2.77 15.03
CA GLU B 453 13.33 -2.36 16.41
C GLU B 453 12.75 -3.51 17.28
N ARG B 454 11.93 -4.37 16.68
CA ARG B 454 11.50 -5.60 17.29
C ARG B 454 12.62 -6.65 17.54
N LEU B 455 13.57 -6.75 16.62
CA LEU B 455 14.49 -7.89 16.57
C LEU B 455 15.82 -7.65 17.24
N ARG B 456 16.23 -6.38 17.28
CA ARG B 456 17.57 -5.99 17.75
C ARG B 456 17.96 -6.53 19.15
N ASP B 457 17.00 -6.75 20.02
CA ASP B 457 17.39 -7.13 21.39
C ASP B 457 17.19 -8.64 21.68
N HIS B 458 16.96 -9.44 20.63
CA HIS B 458 16.88 -10.90 20.73
C HIS B 458 18.22 -11.52 20.36
N PRO B 459 18.92 -12.17 21.32
CA PRO B 459 20.24 -12.76 21.06
C PRO B 459 20.26 -13.92 20.06
N SER B 460 19.11 -14.60 19.88
CA SER B 460 18.94 -15.65 18.90
C SER B 460 19.07 -15.17 17.41
N VAL B 461 18.73 -13.91 17.15
CA VAL B 461 18.86 -13.33 15.80
C VAL B 461 20.36 -13.16 15.46
N ILE B 462 20.81 -13.77 14.37
CA ILE B 462 22.24 -13.71 13.96
C ILE B 462 22.49 -12.84 12.69
N SER B 463 21.40 -12.45 12.02
CA SER B 463 21.48 -11.63 10.80
C SER B 463 20.08 -11.22 10.35
N PHE B 464 20.03 -10.30 9.38
CA PHE B 464 18.84 -10.01 8.57
C PHE B 464 19.18 -10.07 7.04
N HIS B 465 18.34 -10.79 6.28
CA HIS B 465 18.43 -10.84 4.82
C HIS B 465 17.55 -9.75 4.27
N ILE B 466 18.21 -8.74 3.72
CA ILE B 466 17.45 -7.65 3.07
C ILE B 466 17.05 -8.02 1.62
N GLY B 467 17.42 -9.22 1.21
CA GLY B 467 17.13 -9.70 -0.11
C GLY B 467 17.18 -11.21 -0.04
N SER B 468 16.57 -11.85 -1.01
CA SER B 468 16.53 -13.30 -1.03
C SER B 468 17.18 -14.14 -2.16
N GLU B 469 16.50 -14.64 -3.18
CA GLU B 469 16.56 -14.25 -4.59
C GLU B 469 17.43 -13.21 -5.25
N PHE B 470 16.93 -11.99 -5.30
CA PHE B 470 17.66 -10.89 -5.84
C PHE B 470 18.00 -9.96 -4.70
N ALA B 471 19.22 -9.45 -4.70
CA ALA B 471 19.62 -8.37 -3.82
C ALA B 471 18.84 -7.09 -4.18
N PRO B 472 18.59 -6.21 -3.18
CA PRO B 472 17.96 -4.91 -3.49
C PRO B 472 18.87 -4.03 -4.37
N ASP B 473 18.27 -3.10 -5.12
CA ASP B 473 19.03 -2.08 -5.83
C ASP B 473 19.52 -1.02 -4.81
N ARG B 474 20.24 -0.01 -5.30
CA ARG B 474 20.89 0.94 -4.39
C ARG B 474 19.90 1.71 -3.57
N ARG B 475 18.88 2.24 -4.25
CA ARG B 475 17.80 2.98 -3.59
C ARG B 475 17.11 2.18 -2.46
N ILE B 476 16.75 0.94 -2.76
CA ILE B 476 16.01 0.12 -1.81
C ILE B 476 16.95 -0.26 -0.65
N GLU B 477 18.18 -0.63 -0.98
CA GLU B 477 19.14 -1.05 0.01
C GLU B 477 19.56 0.06 0.98
N GLN B 478 19.77 1.27 0.45
CA GLN B 478 20.16 2.40 1.28
C GLN B 478 19.02 2.72 2.25
N GLY B 479 17.77 2.58 1.78
CA GLY B 479 16.59 2.68 2.65
C GLY B 479 16.63 1.68 3.83
N TYR B 480 16.98 0.43 3.55
CA TYR B 480 17.01 -0.64 4.56
C TYR B 480 18.15 -0.40 5.55
N LEU B 481 19.30 -0.07 5.02
CA LEU B 481 20.49 0.26 5.80
C LEU B 481 20.25 1.46 6.71
N ASP B 482 19.57 2.49 6.18
CA ASP B 482 19.24 3.69 6.97
C ASP B 482 18.25 3.40 8.11
N ALA B 483 17.23 2.57 7.83
CA ALA B 483 16.25 2.10 8.83
C ALA B 483 16.96 1.32 9.97
N MET B 484 17.83 0.37 9.60
CA MET B 484 18.58 -0.42 10.57
C MET B 484 19.51 0.44 11.41
N LYS B 485 20.07 1.48 10.78
CA LYS B 485 20.94 2.44 11.47
C LYS B 485 20.17 3.26 12.51
N ALA B 486 19.05 3.85 12.09
CA ALA B 486 18.15 4.54 13.00
C ALA B 486 17.69 3.63 14.18
N ALA B 487 17.60 2.31 13.94
CA ALA B 487 17.09 1.38 14.93
C ALA B 487 18.19 0.79 15.82
N ASP B 488 19.44 1.18 15.59
CA ASP B 488 20.60 0.58 16.25
C ASP B 488 20.59 -0.95 16.07
N PHE B 489 20.10 -1.41 14.91
CA PHE B 489 20.21 -2.82 14.54
C PHE B 489 21.65 -3.07 14.07
N LEU B 490 22.41 -3.80 14.87
CA LEU B 490 23.84 -3.90 14.59
C LEU B 490 24.26 -5.29 14.11
N LEU B 491 23.29 -6.12 13.78
CA LEU B 491 23.56 -7.50 13.33
C LEU B 491 23.98 -7.53 11.87
N PRO B 492 24.69 -8.60 11.44
CA PRO B 492 25.11 -8.76 10.04
C PRO B 492 23.95 -8.62 9.06
N VAL B 493 24.17 -7.83 8.02
CA VAL B 493 23.19 -7.67 6.94
C VAL B 493 23.64 -8.52 5.77
N ILE B 494 22.77 -9.44 5.35
CA ILE B 494 23.09 -10.27 4.20
C ILE B 494 22.26 -9.81 2.99
N PRO B 495 22.94 -9.37 1.90
CA PRO B 495 22.24 -8.79 0.74
C PRO B 495 21.32 -9.77 -0.02
N ALA B 496 21.66 -11.07 -0.02
CA ALA B 496 20.82 -12.10 -0.64
C ALA B 496 21.16 -13.47 -0.05
N ALA B 497 20.28 -14.44 -0.29
CA ALA B 497 20.49 -15.84 0.02
C ALA B 497 21.01 -16.58 -1.23
N SER B 498 20.91 -15.94 -2.40
CA SER B 498 21.61 -16.37 -3.60
C SER B 498 23.04 -15.76 -3.63
N ALA B 499 23.82 -16.11 -4.65
CA ALA B 499 25.15 -15.52 -4.89
C ALA B 499 25.18 -14.08 -5.47
N ARG B 500 23.98 -13.47 -5.62
CA ARG B 500 23.84 -12.10 -6.17
C ARG B 500 24.25 -11.02 -5.15
N PRO B 501 25.15 -10.11 -5.57
CA PRO B 501 25.56 -9.02 -4.69
C PRO B 501 24.60 -7.81 -4.75
N SER B 502 24.67 -6.96 -3.72
CA SER B 502 23.96 -5.68 -3.69
C SER B 502 25.00 -4.56 -3.90
N PRO B 503 24.56 -3.38 -4.40
CA PRO B 503 25.56 -2.32 -4.63
C PRO B 503 26.33 -1.86 -3.38
N ILE B 504 25.69 -1.81 -2.22
CA ILE B 504 26.35 -1.23 -1.04
C ILE B 504 26.98 -2.29 -0.17
N THR B 505 26.20 -3.27 0.28
CA THR B 505 26.67 -4.30 1.19
C THR B 505 27.65 -5.25 0.51
N GLY B 506 27.46 -5.52 -0.79
CA GLY B 506 28.43 -6.31 -1.53
C GLY B 506 28.09 -7.77 -1.64
N ALA B 507 29.12 -8.61 -1.65
CA ALA B 507 28.93 -10.06 -1.92
C ALA B 507 28.03 -10.69 -0.85
N SER B 508 27.21 -11.67 -1.21
CA SER B 508 26.36 -12.34 -0.19
C SER B 508 27.09 -13.46 0.64
N GLY B 509 28.01 -14.16 -0.01
CA GLY B 509 28.65 -15.36 0.57
C GLY B 509 27.77 -16.61 0.65
N MET B 510 26.65 -16.57 -0.07
CA MET B 510 25.67 -17.64 -0.03
C MET B 510 25.39 -18.16 -1.46
N LYS B 511 24.74 -19.31 -1.58
CA LYS B 511 24.33 -19.79 -2.89
C LYS B 511 22.90 -20.36 -2.85
N MET B 512 22.24 -20.20 -3.99
CA MET B 512 20.93 -20.74 -4.25
C MET B 512 20.89 -21.42 -5.64
N ASN B 513 21.66 -22.50 -5.78
CA ASN B 513 21.84 -23.24 -7.04
C ASN B 513 20.88 -24.45 -7.15
N GLY B 514 19.95 -24.59 -6.20
CA GLY B 514 19.15 -25.80 -6.07
C GLY B 514 20.02 -26.89 -5.45
N PRO B 515 19.51 -28.14 -5.35
CA PRO B 515 18.18 -28.63 -5.77
C PRO B 515 16.96 -28.33 -4.85
N TYR B 516 15.76 -28.63 -5.36
CA TYR B 516 14.50 -28.51 -4.61
C TYR B 516 13.69 -29.72 -4.89
N ASP B 517 14.28 -30.65 -5.63
CA ASP B 517 13.60 -31.88 -5.95
C ASP B 517 14.65 -32.99 -6.12
N TYR B 518 14.20 -34.18 -6.50
CA TYR B 518 15.07 -35.36 -6.30
C TYR B 518 16.47 -35.30 -6.92
N VAL B 519 17.46 -35.55 -6.08
CA VAL B 519 18.84 -35.85 -6.45
C VAL B 519 19.25 -36.96 -5.50
N PRO B 520 20.17 -37.85 -5.97
CA PRO B 520 20.67 -38.98 -5.21
C PRO B 520 21.63 -38.57 -4.09
N PRO B 521 21.82 -39.43 -3.05
CA PRO B 521 22.68 -39.05 -1.89
C PRO B 521 24.08 -38.52 -2.22
N VAL B 522 24.78 -39.13 -3.19
CA VAL B 522 26.13 -38.69 -3.57
C VAL B 522 26.18 -37.22 -4.13
N TYR B 523 25.06 -36.70 -4.62
CA TYR B 523 25.04 -35.33 -5.19
C TYR B 523 25.64 -34.30 -4.21
N TRP B 524 25.28 -34.47 -2.92
CA TRP B 524 25.60 -33.52 -1.86
C TRP B 524 27.09 -33.42 -1.61
N TYR B 525 27.79 -34.50 -1.98
CA TYR B 525 29.23 -34.59 -1.80
C TYR B 525 30.06 -33.97 -2.92
N ASP B 526 29.40 -33.42 -3.95
CA ASP B 526 30.10 -32.77 -5.06
C ASP B 526 30.66 -31.42 -4.69
N LYS B 527 31.90 -31.18 -5.11
CA LYS B 527 32.53 -29.85 -5.02
C LYS B 527 33.02 -29.36 -6.41
N SER B 528 32.85 -30.19 -7.44
CA SER B 528 33.34 -29.90 -8.83
C SER B 528 32.45 -28.96 -9.64
N GLN B 529 31.15 -28.95 -9.35
CA GLN B 529 30.21 -28.16 -10.15
C GLN B 529 29.92 -26.86 -9.41
N LYS B 530 30.42 -25.73 -9.93
CA LYS B 530 30.25 -24.41 -9.27
C LYS B 530 28.85 -23.81 -9.43
N ASP B 531 28.03 -24.42 -10.28
CA ASP B 531 26.64 -24.03 -10.49
C ASP B 531 25.61 -24.87 -9.72
N ARG B 532 26.06 -25.78 -8.87
CA ARG B 532 25.15 -26.74 -8.28
C ARG B 532 25.16 -26.64 -6.76
N GLY B 533 24.40 -27.51 -6.07
CA GLY B 533 24.22 -27.42 -4.64
C GLY B 533 25.01 -28.34 -3.70
N GLY B 534 26.21 -28.80 -4.12
CA GLY B 534 27.05 -29.66 -3.26
C GLY B 534 27.47 -28.97 -1.95
N ALA B 535 28.07 -29.75 -1.03
CA ALA B 535 28.54 -29.22 0.26
C ALA B 535 29.74 -28.27 0.11
N TRP B 536 29.45 -26.99 -0.14
CA TRP B 536 30.48 -25.95 -0.22
C TRP B 536 29.80 -24.56 -0.22
N SER B 537 30.47 -23.54 0.34
CA SER B 537 29.86 -22.22 0.57
C SER B 537 28.62 -22.32 1.49
N PHE B 538 27.74 -21.30 1.51
CA PHE B 538 26.53 -21.29 2.36
C PHE B 538 25.29 -21.66 1.56
N ASN B 539 24.84 -22.89 1.76
CA ASN B 539 23.65 -23.39 1.13
C ASN B 539 22.39 -22.88 1.90
N SER B 540 21.82 -21.76 1.42
CA SER B 540 20.72 -21.06 2.09
C SER B 540 19.31 -21.70 2.03
N GLU B 541 19.11 -22.68 1.13
CA GLU B 541 17.81 -23.36 1.00
C GLU B 541 17.86 -24.45 -0.03
N THR B 542 17.92 -25.70 0.41
CA THR B 542 18.06 -26.79 -0.53
C THR B 542 17.56 -28.10 0.07
N SER B 543 16.90 -28.90 -0.77
CA SER B 543 16.48 -30.26 -0.38
C SER B 543 16.35 -31.10 -1.63
N ALA B 544 16.03 -32.38 -1.48
CA ALA B 544 15.76 -33.27 -2.59
C ALA B 544 14.25 -33.52 -2.70
N GLY B 545 13.46 -32.62 -2.13
CA GLY B 545 12.08 -32.44 -2.56
C GLY B 545 11.03 -33.08 -1.69
N VAL B 546 10.40 -34.12 -2.28
CA VAL B 546 9.32 -34.86 -1.66
C VAL B 546 9.72 -35.50 -0.31
N ASP B 547 8.81 -35.36 0.66
CA ASP B 547 8.96 -35.87 2.01
C ASP B 547 7.60 -36.39 2.44
N ILE B 548 7.27 -37.61 2.00
CA ILE B 548 6.02 -38.30 2.36
C ILE B 548 5.94 -38.47 3.88
N PRO B 549 4.87 -37.96 4.50
CA PRO B 549 4.75 -38.14 5.92
C PRO B 549 4.42 -39.58 6.31
N THR B 550 4.32 -39.84 7.60
CA THR B 550 4.00 -41.15 8.12
C THR B 550 2.61 -41.50 7.67
N MET B 551 2.31 -42.81 7.68
CA MET B 551 0.99 -43.31 7.29
C MET B 551 -0.11 -42.70 8.13
N ASP B 552 0.17 -42.49 9.41
CA ASP B 552 -0.81 -41.89 10.33
C ASP B 552 -1.28 -40.49 9.88
N THR B 553 -0.34 -39.68 9.40
CA THR B 553 -0.63 -38.33 8.90
C THR B 553 -1.29 -38.35 7.51
N LEU B 554 -0.73 -39.20 6.63
CA LEU B 554 -1.33 -39.51 5.33
C LEU B 554 -2.84 -39.75 5.40
N LYS B 555 -3.27 -40.52 6.41
CA LYS B 555 -4.66 -40.93 6.54
C LYS B 555 -5.58 -39.80 7.01
N ARG B 556 -4.98 -38.80 7.64
CA ARG B 556 -5.68 -37.59 8.12
C ARG B 556 -5.78 -36.51 7.04
N MET B 557 -4.92 -36.59 6.03
CA MET B 557 -4.76 -35.49 5.04
C MET B 557 -5.30 -35.79 3.64
N MET B 558 -5.48 -37.07 3.32
CA MET B 558 -5.81 -37.50 1.96
C MET B 558 -6.78 -38.68 2.02
N SER B 559 -7.65 -38.74 1.01
CA SER B 559 -8.64 -39.84 0.91
C SER B 559 -7.92 -41.06 0.40
N ALA B 560 -8.57 -42.22 0.48
CA ALA B 560 -8.01 -43.47 0.00
C ALA B 560 -7.74 -43.43 -1.49
N SER B 561 -8.60 -42.78 -2.28
CA SER B 561 -8.36 -42.68 -3.71
C SER B 561 -7.18 -41.75 -4.10
N GLU B 562 -7.06 -40.60 -3.42
CA GLU B 562 -5.86 -39.75 -3.57
C GLU B 562 -4.59 -40.49 -3.21
N LEU B 563 -4.63 -41.25 -2.12
CA LEU B 563 -3.49 -42.06 -1.71
C LEU B 563 -3.20 -43.17 -2.73
N ASP B 564 -4.28 -43.78 -3.24
CA ASP B 564 -4.17 -44.80 -4.28
C ASP B 564 -3.49 -44.27 -5.53
N THR B 565 -3.90 -43.06 -5.93
CA THR B 565 -3.35 -42.36 -7.12
C THR B 565 -1.91 -42.00 -6.87
N MET B 566 -1.60 -41.57 -5.66
CA MET B 566 -0.23 -41.16 -5.29
C MET B 566 0.85 -42.23 -5.59
N TRP B 567 0.62 -43.48 -5.17
CA TRP B 567 1.63 -44.54 -5.38
C TRP B 567 1.62 -45.18 -6.78
N LYS B 568 0.42 -45.35 -7.35
CA LYS B 568 0.24 -45.90 -8.70
C LYS B 568 0.69 -44.93 -9.77
N ASN B 569 0.49 -43.64 -9.53
CA ASN B 569 0.91 -42.61 -10.50
C ASN B 569 1.48 -41.36 -9.82
N PRO B 570 2.77 -41.40 -9.41
CA PRO B 570 3.42 -40.21 -8.80
C PRO B 570 3.47 -39.00 -9.75
N SER B 571 3.34 -39.25 -11.05
CA SER B 571 3.23 -38.16 -12.02
C SER B 571 1.96 -37.34 -11.92
N ALA B 572 0.93 -37.87 -11.27
CA ALA B 572 -0.29 -37.12 -11.09
C ALA B 572 -0.09 -35.91 -10.14
N LYS B 573 -0.80 -34.83 -10.47
CA LYS B 573 -0.87 -33.64 -9.65
C LYS B 573 -1.34 -33.93 -8.23
N GLN B 574 -0.68 -33.30 -7.27
CA GLN B 574 -1.12 -33.45 -5.88
C GLN B 574 -1.41 -32.11 -5.23
N TYR B 575 -2.66 -31.91 -4.81
CA TYR B 575 -3.04 -30.69 -4.14
C TYR B 575 -2.13 -30.40 -2.91
N HIS B 576 -1.78 -31.44 -2.14
CA HIS B 576 -0.90 -31.29 -0.95
C HIS B 576 0.58 -31.26 -1.22
N ARG B 577 0.95 -31.06 -2.48
CA ARG B 577 2.32 -30.66 -2.75
C ARG B 577 2.34 -29.13 -2.94
N SER B 578 2.20 -28.66 -4.19
CA SER B 578 2.43 -27.26 -4.50
C SER B 578 1.49 -26.72 -5.58
N SER B 579 1.17 -25.42 -5.49
CA SER B 579 0.50 -24.66 -6.56
C SER B 579 1.42 -24.41 -7.78
N SER B 580 2.73 -24.49 -7.58
CA SER B 580 3.76 -24.44 -8.63
C SER B 580 3.64 -25.61 -9.63
N ASP B 581 3.75 -25.34 -10.93
CA ASP B 581 3.76 -26.42 -11.95
C ASP B 581 5.02 -27.29 -11.82
N THR B 582 6.13 -26.65 -11.43
CA THR B 582 7.43 -27.31 -11.33
C THR B 582 7.34 -28.38 -10.22
N PHE B 583 6.57 -28.12 -9.17
CA PHE B 583 6.48 -28.99 -7.99
C PHE B 583 5.04 -29.42 -7.75
N GLY B 584 4.27 -29.54 -8.82
CA GLY B 584 2.85 -29.92 -8.66
C GLY B 584 2.62 -31.42 -8.55
N ASN B 585 3.63 -32.23 -8.90
CA ASN B 585 3.53 -33.68 -8.80
C ASN B 585 4.76 -34.31 -8.12
N LEU B 586 4.78 -35.65 -8.05
CA LEU B 586 5.84 -36.44 -7.36
C LEU B 586 6.63 -37.29 -8.35
N LYS B 587 6.69 -36.83 -9.59
CA LYS B 587 7.23 -37.59 -10.69
C LYS B 587 8.72 -37.94 -10.52
N LEU B 588 9.56 -36.93 -10.33
CA LEU B 588 10.99 -37.10 -10.17
C LEU B 588 11.30 -38.07 -9.00
N PHE B 589 10.58 -37.90 -7.89
CA PHE B 589 10.73 -38.72 -6.71
C PHE B 589 10.30 -40.17 -6.92
N GLY B 590 9.16 -40.39 -7.57
CA GLY B 590 8.57 -41.72 -7.73
C GLY B 590 9.35 -42.54 -8.72
N ASP B 591 9.85 -41.90 -9.78
CA ASP B 591 10.77 -42.52 -10.73
C ASP B 591 12.10 -43.01 -10.12
N ALA B 592 12.75 -42.17 -9.31
CA ALA B 592 13.94 -42.55 -8.59
C ALA B 592 13.62 -43.60 -7.49
N LEU B 593 12.50 -43.47 -6.82
CA LEU B 593 12.10 -44.51 -5.88
C LEU B 593 11.99 -45.89 -6.60
N THR B 594 11.23 -45.90 -7.69
CA THR B 594 11.06 -47.09 -8.51
C THR B 594 12.42 -47.61 -8.98
N LYS B 595 13.24 -46.75 -9.56
CA LYS B 595 14.53 -47.23 -10.10
C LYS B 595 15.51 -47.67 -9.04
N ARG B 596 15.39 -47.14 -7.83
CA ARG B 596 16.42 -47.37 -6.81
C ARG B 596 16.33 -48.47 -5.69
N TYR B 597 15.43 -48.48 -4.72
CA TYR B 597 14.18 -49.16 -4.42
C TYR B 597 13.39 -50.31 -5.08
N GLY B 598 13.02 -50.26 -6.37
CA GLY B 598 12.13 -51.28 -6.92
C GLY B 598 10.69 -50.76 -6.96
N ALA B 599 9.95 -51.10 -8.01
CA ALA B 599 8.55 -50.70 -8.14
C ALA B 599 7.74 -50.99 -6.87
N SER B 600 6.81 -50.10 -6.52
CA SER B 600 5.95 -50.31 -5.36
C SER B 600 4.83 -51.30 -5.66
N ALA B 601 4.63 -52.22 -4.70
CA ALA B 601 3.64 -53.28 -4.80
C ALA B 601 2.25 -52.83 -4.39
N ASN B 602 2.21 -51.74 -3.61
CA ASN B 602 1.00 -51.20 -2.97
C ASN B 602 1.40 -49.90 -2.26
N LEU B 603 0.44 -49.29 -1.57
CA LEU B 603 0.62 -48.05 -0.80
C LEU B 603 1.66 -48.18 0.33
N ASN B 604 1.51 -49.22 1.17
CA ASN B 604 2.45 -49.50 2.26
C ASN B 604 3.87 -49.65 1.77
N ASP B 605 4.03 -50.30 0.60
CA ASP B 605 5.34 -50.49 -0.01
C ASP B 605 5.97 -49.15 -0.40
N PHE B 606 5.13 -48.26 -0.94
CA PHE B 606 5.56 -46.99 -1.48
C PHE B 606 6.06 -46.14 -0.31
N VAL B 607 5.23 -46.06 0.71
CA VAL B 607 5.47 -45.30 1.92
C VAL B 607 6.69 -45.78 2.72
N ARG B 608 6.88 -47.10 2.80
CA ARG B 608 7.98 -47.70 3.52
C ARG B 608 9.29 -47.40 2.77
N LYS B 609 9.24 -47.38 1.43
CA LYS B 609 10.45 -47.11 0.65
C LYS B 609 10.71 -45.62 0.62
N ALA B 610 9.64 -44.81 0.60
CA ALA B 610 9.77 -43.36 0.73
C ALA B 610 10.52 -42.96 2.02
N GLN B 611 10.24 -43.66 3.13
CA GLN B 611 10.92 -43.34 4.42
C GLN B 611 12.40 -43.60 4.37
N LEU B 612 12.78 -44.71 3.76
CA LEU B 612 14.17 -45.05 3.57
C LEU B 612 14.88 -44.06 2.68
N SER B 613 14.25 -43.75 1.54
CA SER B 613 14.76 -42.76 0.62
C SER B 613 14.94 -41.36 1.27
N GLN B 614 13.96 -40.94 2.07
CA GLN B 614 14.03 -39.64 2.76
C GLN B 614 15.13 -39.54 3.79
N TYR B 615 15.20 -40.58 4.61
CA TYR B 615 16.23 -40.77 5.63
C TYR B 615 17.61 -40.77 5.01
N GLU B 616 17.79 -41.67 4.05
CA GLU B 616 19.03 -41.77 3.27
C GLU B 616 19.52 -40.44 2.68
N ASN B 617 18.61 -39.71 2.06
CA ASN B 617 18.94 -38.45 1.40
C ASN B 617 19.16 -37.30 2.35
N VAL B 618 18.23 -37.10 3.29
CA VAL B 618 18.33 -36.02 4.29
C VAL B 618 19.59 -36.20 5.13
N ARG B 619 19.89 -37.45 5.51
CA ARG B 619 21.16 -37.79 6.17
C ARG B 619 22.41 -37.39 5.35
N ALA B 620 22.49 -37.87 4.12
CA ALA B 620 23.58 -37.45 3.21
C ALA B 620 23.66 -35.92 3.02
N GLU B 621 22.52 -35.25 2.88
CA GLU B 621 22.56 -33.77 2.69
C GLU B 621 23.33 -33.09 3.88
N PHE B 622 22.92 -33.41 5.10
CA PHE B 622 23.55 -32.91 6.32
C PHE B 622 24.94 -33.43 6.58
N GLU B 623 25.16 -34.73 6.45
CA GLU B 623 26.50 -35.28 6.69
C GLU B 623 27.61 -34.70 5.82
N SER B 624 27.29 -34.48 4.55
CA SER B 624 28.25 -33.91 3.61
C SER B 624 28.71 -32.52 4.02
N HIS B 625 27.77 -31.69 4.46
CA HIS B 625 28.06 -30.31 4.86
C HIS B 625 28.81 -30.24 6.19
N SER B 626 28.51 -31.14 7.13
CA SER B 626 29.31 -31.28 8.37
C SER B 626 30.78 -31.64 8.07
N ARG B 627 30.99 -32.57 7.14
CA ARG B 627 32.35 -33.03 6.82
C ARG B 627 33.17 -31.92 6.16
N ASN B 628 32.54 -31.23 5.20
CA ASN B 628 33.26 -30.28 4.35
C ASN B 628 33.47 -28.94 5.02
N TYR B 629 33.03 -28.83 6.28
CA TYR B 629 33.08 -27.57 7.02
C TYR B 629 34.53 -27.20 7.38
N THR B 630 35.37 -28.22 7.55
CA THR B 630 36.78 -28.03 7.89
C THR B 630 37.71 -28.16 6.68
N ASP B 631 37.15 -28.14 5.46
CA ASP B 631 37.98 -28.04 4.26
C ASP B 631 38.78 -26.74 4.24
N SER B 632 40.06 -26.83 3.84
CA SER B 632 40.93 -25.67 3.65
C SER B 632 40.45 -24.70 2.56
N THR B 633 39.85 -25.27 1.51
CA THR B 633 39.43 -24.53 0.34
C THR B 633 37.95 -24.82 0.13
N ASN B 634 37.19 -23.76 0.00
CA ASN B 634 35.78 -23.90 -0.25
C ASN B 634 35.03 -24.75 0.76
N PRO B 635 35.15 -24.43 2.06
CA PRO B 635 34.38 -25.30 2.95
C PRO B 635 32.90 -25.02 2.79
N SER B 636 32.08 -25.98 3.23
CA SER B 636 30.68 -25.67 3.52
C SER B 636 30.63 -24.80 4.79
N THR B 637 29.82 -23.74 4.78
CA THR B 637 29.75 -22.82 5.90
C THR B 637 28.34 -22.75 6.45
N GLY B 638 27.39 -23.32 5.72
CA GLY B 638 26.02 -23.27 6.12
C GLY B 638 25.14 -24.17 5.35
N LEU B 639 24.11 -24.68 6.02
CA LEU B 639 23.08 -25.48 5.33
C LEU B 639 21.73 -25.22 5.96
N ILE B 640 20.79 -24.78 5.13
CA ILE B 640 19.40 -24.64 5.52
C ILE B 640 18.57 -25.63 4.66
N TYR B 641 18.11 -26.69 5.31
CA TYR B 641 17.21 -27.68 4.70
C TYR B 641 15.88 -27.02 4.31
N TRP B 642 15.47 -27.24 3.07
CA TRP B 642 14.20 -26.77 2.57
C TRP B 642 13.15 -27.88 2.59
N MET B 643 12.22 -27.87 3.57
CA MET B 643 12.16 -26.91 4.71
C MET B 643 12.12 -27.67 6.04
N LEU B 644 12.15 -26.97 7.18
CA LEU B 644 12.03 -27.63 8.49
C LEU B 644 10.65 -28.25 8.63
N ASN B 645 9.64 -27.49 8.20
CA ASN B 645 8.27 -27.87 8.40
C ASN B 645 7.45 -27.23 7.26
N SER B 646 6.16 -27.51 7.24
CA SER B 646 5.25 -27.03 6.19
C SER B 646 4.17 -26.12 6.81
N PRO B 647 3.58 -25.21 6.01
CA PRO B 647 2.46 -24.43 6.54
C PRO B 647 1.19 -25.27 6.83
N TRP B 648 1.15 -26.49 6.30
CA TRP B 648 -0.06 -27.30 6.37
C TRP B 648 0.31 -28.77 6.14
N THR B 649 -0.70 -29.61 5.92
CA THR B 649 -0.46 -31.00 5.56
C THR B 649 0.18 -31.12 4.16
N SER B 650 1.36 -31.69 4.12
CA SER B 650 2.16 -31.55 2.91
C SER B 650 2.82 -32.85 2.52
N LEU B 651 3.17 -32.92 1.24
CA LEU B 651 3.90 -34.05 0.67
C LEU B 651 5.37 -33.73 0.39
N HIS B 652 5.82 -32.50 0.67
CA HIS B 652 7.23 -32.14 0.36
C HIS B 652 7.85 -31.16 1.34
N TRP B 653 9.16 -30.95 1.21
CA TRP B 653 9.89 -29.85 1.90
C TRP B 653 9.56 -29.73 3.41
N GLN B 654 9.82 -30.78 4.17
CA GLN B 654 9.53 -30.81 5.63
C GLN B 654 10.34 -31.88 6.35
N LEU B 655 10.72 -31.57 7.59
CA LEU B 655 11.33 -32.58 8.46
C LEU B 655 10.24 -33.18 9.34
N PHE B 656 9.53 -32.33 10.10
CA PHE B 656 8.29 -32.77 10.73
C PHE B 656 7.13 -32.24 9.98
N ASP B 657 6.02 -32.98 10.03
CA ASP B 657 4.72 -32.63 9.43
C ASP B 657 3.85 -31.73 10.34
N ALA B 658 2.71 -31.32 9.79
CA ALA B 658 1.70 -30.45 10.44
C ALA B 658 1.24 -30.94 11.81
N TYR B 659 1.24 -32.24 12.02
CA TYR B 659 0.77 -32.82 13.25
C TYR B 659 1.91 -33.08 14.18
N MET B 660 3.12 -32.70 13.78
CA MET B 660 4.33 -32.93 14.59
C MET B 660 4.77 -34.40 14.54
N ASP B 661 4.34 -35.14 13.52
CA ASP B 661 4.78 -36.52 13.43
C ASP B 661 6.16 -36.54 12.80
N GLN B 662 6.88 -37.65 12.98
CA GLN B 662 8.29 -37.72 12.70
C GLN B 662 8.50 -38.95 11.80
N ASN B 663 9.07 -38.71 10.61
CA ASN B 663 9.12 -39.73 9.55
C ASN B 663 10.58 -40.08 9.25
N GLY B 664 10.85 -40.71 8.09
CA GLY B 664 12.24 -41.01 7.66
C GLY B 664 13.08 -39.77 7.46
N ALA B 665 12.51 -38.72 6.89
CA ALA B 665 13.24 -37.45 6.73
C ALA B 665 13.67 -36.87 8.09
N TYR B 666 12.74 -36.84 9.04
CA TYR B 666 12.97 -36.39 10.40
C TYR B 666 14.12 -37.17 11.02
N TYR B 667 14.02 -38.50 10.97
CA TYR B 667 15.01 -39.34 11.66
C TYR B 667 16.36 -39.31 10.96
N GLY B 668 16.39 -39.14 9.64
CA GLY B 668 17.64 -38.99 8.92
C GLY B 668 18.36 -37.70 9.25
N ALA B 669 17.61 -36.59 9.39
CA ALA B 669 18.24 -35.32 9.85
C ALA B 669 18.74 -35.43 11.29
N LYS B 670 17.91 -36.00 12.18
CA LYS B 670 18.30 -36.24 13.58
C LYS B 670 19.61 -37.09 13.66
N LYS B 671 19.68 -38.17 12.89
CA LYS B 671 20.85 -39.02 12.82
C LYS B 671 22.12 -38.23 12.47
N ALA B 672 22.04 -37.44 11.39
CA ALA B 672 23.18 -36.74 10.83
C ALA B 672 23.70 -35.64 11.74
N ASN B 673 22.82 -35.13 12.58
CA ASN B 673 23.11 -33.99 13.45
C ASN B 673 23.36 -34.34 14.93
N GLU B 674 23.64 -35.62 15.20
CA GLU B 674 24.03 -36.11 16.55
C GLU B 674 25.25 -35.32 17.02
N PRO B 675 25.31 -34.96 18.33
CA PRO B 675 26.44 -34.17 18.88
C PRO B 675 27.83 -34.83 18.75
N LEU B 676 27.85 -36.15 18.77
CA LEU B 676 29.06 -36.91 18.63
C LEU B 676 28.64 -38.05 17.67
N HIS B 677 29.06 -37.95 16.41
CA HIS B 677 28.47 -38.67 15.33
C HIS B 677 29.48 -39.46 14.49
N ILE B 678 29.13 -40.67 14.05
CA ILE B 678 29.96 -41.38 13.07
C ILE B 678 29.19 -41.46 11.72
N GLN B 679 29.86 -41.26 10.59
CA GLN B 679 29.16 -41.22 9.30
C GLN B 679 29.99 -41.81 8.17
N TYR B 680 29.29 -42.24 7.13
CA TYR B 680 29.95 -42.81 5.98
C TYR B 680 29.84 -41.88 4.78
N SER B 681 31.00 -41.48 4.24
CA SER B 681 31.02 -40.67 3.02
C SER B 681 30.60 -41.43 1.76
N HIS B 682 29.47 -41.05 1.17
CA HIS B 682 29.01 -41.69 -0.08
C HIS B 682 29.96 -41.51 -1.26
N ASP B 683 30.83 -40.48 -1.21
CA ASP B 683 31.75 -40.21 -2.31
C ASP B 683 33.00 -41.09 -2.32
N ASN B 684 33.70 -41.12 -1.17
CA ASN B 684 35.03 -41.72 -1.07
C ASN B 684 35.13 -42.87 -0.06
N ARG B 685 34.00 -43.23 0.57
CA ARG B 685 33.89 -44.35 1.55
C ARG B 685 34.71 -44.18 2.82
N SER B 686 35.07 -42.95 3.12
CA SER B 686 35.75 -42.67 4.38
C SER B 686 34.71 -42.71 5.51
N VAL B 687 35.16 -43.18 6.66
CA VAL B 687 34.33 -43.24 7.87
C VAL B 687 34.81 -42.09 8.70
N VAL B 688 33.88 -41.21 9.07
CA VAL B 688 34.23 -39.92 9.63
C VAL B 688 33.48 -39.69 10.95
N VAL B 689 34.19 -39.16 11.93
CA VAL B 689 33.59 -38.81 13.18
C VAL B 689 33.51 -37.29 13.29
N ILE B 690 32.33 -36.80 13.69
CA ILE B 690 32.03 -35.36 13.84
C ILE B 690 31.67 -35.03 15.30
N ASN B 691 32.30 -33.99 15.81
CA ASN B 691 32.08 -33.58 17.19
C ASN B 691 31.44 -32.20 17.10
N GLN B 692 30.14 -32.17 17.36
CA GLN B 692 29.39 -30.91 17.39
C GLN B 692 29.50 -30.17 18.72
N THR B 693 30.00 -30.85 19.75
CA THR B 693 29.99 -30.29 21.12
C THR B 693 31.06 -29.19 21.31
N SER B 694 30.97 -28.46 22.43
CA SER B 694 31.91 -27.37 22.65
C SER B 694 33.22 -27.79 23.31
N ASN B 695 33.39 -29.10 23.55
CA ASN B 695 34.69 -29.64 24.00
C ASN B 695 35.29 -30.73 23.12
N ALA B 696 36.60 -30.65 22.92
CA ALA B 696 37.37 -31.71 22.28
C ALA B 696 37.12 -33.02 23.05
N VAL B 697 37.07 -34.12 22.32
CA VAL B 697 36.86 -35.45 22.91
C VAL B 697 37.99 -36.35 22.44
N SER B 698 38.47 -37.22 23.34
CA SER B 698 39.49 -38.19 23.00
C SER B 698 39.12 -39.61 23.44
N GLY B 699 39.95 -40.60 23.05
CA GLY B 699 39.70 -41.97 23.42
C GLY B 699 38.41 -42.55 22.86
N LEU B 700 38.08 -42.19 21.62
CA LEU B 700 36.89 -42.69 20.95
C LEU B 700 37.27 -43.93 20.17
N THR B 701 36.34 -44.88 20.09
CA THR B 701 36.56 -45.98 19.17
C THR B 701 35.47 -46.10 18.12
N ALA B 702 35.91 -46.18 16.87
CA ALA B 702 35.02 -46.33 15.73
C ALA B 702 35.09 -47.76 15.22
N THR B 703 33.93 -48.40 15.13
CA THR B 703 33.85 -49.75 14.59
C THR B 703 33.03 -49.68 13.30
N THR B 704 33.55 -50.34 12.25
CA THR B 704 32.84 -50.39 10.96
C THR B 704 32.82 -51.79 10.35
N LYS B 705 31.63 -52.17 9.90
CA LYS B 705 31.38 -53.52 9.40
C LYS B 705 30.52 -53.46 8.15
N LEU B 706 30.87 -54.28 7.15
CA LEU B 706 30.01 -54.49 5.98
C LEU B 706 29.33 -55.84 6.09
N TYR B 707 28.02 -55.88 5.83
CA TYR B 707 27.28 -57.13 5.74
C TYR B 707 26.56 -57.29 4.40
N ASN B 708 26.49 -58.53 3.91
CA ASN B 708 25.59 -58.88 2.83
C ASN B 708 24.20 -59.01 3.42
N LEU B 709 23.19 -59.05 2.56
CA LEU B 709 21.78 -59.08 3.00
C LEU B 709 21.35 -60.44 3.58
N ASP B 710 22.19 -61.46 3.34
CA ASP B 710 21.99 -62.76 3.98
C ASP B 710 22.60 -62.83 5.42
N GLY B 711 23.32 -61.77 5.81
CA GLY B 711 23.87 -61.61 7.16
C GLY B 711 25.36 -61.90 7.27
N THR B 712 25.99 -62.25 6.15
CA THR B 712 27.41 -62.59 6.12
C THR B 712 28.22 -61.31 6.28
N GLU B 713 29.15 -61.32 7.24
CA GLU B 713 30.02 -60.20 7.49
C GLU B 713 31.10 -60.26 6.41
N LYS B 714 31.38 -59.11 5.80
CA LYS B 714 32.30 -59.05 4.67
C LYS B 714 33.51 -58.16 4.92
N TYR B 715 33.41 -57.29 5.93
CA TYR B 715 34.47 -56.35 6.28
C TYR B 715 34.33 -55.90 7.73
N SER B 716 35.48 -55.71 8.37
CA SER B 716 35.53 -55.24 9.74
C SER B 716 36.78 -54.38 9.91
N ASN B 717 36.59 -53.26 10.60
CA ASN B 717 37.68 -52.43 11.06
C ASN B 717 37.30 -51.93 12.44
N THR B 718 38.30 -51.88 13.32
CA THR B 718 38.17 -51.23 14.61
C THR B 718 39.27 -50.18 14.76
N LYS B 719 38.87 -48.94 15.04
CA LYS B 719 39.82 -47.85 15.16
C LYS B 719 39.72 -47.24 16.55
N THR B 720 40.80 -47.36 17.33
CA THR B 720 40.80 -46.91 18.71
C THR B 720 41.55 -45.60 18.82
N GLY B 721 41.36 -44.92 19.95
CA GLY B 721 42.16 -43.76 20.29
C GLY B 721 41.91 -42.56 19.40
N LEU B 722 40.69 -42.42 18.90
CA LEU B 722 40.35 -41.27 18.07
C LEU B 722 40.06 -40.05 18.94
N SER B 723 40.64 -38.92 18.57
CA SER B 723 40.24 -37.65 19.19
C SER B 723 39.77 -36.63 18.13
N VAL B 724 38.83 -35.78 18.52
CA VAL B 724 38.24 -34.84 17.58
C VAL B 724 37.93 -33.50 18.25
N GLY B 725 38.34 -32.42 17.57
CA GLY B 725 38.21 -31.07 18.09
C GLY B 725 36.75 -30.68 18.26
N ALA B 726 36.51 -29.58 18.98
CA ALA B 726 35.15 -29.05 19.27
C ALA B 726 34.47 -28.39 18.07
N LEU B 727 33.14 -28.32 18.15
CA LEU B 727 32.34 -27.41 17.32
C LEU B 727 32.35 -27.68 15.83
N GLY B 728 32.24 -28.95 15.45
CA GLY B 728 32.15 -29.30 14.05
C GLY B 728 33.40 -29.90 13.41
N ALA B 729 34.49 -30.02 14.17
CA ALA B 729 35.70 -30.69 13.66
C ALA B 729 35.47 -32.19 13.44
N LYS B 730 36.37 -32.83 12.70
CA LYS B 730 36.14 -34.22 12.27
C LYS B 730 37.42 -35.06 12.43
N ALA B 731 37.26 -36.37 12.35
CA ALA B 731 38.41 -37.24 12.19
C ALA B 731 37.99 -38.40 11.36
N THR B 732 38.88 -38.85 10.48
CA THR B 732 38.73 -40.08 9.70
C THR B 732 39.13 -41.32 10.50
N ALA B 733 38.21 -42.26 10.66
CA ALA B 733 38.47 -43.55 11.33
C ALA B 733 39.15 -44.57 10.37
N VAL B 734 38.55 -44.79 9.21
CA VAL B 734 39.12 -45.65 8.17
C VAL B 734 38.51 -45.25 6.82
N THR B 735 39.18 -45.61 5.72
CA THR B 735 38.55 -45.60 4.38
C THR B 735 38.28 -47.06 4.00
N VAL B 736 37.00 -47.39 3.86
CA VAL B 736 36.59 -48.73 3.52
C VAL B 736 37.16 -49.02 2.13
N PRO B 737 38.01 -50.05 2.02
CA PRO B 737 38.50 -50.42 0.70
C PRO B 737 37.39 -51.14 -0.11
N ALA B 738 37.68 -51.37 -1.39
CA ALA B 738 36.82 -52.18 -2.24
C ALA B 738 36.87 -53.63 -1.71
N VAL B 739 35.69 -54.22 -1.48
CA VAL B 739 35.57 -55.48 -0.76
C VAL B 739 34.92 -56.42 -1.76
N SER B 740 35.50 -57.60 -1.98
CA SER B 740 34.91 -58.61 -2.86
C SER B 740 33.71 -59.34 -2.26
N GLY B 741 32.79 -59.79 -3.12
CA GLY B 741 31.68 -60.64 -2.68
C GLY B 741 30.46 -59.94 -2.08
N LEU B 742 30.41 -58.61 -2.15
CA LEU B 742 29.23 -57.88 -1.69
C LEU B 742 27.97 -58.17 -2.53
N SER B 743 26.87 -58.46 -1.84
CA SER B 743 25.57 -58.48 -2.47
C SER B 743 25.31 -57.10 -3.05
N THR B 744 24.53 -57.05 -4.13
CA THR B 744 24.23 -55.79 -4.84
C THR B 744 23.75 -54.63 -3.95
N THR B 745 22.76 -54.90 -3.10
CA THR B 745 22.45 -54.04 -1.96
C THR B 745 23.13 -54.70 -0.77
N TYR B 746 23.87 -53.91 0.00
CA TYR B 746 24.50 -54.41 1.21
C TYR B 746 24.37 -53.34 2.33
N LEU B 747 24.80 -53.69 3.55
CA LEU B 747 24.71 -52.79 4.72
C LEU B 747 26.10 -52.38 5.20
N ALA B 748 26.22 -51.14 5.65
CA ALA B 748 27.40 -50.65 6.39
C ALA B 748 26.93 -50.31 7.81
N LYS B 749 27.56 -50.92 8.82
CA LYS B 749 27.23 -50.64 10.22
C LYS B 749 28.40 -49.88 10.91
N ASN B 750 28.12 -48.65 11.34
CA ASN B 750 29.06 -47.74 11.97
C ASN B 750 28.66 -47.56 13.44
N VAL B 751 29.58 -47.82 14.36
CA VAL B 751 29.29 -47.58 15.76
C VAL B 751 30.47 -46.81 16.39
N LEU B 752 30.14 -45.72 17.09
CA LEU B 752 31.11 -44.93 17.83
C LEU B 752 30.91 -45.16 19.32
N THR B 753 31.97 -45.46 20.05
CA THR B 753 31.85 -45.58 21.50
C THR B 753 32.85 -44.65 22.18
N ASP B 754 32.45 -44.04 23.30
CA ASP B 754 33.40 -43.19 24.07
C ASP B 754 34.38 -43.97 24.95
N SER B 755 35.27 -43.22 25.61
CA SER B 755 36.37 -43.80 26.42
C SER B 755 35.86 -44.65 27.57
N SER B 756 34.62 -44.38 28.00
CA SER B 756 33.99 -45.11 29.08
C SER B 756 33.21 -46.33 28.59
N GLY B 757 33.21 -46.57 27.28
CA GLY B 757 32.60 -47.77 26.72
C GLY B 757 31.14 -47.60 26.36
N LYS B 758 30.66 -46.35 26.39
CA LYS B 758 29.26 -46.07 26.08
C LYS B 758 29.11 -45.89 24.57
N GLU B 759 28.03 -46.40 24.00
CA GLU B 759 27.80 -46.28 22.60
C GLU B 759 27.18 -44.90 22.34
N VAL B 760 27.92 -44.00 21.72
CA VAL B 760 27.37 -42.63 21.47
C VAL B 760 26.68 -42.39 20.07
N SER B 761 26.98 -43.22 19.09
CA SER B 761 26.42 -43.10 17.73
C SER B 761 26.42 -44.46 17.04
N ARG B 762 25.24 -44.85 16.58
CA ARG B 762 25.02 -45.97 15.66
C ARG B 762 24.45 -45.38 14.38
N ASN B 763 25.03 -45.79 13.26
CA ASN B 763 24.63 -45.29 11.95
C ASN B 763 24.73 -46.41 10.92
N VAL B 764 23.61 -46.78 10.32
CA VAL B 764 23.56 -47.91 9.37
C VAL B 764 23.14 -47.41 7.98
N TYR B 765 23.90 -47.78 6.96
CA TYR B 765 23.72 -47.38 5.55
C TYR B 765 23.36 -48.61 4.70
N TRP B 766 22.32 -48.48 3.91
CA TRP B 766 21.95 -49.48 2.88
C TRP B 766 22.57 -48.97 1.58
N LEU B 767 23.54 -49.73 1.07
CA LEU B 767 24.42 -49.30 0.01
C LEU B 767 24.33 -50.27 -1.21
N SER B 768 24.84 -49.83 -2.36
CA SER B 768 24.79 -50.62 -3.59
C SER B 768 26.19 -50.77 -4.13
N THR B 769 26.44 -51.93 -4.75
CA THR B 769 27.67 -52.07 -5.54
C THR B 769 27.56 -51.28 -6.88
N LYS B 770 26.34 -50.89 -7.23
CA LYS B 770 26.10 -50.05 -8.39
C LYS B 770 25.86 -48.58 -7.94
N ALA B 771 26.60 -47.63 -8.47
CA ALA B 771 26.59 -46.28 -7.96
C ALA B 771 25.51 -45.42 -8.62
N ASP B 772 24.96 -44.46 -7.86
CA ASP B 772 24.20 -43.33 -8.42
C ASP B 772 25.28 -42.47 -9.08
N THR B 773 25.06 -42.00 -10.32
CA THR B 773 25.96 -40.99 -10.90
C THR B 773 25.11 -39.86 -11.52
N LEU B 774 25.70 -38.68 -11.67
CA LEU B 774 24.92 -37.52 -12.18
C LEU B 774 25.14 -37.15 -13.63
N ASN B 775 24.04 -36.87 -14.31
CA ASN B 775 24.05 -36.17 -15.59
C ASN B 775 24.01 -34.64 -15.37
N TRP B 776 25.19 -34.09 -15.08
CA TRP B 776 25.31 -32.67 -14.76
C TRP B 776 24.73 -31.78 -15.87
N GLY B 777 25.11 -32.07 -17.13
CA GLY B 777 24.70 -31.29 -18.31
C GLY B 777 23.19 -31.20 -18.47
N GLY B 778 22.48 -32.19 -17.97
CA GLY B 778 21.02 -32.18 -18.06
C GLY B 778 20.35 -31.37 -16.94
N SER B 779 21.15 -30.68 -16.13
CA SER B 779 20.64 -30.00 -14.92
C SER B 779 19.67 -28.87 -15.24
N ASP B 780 18.73 -28.67 -14.34
CA ASP B 780 17.87 -27.51 -14.32
C ASP B 780 18.14 -26.75 -13.03
N TRP B 781 17.47 -25.62 -12.83
CA TRP B 781 17.65 -24.80 -11.62
C TRP B 781 17.27 -25.53 -10.30
N TYR B 782 16.46 -26.58 -10.43
CA TYR B 782 15.88 -27.25 -9.25
C TYR B 782 16.29 -28.73 -9.01
N TYR B 783 17.04 -29.33 -9.92
CA TYR B 783 17.46 -30.73 -9.80
C TYR B 783 18.54 -31.08 -10.82
N THR B 784 19.24 -32.18 -10.53
CA THR B 784 20.18 -32.73 -11.51
C THR B 784 19.74 -34.15 -11.83
N PRO B 785 19.55 -34.44 -13.13
CA PRO B 785 19.09 -35.81 -13.52
C PRO B 785 20.20 -36.85 -13.33
N GLN B 786 19.87 -38.15 -13.28
CA GLN B 786 20.92 -39.16 -13.04
C GLN B 786 21.33 -39.85 -14.34
N SER B 787 22.65 -40.09 -14.49
CA SER B 787 23.13 -40.90 -15.59
C SER B 787 23.17 -42.41 -15.23
N ALA B 788 23.10 -42.75 -13.94
CA ALA B 788 22.86 -44.11 -13.47
C ALA B 788 22.25 -44.10 -12.06
N PHE B 789 21.58 -45.19 -11.73
CA PHE B 789 20.88 -45.34 -10.47
C PHE B 789 21.43 -46.50 -9.66
N ALA B 790 21.71 -46.22 -8.39
CA ALA B 790 22.04 -47.23 -7.42
C ALA B 790 20.99 -48.32 -7.39
N ASP B 791 21.43 -49.55 -7.08
CA ASP B 791 20.53 -50.69 -6.93
C ASP B 791 20.36 -51.17 -5.45
N LEU B 792 19.27 -50.69 -4.85
CA LEU B 792 18.94 -50.93 -3.44
C LEU B 792 17.71 -51.82 -3.31
N SER B 793 17.29 -52.45 -4.41
CA SER B 793 16.10 -53.34 -4.39
C SER B 793 16.29 -54.66 -3.64
N GLY B 794 17.55 -54.99 -3.32
CA GLY B 794 17.85 -56.14 -2.45
C GLY B 794 17.04 -56.11 -1.16
N LEU B 795 16.81 -54.91 -0.62
CA LEU B 795 15.97 -54.74 0.58
C LEU B 795 14.57 -55.36 0.50
N ASN B 796 13.95 -55.43 -0.68
CA ASN B 796 12.65 -56.12 -0.83
C ASN B 796 12.72 -57.60 -0.39
N ASN B 797 13.90 -58.19 -0.58
CA ASN B 797 14.12 -59.62 -0.30
C ASN B 797 14.86 -59.91 1.02
N LEU B 798 15.13 -58.86 1.82
CA LEU B 798 15.76 -59.05 3.14
C LEU B 798 14.91 -60.01 3.99
N GLY B 799 15.54 -61.07 4.47
CA GLY B 799 14.82 -62.09 5.23
C GLY B 799 14.31 -61.51 6.52
N GLN B 800 13.26 -62.12 7.06
CA GLN B 800 12.67 -61.63 8.31
C GLN B 800 13.63 -61.83 9.50
N SER B 801 13.54 -60.91 10.46
CA SER B 801 14.19 -61.03 11.75
C SER B 801 13.14 -60.86 12.86
N ALA B 802 13.57 -60.57 14.09
CA ALA B 802 12.64 -60.33 15.20
C ALA B 802 13.24 -59.35 16.23
N VAL B 803 12.35 -58.62 16.90
CA VAL B 803 12.64 -57.72 18.03
C VAL B 803 11.46 -58.04 19.01
N GLY B 804 11.57 -58.24 20.33
CA GLY B 804 12.56 -57.78 21.23
C GLY B 804 12.14 -56.52 21.99
N ALA B 805 10.90 -56.40 22.47
CA ALA B 805 10.48 -55.14 23.15
C ALA B 805 9.93 -55.16 24.58
N THR B 806 10.48 -54.28 25.42
CA THR B 806 9.97 -54.01 26.78
C THR B 806 9.84 -52.50 26.99
N ALA B 807 8.67 -52.04 27.45
CA ALA B 807 8.43 -50.60 27.68
C ALA B 807 7.78 -50.33 29.05
N ASN B 808 8.12 -49.18 29.64
CA ASN B 808 7.53 -48.70 30.90
C ASN B 808 7.56 -47.17 30.89
N SER B 809 6.69 -46.54 31.69
CA SER B 809 6.55 -45.08 31.73
C SER B 809 6.56 -44.52 33.14
N VAL B 810 7.11 -43.32 33.29
CA VAL B 810 7.07 -42.54 34.54
C VAL B 810 6.39 -41.20 34.25
N ALA B 811 5.29 -40.89 34.94
CA ALA B 811 4.62 -39.60 34.89
C ALA B 811 5.29 -38.64 35.85
N GLY B 812 5.93 -37.60 35.34
CA GLY B 812 6.61 -36.61 36.18
C GLY B 812 5.74 -35.50 36.77
N ALA B 813 6.29 -34.86 37.81
CA ALA B 813 5.61 -33.79 38.56
C ALA B 813 5.44 -32.52 37.74
N ASP B 814 6.24 -32.41 36.69
CA ASP B 814 6.18 -31.30 35.72
C ASP B 814 5.19 -31.46 34.54
N GLY B 815 4.36 -32.52 34.57
CA GLY B 815 3.38 -32.73 33.51
C GLY B 815 3.94 -33.40 32.26
N THR B 816 5.15 -33.95 32.37
CA THR B 816 5.67 -34.80 31.29
C THR B 816 5.69 -36.28 31.67
N THR B 817 5.64 -37.13 30.65
CA THR B 817 5.86 -38.55 30.86
C THR B 817 7.12 -38.98 30.08
N THR B 818 7.92 -39.84 30.71
CA THR B 818 9.01 -40.47 30.05
C THR B 818 8.75 -41.99 29.92
N THR B 819 8.77 -42.45 28.68
CA THR B 819 8.58 -43.86 28.32
C THR B 819 9.95 -44.36 27.88
N THR B 820 10.43 -45.41 28.56
CA THR B 820 11.71 -46.04 28.31
C THR B 820 11.37 -47.38 27.63
N VAL B 821 11.97 -47.63 26.46
CA VAL B 821 11.70 -48.84 25.71
C VAL B 821 13.00 -49.56 25.44
N THR B 822 13.04 -50.84 25.81
CA THR B 822 14.20 -51.67 25.52
C THR B 822 13.97 -52.56 24.32
N LEU B 823 14.85 -52.45 23.34
CA LEU B 823 14.76 -53.27 22.16
C LEU B 823 15.94 -54.22 22.04
N LYS B 824 15.64 -55.47 21.70
CA LYS B 824 16.65 -56.53 21.61
C LYS B 824 16.38 -57.33 20.35
N ASN B 825 17.42 -57.62 19.57
CA ASN B 825 17.27 -58.57 18.46
C ASN B 825 17.14 -60.00 19.03
N THR B 826 15.92 -60.56 18.91
CA THR B 826 15.59 -61.88 19.46
C THR B 826 15.61 -63.04 18.43
N SER B 827 16.16 -62.76 17.24
CA SER B 827 16.31 -63.76 16.20
C SER B 827 17.49 -64.73 16.48
N GLY B 828 17.25 -66.02 16.23
CA GLY B 828 18.30 -67.02 16.33
C GLY B 828 19.20 -67.12 15.11
N GLY B 829 19.13 -66.14 14.21
CA GLY B 829 19.85 -66.18 12.94
C GLY B 829 21.02 -65.21 12.81
N ARG B 830 21.27 -64.78 11.59
CA ARG B 830 22.34 -63.82 11.33
C ARG B 830 21.80 -62.49 10.82
N LEU B 831 20.48 -62.35 10.79
CA LEU B 831 19.83 -61.18 10.20
C LEU B 831 19.63 -59.99 11.17
N PRO B 832 20.08 -58.80 10.76
CA PRO B 832 19.75 -57.56 11.52
C PRO B 832 18.25 -57.29 11.53
N ALA B 833 17.73 -56.82 12.67
CA ALA B 833 16.41 -56.19 12.72
C ALA B 833 16.69 -54.76 12.22
N PHE B 834 16.24 -54.52 10.99
CA PHE B 834 16.57 -53.34 10.21
C PHE B 834 15.46 -52.27 10.23
N TYR B 835 15.83 -51.05 10.59
CA TYR B 835 14.96 -49.88 10.51
C TYR B 835 13.71 -50.03 11.40
N VAL B 836 13.94 -50.12 12.71
CA VAL B 836 12.89 -50.34 13.69
C VAL B 836 12.42 -49.00 14.29
N ASP B 837 11.15 -48.69 14.06
CA ASP B 837 10.54 -47.41 14.39
C ASP B 837 9.57 -47.69 15.55
N SER B 838 9.75 -46.95 16.65
CA SER B 838 8.92 -47.06 17.85
C SER B 838 8.10 -45.79 17.94
N LYS B 839 6.81 -45.95 18.24
CA LYS B 839 5.93 -44.80 18.36
C LYS B 839 5.18 -44.89 19.68
N VAL B 840 5.16 -43.81 20.45
CA VAL B 840 4.25 -43.73 21.59
C VAL B 840 2.82 -43.60 21.03
N VAL B 841 1.94 -44.53 21.42
CA VAL B 841 0.55 -44.50 20.98
C VAL B 841 -0.34 -44.61 22.19
N ASP B 842 -1.59 -44.19 22.03
CA ASP B 842 -2.64 -44.39 23.02
C ASP B 842 -3.28 -45.79 22.81
N SER B 843 -4.35 -46.08 23.56
CA SER B 843 -5.01 -47.38 23.53
C SER B 843 -5.72 -47.67 22.19
N ALA B 844 -5.91 -46.62 21.39
CA ALA B 844 -6.52 -46.73 20.05
C ALA B 844 -5.46 -46.86 18.93
N GLY B 845 -4.17 -46.81 19.29
CA GLY B 845 -3.06 -46.92 18.33
C GLY B 845 -2.69 -45.63 17.59
N LYS B 846 -3.31 -44.52 18.01
CA LYS B 846 -3.02 -43.19 17.48
C LYS B 846 -1.72 -42.62 18.12
N PRO B 847 -0.77 -42.15 17.29
CA PRO B 847 0.47 -41.55 17.86
C PRO B 847 0.26 -40.42 18.88
N VAL B 848 1.05 -40.43 19.95
CA VAL B 848 0.99 -39.35 20.91
C VAL B 848 2.02 -38.31 20.50
N LEU B 849 1.54 -37.09 20.21
CA LEU B 849 2.33 -36.01 19.60
C LEU B 849 2.03 -34.68 20.28
N PRO B 850 3.05 -33.81 20.42
CA PRO B 850 4.43 -34.02 19.97
C PRO B 850 5.20 -34.94 20.91
N VAL B 851 6.36 -35.40 20.45
CA VAL B 851 7.17 -36.40 21.15
C VAL B 851 8.66 -36.20 20.87
N GLU B 852 9.50 -36.52 21.84
CA GLU B 852 10.93 -36.38 21.64
C GLU B 852 11.63 -37.62 22.09
N TRP B 853 12.22 -38.31 21.13
CA TRP B 853 13.09 -39.46 21.39
C TRP B 853 14.57 -39.03 21.45
N ASN B 854 15.36 -39.73 22.26
CA ASN B 854 16.84 -39.63 22.21
C ASN B 854 17.35 -40.19 20.87
N ASP B 855 16.70 -41.25 20.40
CA ASP B 855 17.02 -41.93 19.15
C ASP B 855 15.85 -42.81 18.71
N ASN B 856 15.82 -43.16 17.44
CA ASN B 856 14.76 -43.95 16.84
C ASN B 856 15.21 -44.47 15.48
N ALA B 857 14.36 -45.24 14.83
CA ALA B 857 14.62 -45.89 13.53
C ALA B 857 15.93 -46.62 13.55
N VAL B 858 16.05 -47.48 14.55
CA VAL B 858 17.29 -48.21 14.87
C VAL B 858 17.37 -49.56 14.11
N SER B 859 18.61 -50.07 14.02
CA SER B 859 18.89 -51.35 13.44
C SER B 859 19.78 -52.10 14.42
N LEU B 860 19.40 -53.35 14.73
CA LEU B 860 20.08 -54.17 15.77
C LEU B 860 20.49 -55.53 15.20
N TRP B 861 21.76 -55.90 15.39
CA TRP B 861 22.22 -57.21 15.00
C TRP B 861 21.90 -58.25 16.07
N PRO B 862 22.00 -59.59 15.76
CA PRO B 862 21.68 -60.58 16.79
C PRO B 862 22.63 -60.39 17.96
N GLY B 863 22.11 -60.45 19.18
CA GLY B 863 22.92 -60.17 20.40
C GLY B 863 22.93 -58.71 20.89
N GLU B 864 22.36 -57.81 20.08
CA GLU B 864 22.35 -56.38 20.40
C GLU B 864 21.02 -55.89 20.97
N THR B 865 21.17 -54.86 21.80
CA THR B 865 20.09 -54.29 22.63
C THR B 865 20.30 -52.79 22.52
N THR B 866 19.21 -52.04 22.64
CA THR B 866 19.24 -50.61 22.77
C THR B 866 18.07 -50.18 23.64
N THR B 867 18.29 -49.12 24.41
CA THR B 867 17.27 -48.55 25.26
C THR B 867 16.93 -47.15 24.76
N LEU B 868 15.65 -46.95 24.45
CA LEU B 868 15.18 -45.69 23.90
C LEU B 868 14.35 -44.92 24.91
N THR B 869 14.38 -43.60 24.80
CA THR B 869 13.68 -42.72 25.72
C THR B 869 12.82 -41.73 24.95
N ALA B 870 11.50 -41.73 25.20
CA ALA B 870 10.52 -40.77 24.64
C ALA B 870 10.00 -39.85 25.73
N LYS B 871 9.98 -38.54 25.46
CA LYS B 871 9.41 -37.55 26.36
C LYS B 871 8.25 -36.79 25.69
N TYR B 872 7.16 -36.66 26.44
CA TYR B 872 6.00 -35.95 25.95
C TYR B 872 5.16 -35.46 27.13
N ARG B 873 4.18 -34.61 26.84
CA ARG B 873 3.26 -34.15 27.87
C ARG B 873 2.24 -35.23 28.19
N THR B 874 2.11 -35.52 29.49
CA THR B 874 1.11 -36.47 30.00
C THR B 874 -0.27 -36.21 29.42
N ALA B 875 -0.67 -34.93 29.40
CA ALA B 875 -2.03 -34.54 28.97
C ALA B 875 -2.35 -34.95 27.55
N ASP B 876 -1.30 -35.07 26.72
CA ASP B 876 -1.44 -35.46 25.31
C ASP B 876 -1.78 -36.96 25.10
N LEU B 877 -1.74 -37.72 26.19
CA LEU B 877 -2.30 -39.08 26.27
C LEU B 877 -3.85 -39.01 26.33
N LYS B 878 -4.38 -37.86 26.74
CA LYS B 878 -5.83 -37.62 26.78
C LYS B 878 -6.55 -38.70 27.59
N GLY B 879 -5.99 -39.08 28.74
CA GLY B 879 -6.60 -40.06 29.61
C GLY B 879 -6.13 -41.49 29.42
N SER B 880 -5.58 -41.79 28.23
CA SER B 880 -5.12 -43.13 27.88
C SER B 880 -3.83 -43.56 28.59
N LYS B 881 -3.70 -44.86 28.82
CA LYS B 881 -2.41 -45.43 29.16
C LYS B 881 -1.53 -45.38 27.91
N PRO B 882 -0.21 -45.17 28.11
CA PRO B 882 0.72 -45.26 26.99
C PRO B 882 1.01 -46.71 26.57
N SER B 883 1.00 -46.95 25.26
CA SER B 883 1.64 -48.12 24.65
C SER B 883 2.72 -47.69 23.63
N VAL B 884 3.50 -48.66 23.16
CA VAL B 884 4.56 -48.42 22.17
C VAL B 884 4.36 -49.32 20.93
N ARG B 885 4.05 -48.72 19.79
CA ARG B 885 4.01 -49.43 18.51
C ARG B 885 5.41 -49.51 17.89
N ILE B 886 5.86 -50.74 17.63
CA ILE B 886 7.19 -51.05 17.07
C ILE B 886 7.07 -51.75 15.72
N SER B 887 7.51 -51.07 14.66
CA SER B 887 7.43 -51.56 13.30
C SER B 887 8.82 -51.59 12.69
N GLY B 888 9.22 -52.74 12.14
CA GLY B 888 10.51 -52.80 11.49
C GLY B 888 10.36 -53.18 10.03
N TRP B 889 11.30 -52.78 9.21
CA TRP B 889 11.27 -53.17 7.81
C TRP B 889 11.08 -54.69 7.66
N ASN B 890 11.85 -55.47 8.41
CA ASN B 890 11.82 -56.96 8.39
C ASN B 890 11.43 -57.59 9.73
N THR B 891 10.72 -56.86 10.56
CA THR B 891 10.31 -57.42 11.85
C THR B 891 8.79 -57.33 12.07
N GLY B 892 8.07 -56.84 11.07
CA GLY B 892 6.62 -56.67 11.24
C GLY B 892 6.26 -55.53 12.19
N THR B 893 5.08 -55.65 12.83
CA THR B 893 4.55 -54.63 13.74
C THR B 893 3.99 -55.34 14.95
N GLN B 894 4.40 -54.88 16.14
CA GLN B 894 3.86 -55.30 17.44
C GLN B 894 3.59 -54.03 18.27
N THR B 895 2.55 -54.04 19.08
CA THR B 895 2.43 -53.01 20.09
C THR B 895 2.54 -53.63 21.48
N VAL B 896 3.31 -52.98 22.33
CA VAL B 896 3.52 -53.43 23.71
C VAL B 896 2.97 -52.37 24.68
N PRO B 897 2.48 -52.80 25.87
CA PRO B 897 2.04 -51.80 26.85
C PRO B 897 3.24 -51.08 27.46
N ALA B 898 3.05 -49.85 27.95
CA ALA B 898 4.15 -49.06 28.51
C ALA B 898 3.85 -48.56 29.92
N ASP B 899 3.22 -49.21 30.77
#